data_1FC0
#
_entry.id   1FC0
#
_cell.length_a   124.000
_cell.length_b   124.000
_cell.length_c   122.280
_cell.angle_alpha   90.00
_cell.angle_beta   90.00
_cell.angle_gamma   120.00
#
_symmetry.space_group_name_H-M   'P 31'
#
loop_
_entity.id
_entity.type
_entity.pdbx_description
1 polymer 'GLYCOGEN PHOSPHORYLASE, LIVER FORM'
2 non-polymer N-acetyl-beta-D-glucopyranosylamine
3 non-polymer "PYRIDOXAL-5'-PHOSPHATE"
4 water water
#
_entity_poly.entity_id   1
_entity_poly.type   'polypeptide(L)'
_entity_poly.pdbx_seq_one_letter_code
;AKPLTDQEKRRQISIRGIVGVENVAELKKSFNRHLHFTLVKDRNVATTRDYYFALAHTVRDHLVGRWIRTQQHYYDKCPK
RVYYLSLEFYMGRTLQNTMINLGLQNACDEAIYQLGLDIEELEEIEEDAGLGNGGLGRLAACFLDSMATLGLAAYGYGIR
YEYGIFNQKIRDGWQVEEADDWLRYGNPWEKSRPEFMLPVHFYGKVEHTNTGTKWIDTQVVLALPYDTPVPGYMNNTVNT
MRLWSARAPNDFNLRDFNVGDYIQAVLDRNLAENISRVLYPNDNFFEGKELRLKQEYFVVAATLQDIIRRFKASKFGSTR
GAGTVFDAFPDQVAIQLNDTHPALAIPELMRIFVDIEKLPWSKAWELTQKTFAYTNHTVLPEALERWPVDLVEKLLPRHL
EIIYEINQKHLDRIVALFPKDVDRLRRMSLIEEEGSKRINMAHLCIVGSHAVNGVAKIHSDIVKTKVFKDFSELEPDKFQ
NKTNGITPRRWLLLCNPGLAELIAEKIGEDYVKDLSQLTKLHSFLGDDVFLRELAKVKQENKLKFSQFLETEYKVKINPS
SMFDVQVKRIHEYKRQLLNCLHVITMYNRIKKDPKKLFVPRTVIIGGKAAPGYHMAKMIIKLITSVADVVNNDPMVGSKL
KVIFLENYRVSLAEKVIPATDLSEQISTAGTEASGTGNMKFMLNGALTIGTMDGANVEMAEEAGEENLFIFGMRIDDVAA
LDKKGYEAKEYYEALPELKLVIDQIDNGFFSPKQPDLFKDIINMLFYHDRFKVFADYEAYVKCQDKVSQLYMNPKAWNTM
VLKNIAASGKFSSDRTIKEYAQNIWNVEPSDLKISLSNESNKVNGN
;
_entity_poly.pdbx_strand_id   A,B
#
# COMPACT_ATOMS: atom_id res chain seq x y z
N ASN A 23 -20.05 23.80 -17.58
CA ASN A 23 -21.00 23.30 -18.61
C ASN A 23 -20.65 21.88 -19.05
N VAL A 24 -21.53 21.28 -19.84
CA VAL A 24 -21.31 19.92 -20.32
C VAL A 24 -20.04 19.80 -21.14
N ALA A 25 -19.89 20.67 -22.13
CA ALA A 25 -18.73 20.66 -23.00
C ALA A 25 -17.41 20.59 -22.24
N GLU A 26 -17.25 21.40 -21.21
CA GLU A 26 -16.02 21.43 -20.44
C GLU A 26 -15.81 20.19 -19.56
N LEU A 27 -16.90 19.68 -18.97
CA LEU A 27 -16.80 18.49 -18.13
C LEU A 27 -16.33 17.29 -18.98
N LYS A 28 -16.79 17.24 -20.22
CA LYS A 28 -16.40 16.18 -21.15
C LYS A 28 -14.92 16.31 -21.51
N LYS A 29 -14.46 17.56 -21.61
CA LYS A 29 -13.07 17.83 -21.94
C LYS A 29 -12.20 17.32 -20.81
N SER A 30 -12.59 17.67 -19.58
CA SER A 30 -11.85 17.26 -18.39
C SER A 30 -11.81 15.74 -18.23
N PHE A 31 -12.98 15.13 -18.42
CA PHE A 31 -13.10 13.70 -18.31
C PHE A 31 -12.17 12.99 -19.28
N ASN A 32 -12.16 13.46 -20.52
CA ASN A 32 -11.33 12.90 -21.57
C ASN A 32 -9.86 13.17 -21.34
N ARG A 33 -9.57 14.26 -20.63
CA ARG A 33 -8.18 14.62 -20.34
C ARG A 33 -7.64 13.68 -19.27
N HIS A 34 -8.44 13.44 -18.24
CA HIS A 34 -8.05 12.55 -17.15
C HIS A 34 -7.92 11.12 -17.64
N LEU A 35 -8.86 10.70 -18.48
CA LEU A 35 -8.81 9.35 -19.01
C LEU A 35 -7.50 9.17 -19.74
N HIS A 36 -7.12 10.22 -20.47
CA HIS A 36 -5.88 10.22 -21.25
C HIS A 36 -4.59 10.33 -20.40
N PHE A 37 -4.47 11.44 -19.66
CA PHE A 37 -3.28 11.69 -18.84
C PHE A 37 -3.23 11.05 -17.46
N THR A 38 -4.38 10.90 -16.79
CA THR A 38 -4.42 10.31 -15.46
C THR A 38 -4.50 8.78 -15.52
N LEU A 39 -5.35 8.25 -16.39
CA LEU A 39 -5.50 6.82 -16.52
C LEU A 39 -4.58 6.27 -17.61
N VAL A 40 -4.08 7.15 -18.47
CA VAL A 40 -3.20 6.72 -19.55
C VAL A 40 -3.91 5.62 -20.34
N LYS A 41 -5.11 5.93 -20.81
CA LYS A 41 -5.91 4.98 -21.57
C LYS A 41 -6.63 5.60 -22.76
N ASP A 42 -6.94 4.74 -23.74
CA ASP A 42 -7.65 5.13 -24.94
C ASP A 42 -9.07 4.63 -24.80
N ARG A 43 -10.02 5.29 -25.43
CA ARG A 43 -11.41 4.87 -25.35
C ARG A 43 -11.61 3.42 -25.80
N ASN A 44 -10.70 2.92 -26.64
CA ASN A 44 -10.83 1.55 -27.13
C ASN A 44 -10.28 0.48 -26.19
N VAL A 45 -9.66 0.88 -25.10
CA VAL A 45 -9.12 -0.10 -24.16
C VAL A 45 -9.40 0.30 -22.72
N ALA A 46 -10.18 1.37 -22.54
CA ALA A 46 -10.51 1.83 -21.20
C ALA A 46 -11.50 0.84 -20.62
N THR A 47 -11.55 0.77 -19.29
CA THR A 47 -12.47 -0.14 -18.62
C THR A 47 -13.47 0.73 -17.87
N THR A 48 -14.50 0.13 -17.31
CA THR A 48 -15.49 0.90 -16.57
C THR A 48 -14.85 1.58 -15.37
N ARG A 49 -13.92 0.88 -14.73
CA ARG A 49 -13.22 1.42 -13.57
C ARG A 49 -12.36 2.59 -14.03
N ASP A 50 -11.86 2.48 -15.25
CA ASP A 50 -11.07 3.55 -15.85
C ASP A 50 -11.94 4.80 -15.96
N TYR A 51 -13.18 4.63 -16.44
CA TYR A 51 -14.12 5.75 -16.59
C TYR A 51 -14.54 6.30 -15.24
N TYR A 52 -14.82 5.41 -14.29
CA TYR A 52 -15.23 5.87 -12.97
C TYR A 52 -14.15 6.77 -12.39
N PHE A 53 -12.92 6.30 -12.46
CA PHE A 53 -11.80 7.07 -11.93
C PHE A 53 -11.65 8.40 -12.66
N ALA A 54 -11.83 8.39 -13.98
CA ALA A 54 -11.73 9.61 -14.77
C ALA A 54 -12.77 10.62 -14.31
N LEU A 55 -14.00 10.16 -14.13
CA LEU A 55 -15.07 11.05 -13.70
C LEU A 55 -14.82 11.54 -12.28
N ALA A 56 -14.33 10.65 -11.42
CA ALA A 56 -14.06 11.01 -10.04
C ALA A 56 -13.08 12.16 -9.98
N HIS A 57 -11.99 12.06 -10.74
CA HIS A 57 -10.97 13.09 -10.75
C HIS A 57 -11.54 14.39 -11.29
N THR A 58 -12.39 14.27 -12.31
CA THR A 58 -13.03 15.42 -12.93
C THR A 58 -13.88 16.15 -11.87
N VAL A 59 -14.57 15.39 -11.04
CA VAL A 59 -15.41 15.97 -9.98
C VAL A 59 -14.54 16.54 -8.85
N ARG A 60 -13.48 15.83 -8.48
CA ARG A 60 -12.61 16.29 -7.40
C ARG A 60 -12.01 17.65 -7.75
N ASP A 61 -11.56 17.82 -8.99
CA ASP A 61 -10.98 19.08 -9.44
C ASP A 61 -11.84 20.31 -9.12
N HIS A 62 -13.16 20.13 -9.11
CA HIS A 62 -14.11 21.22 -8.83
C HIS A 62 -14.23 21.55 -7.34
N LEU A 63 -13.52 20.79 -6.51
CA LEU A 63 -13.51 20.96 -5.05
C LEU A 63 -12.25 21.72 -4.61
N VAL A 64 -11.16 21.45 -5.31
CA VAL A 64 -9.86 22.01 -4.98
C VAL A 64 -9.86 23.46 -4.56
N GLY A 65 -10.38 24.33 -5.41
CA GLY A 65 -10.41 25.74 -5.10
C GLY A 65 -11.06 26.07 -3.76
N ARG A 66 -12.24 25.53 -3.54
CA ARG A 66 -12.95 25.77 -2.29
C ARG A 66 -12.31 25.05 -1.12
N TRP A 67 -11.64 23.94 -1.40
CA TRP A 67 -10.97 23.17 -0.34
C TRP A 67 -9.79 23.98 0.17
N ILE A 68 -8.94 24.40 -0.74
CA ILE A 68 -7.78 25.21 -0.43
C ILE A 68 -8.21 26.54 0.19
N ARG A 69 -9.23 27.17 -0.41
CA ARG A 69 -9.74 28.45 0.08
C ARG A 69 -10.30 28.34 1.49
N THR A 70 -11.12 27.32 1.73
CA THR A 70 -11.74 27.12 3.04
C THR A 70 -10.69 26.98 4.13
N GLN A 71 -9.70 26.13 3.90
CA GLN A 71 -8.65 25.92 4.87
C GLN A 71 -7.89 27.22 5.12
N GLN A 72 -7.60 27.96 4.06
CA GLN A 72 -6.89 29.22 4.17
C GLN A 72 -7.67 30.18 5.04
N HIS A 73 -8.97 30.27 4.76
CA HIS A 73 -9.87 31.15 5.50
C HIS A 73 -9.87 30.88 6.99
N TYR A 74 -9.72 29.62 7.39
CA TYR A 74 -9.72 29.29 8.82
C TYR A 74 -8.46 29.84 9.46
N TYR A 75 -7.37 29.82 8.71
CA TYR A 75 -6.11 30.32 9.21
C TYR A 75 -6.21 31.84 9.37
N ASP A 76 -6.80 32.49 8.38
CA ASP A 76 -6.95 33.95 8.40
C ASP A 76 -7.89 34.49 9.47
N LYS A 77 -9.13 34.01 9.50
CA LYS A 77 -10.08 34.53 10.47
C LYS A 77 -10.03 33.78 11.80
N CYS A 78 -9.21 32.74 11.85
CA CYS A 78 -9.03 31.93 13.06
C CYS A 78 -10.26 31.67 13.94
N PRO A 79 -11.33 31.11 13.35
CA PRO A 79 -12.54 30.84 14.16
C PRO A 79 -12.26 29.60 15.01
N LYS A 80 -13.06 29.39 16.05
CA LYS A 80 -12.85 28.21 16.88
C LYS A 80 -13.05 26.94 16.08
N ARG A 81 -12.09 26.03 16.13
CA ARG A 81 -12.17 24.78 15.39
C ARG A 81 -12.80 23.63 16.18
N VAL A 82 -13.65 22.86 15.50
CA VAL A 82 -14.31 21.70 16.10
C VAL A 82 -13.60 20.46 15.58
N TYR A 83 -13.24 19.57 16.50
CA TYR A 83 -12.53 18.35 16.13
C TYR A 83 -13.32 17.13 16.54
N TYR A 84 -13.87 16.43 15.55
CA TYR A 84 -14.66 15.24 15.82
C TYR A 84 -13.76 14.01 15.82
N LEU A 85 -13.41 13.54 17.02
CA LEU A 85 -12.52 12.39 17.16
C LEU A 85 -13.32 11.12 17.28
N SER A 86 -13.15 10.23 16.31
CA SER A 86 -13.88 8.97 16.31
C SER A 86 -13.08 7.85 15.66
N LEU A 87 -13.30 6.63 16.14
CA LEU A 87 -12.61 5.44 15.60
C LEU A 87 -13.32 4.96 14.34
N GLU A 88 -14.47 5.56 14.05
CA GLU A 88 -15.25 5.15 12.89
C GLU A 88 -15.89 6.27 12.06
N PHE A 89 -15.82 6.11 10.75
CA PHE A 89 -16.44 7.05 9.81
C PHE A 89 -17.05 6.21 8.70
N TYR A 90 -18.33 5.91 8.88
CA TYR A 90 -19.11 5.10 7.95
C TYR A 90 -19.51 6.04 6.82
N MET A 91 -18.57 6.28 5.91
CA MET A 91 -18.77 7.23 4.81
C MET A 91 -19.47 6.79 3.53
N GLY A 92 -19.48 5.48 3.24
CA GLY A 92 -20.12 5.02 2.01
C GLY A 92 -19.37 5.52 0.79
N ARG A 93 -20.08 5.75 -0.32
CA ARG A 93 -19.48 6.24 -1.56
C ARG A 93 -19.38 7.77 -1.58
N THR A 94 -18.47 8.31 -2.40
CA THR A 94 -18.29 9.77 -2.47
C THR A 94 -18.75 10.50 -3.74
N LEU A 95 -18.46 9.92 -4.90
CA LEU A 95 -18.81 10.53 -6.19
C LEU A 95 -20.14 11.30 -6.25
N GLN A 96 -21.25 10.58 -6.30
CA GLN A 96 -22.56 11.21 -6.37
C GLN A 96 -22.79 12.22 -5.27
N ASN A 97 -22.37 11.90 -4.05
CA ASN A 97 -22.56 12.82 -2.95
C ASN A 97 -21.82 14.12 -3.20
N THR A 98 -20.66 14.02 -3.83
CA THR A 98 -19.88 15.20 -4.16
C THR A 98 -20.54 15.96 -5.30
N MET A 99 -20.97 15.25 -6.34
CA MET A 99 -21.62 15.88 -7.48
C MET A 99 -22.83 16.68 -7.02
N ILE A 100 -23.68 16.06 -6.20
CA ILE A 100 -24.86 16.73 -5.71
C ILE A 100 -24.55 17.94 -4.85
N ASN A 101 -23.64 17.79 -3.90
CA ASN A 101 -23.29 18.89 -3.03
C ASN A 101 -22.60 20.04 -3.76
N LEU A 102 -22.21 19.81 -5.01
CA LEU A 102 -21.54 20.83 -5.81
C LEU A 102 -22.47 21.34 -6.91
N GLY A 103 -23.61 20.66 -7.09
CA GLY A 103 -24.55 21.05 -8.12
C GLY A 103 -24.02 20.64 -9.48
N LEU A 104 -23.34 19.50 -9.54
CA LEU A 104 -22.73 19.02 -10.79
C LEU A 104 -23.36 17.73 -11.30
N GLN A 105 -24.28 17.18 -10.52
CA GLN A 105 -24.89 15.91 -10.90
C GLN A 105 -25.56 15.92 -12.27
N ASN A 106 -26.46 16.86 -12.50
CA ASN A 106 -27.16 16.92 -13.78
C ASN A 106 -26.21 17.07 -14.95
N ALA A 107 -25.26 18.00 -14.84
CA ALA A 107 -24.32 18.21 -15.93
C ALA A 107 -23.44 16.99 -16.15
N CYS A 108 -22.96 16.37 -15.08
CA CYS A 108 -22.10 15.20 -15.22
C CYS A 108 -22.90 14.08 -15.86
N ASP A 109 -24.15 13.99 -15.43
CA ASP A 109 -25.05 12.99 -15.93
C ASP A 109 -25.18 13.13 -17.45
N GLU A 110 -25.33 14.37 -17.91
CA GLU A 110 -25.49 14.67 -19.33
C GLU A 110 -24.19 14.47 -20.11
N ALA A 111 -23.07 14.88 -19.53
CA ALA A 111 -21.80 14.73 -20.22
C ALA A 111 -21.46 13.28 -20.42
N ILE A 112 -21.59 12.50 -19.34
CA ILE A 112 -21.28 11.06 -19.37
C ILE A 112 -22.18 10.40 -20.38
N TYR A 113 -23.42 10.88 -20.43
CA TYR A 113 -24.40 10.37 -21.37
C TYR A 113 -23.93 10.64 -22.79
N GLN A 114 -23.56 11.88 -23.06
CA GLN A 114 -23.10 12.25 -24.40
C GLN A 114 -21.84 11.51 -24.80
N LEU A 115 -21.11 10.99 -23.81
CA LEU A 115 -19.88 10.27 -24.12
C LEU A 115 -20.18 8.78 -24.32
N GLY A 116 -21.47 8.45 -24.32
CA GLY A 116 -21.86 7.07 -24.54
C GLY A 116 -21.71 6.17 -23.34
N LEU A 117 -21.72 6.75 -22.14
CA LEU A 117 -21.59 5.95 -20.94
C LEU A 117 -22.79 6.10 -20.01
N ASP A 118 -22.87 5.22 -19.02
CA ASP A 118 -23.95 5.23 -18.05
C ASP A 118 -23.34 5.60 -16.71
N ILE A 119 -23.50 6.85 -16.30
CA ILE A 119 -22.91 7.29 -15.03
C ILE A 119 -23.24 6.35 -13.87
N GLU A 120 -24.43 5.76 -13.89
CA GLU A 120 -24.82 4.86 -12.82
C GLU A 120 -23.99 3.58 -12.82
N GLU A 121 -23.43 3.26 -13.97
CA GLU A 121 -22.58 2.07 -14.10
C GLU A 121 -21.21 2.42 -13.52
N LEU A 122 -20.78 3.66 -13.74
CA LEU A 122 -19.50 4.12 -13.25
C LEU A 122 -19.60 4.27 -11.74
N GLU A 123 -20.73 4.76 -11.26
CA GLU A 123 -20.91 4.97 -9.82
C GLU A 123 -20.86 3.70 -9.00
N GLU A 124 -21.19 2.57 -9.62
CA GLU A 124 -21.18 1.32 -8.88
C GLU A 124 -19.79 0.71 -8.73
N ILE A 125 -18.83 1.21 -9.50
CA ILE A 125 -17.46 0.72 -9.44
C ILE A 125 -16.80 1.10 -8.10
N GLU A 126 -17.20 2.25 -7.55
CA GLU A 126 -16.64 2.77 -6.30
C GLU A 126 -16.89 1.92 -5.08
N GLU A 127 -15.82 1.69 -4.31
CA GLU A 127 -15.90 0.91 -3.07
C GLU A 127 -16.43 1.81 -1.95
N ASP A 128 -17.29 1.27 -1.09
CA ASP A 128 -17.77 2.06 0.02
C ASP A 128 -16.57 2.30 0.93
N ALA A 129 -16.60 3.38 1.69
CA ALA A 129 -15.55 3.63 2.65
C ALA A 129 -16.28 3.18 3.93
N GLY A 130 -16.46 1.87 4.05
CA GLY A 130 -17.15 1.32 5.21
C GLY A 130 -16.25 1.21 6.42
N LEU A 131 -15.72 2.34 6.86
CA LEU A 131 -14.82 2.39 8.00
C LEU A 131 -15.63 2.55 9.26
N GLY A 132 -16.76 1.84 9.33
CA GLY A 132 -17.63 1.92 10.48
C GLY A 132 -18.43 0.63 10.63
N ASN A 133 -19.12 0.48 11.75
CA ASN A 133 -19.91 -0.72 12.01
C ASN A 133 -21.39 -0.48 11.78
N GLY A 134 -21.86 0.70 12.16
CA GLY A 134 -23.25 1.01 12.01
C GLY A 134 -23.61 2.45 12.32
N GLY A 135 -24.58 2.63 13.21
CA GLY A 135 -25.03 3.96 13.58
C GLY A 135 -24.02 4.94 14.15
N LEU A 136 -23.13 4.46 15.00
CA LEU A 136 -22.12 5.32 15.60
C LEU A 136 -21.18 5.89 14.53
N GLY A 137 -20.79 5.03 13.59
CA GLY A 137 -19.90 5.44 12.53
C GLY A 137 -20.60 6.21 11.43
N ARG A 138 -21.90 6.00 11.30
CA ARG A 138 -22.68 6.69 10.27
C ARG A 138 -23.03 8.08 10.76
N LEU A 139 -23.15 8.25 12.07
CA LEU A 139 -23.48 9.56 12.65
C LEU A 139 -22.34 10.55 12.38
N ALA A 140 -21.10 10.07 12.52
CA ALA A 140 -19.93 10.89 12.26
C ALA A 140 -19.91 11.32 10.79
N ALA A 141 -20.25 10.40 9.91
CA ALA A 141 -20.28 10.69 8.48
C ALA A 141 -21.33 11.76 8.20
N CYS A 142 -22.50 11.63 8.79
CA CYS A 142 -23.58 12.60 8.58
C CYS A 142 -23.17 13.93 9.14
N PHE A 143 -22.55 13.89 10.31
CA PHE A 143 -22.12 15.11 10.99
C PHE A 143 -21.11 15.86 10.13
N LEU A 144 -20.15 15.14 9.57
CA LEU A 144 -19.17 15.78 8.72
C LEU A 144 -19.91 16.56 7.64
N ASP A 145 -20.95 15.97 7.10
CA ASP A 145 -21.71 16.63 6.04
C ASP A 145 -22.42 17.88 6.50
N SER A 146 -23.13 17.80 7.62
CA SER A 146 -23.86 18.94 8.16
C SER A 146 -22.91 20.07 8.52
N MET A 147 -21.88 19.75 9.32
CA MET A 147 -20.88 20.73 9.74
C MET A 147 -20.27 21.50 8.57
N ALA A 148 -20.10 20.83 7.43
CA ALA A 148 -19.55 21.50 6.25
C ALA A 148 -20.63 22.35 5.62
N THR A 149 -21.86 21.86 5.69
CA THR A 149 -22.99 22.56 5.11
C THR A 149 -23.32 23.83 5.92
N LEU A 150 -23.08 23.79 7.23
CA LEU A 150 -23.37 24.92 8.11
C LEU A 150 -22.20 25.91 8.18
N GLY A 151 -21.12 25.61 7.47
CA GLY A 151 -19.95 26.48 7.45
C GLY A 151 -19.09 26.51 8.69
N LEU A 152 -19.04 25.41 9.44
CA LEU A 152 -18.25 25.30 10.66
C LEU A 152 -16.82 24.91 10.33
N ALA A 153 -15.87 25.38 11.13
CA ALA A 153 -14.46 25.05 10.91
C ALA A 153 -14.25 23.73 11.63
N ALA A 154 -14.84 22.67 11.08
CA ALA A 154 -14.77 21.36 11.69
C ALA A 154 -13.84 20.39 10.97
N TYR A 155 -13.30 19.45 11.73
CA TYR A 155 -12.39 18.45 11.18
C TYR A 155 -12.77 17.07 11.70
N GLY A 156 -12.72 16.08 10.83
CA GLY A 156 -13.03 14.73 11.25
C GLY A 156 -11.71 14.00 11.43
N TYR A 157 -11.50 13.38 12.58
CA TYR A 157 -10.25 12.65 12.83
C TYR A 157 -10.48 11.18 13.18
N GLY A 158 -9.89 10.29 12.38
CA GLY A 158 -10.04 8.87 12.63
C GLY A 158 -8.90 8.06 12.02
N ILE A 159 -9.10 6.75 11.93
CA ILE A 159 -8.10 5.84 11.38
C ILE A 159 -8.44 5.43 9.94
N ARG A 160 -7.42 5.36 9.11
CA ARG A 160 -7.59 4.96 7.72
C ARG A 160 -7.34 3.47 7.65
N TYR A 161 -8.34 2.70 8.08
CA TYR A 161 -8.24 1.26 8.06
C TYR A 161 -8.02 0.74 6.64
N GLU A 162 -7.06 -0.15 6.47
CA GLU A 162 -6.80 -0.72 5.15
C GLU A 162 -8.02 -1.55 4.79
N TYR A 163 -8.68 -2.09 5.82
CA TYR A 163 -9.86 -2.93 5.66
C TYR A 163 -10.95 -2.43 6.58
N GLY A 164 -12.09 -2.09 6.00
CA GLY A 164 -13.21 -1.62 6.78
C GLY A 164 -14.04 -2.81 7.23
N ILE A 165 -15.32 -2.58 7.50
CA ILE A 165 -16.20 -3.66 7.92
C ILE A 165 -16.25 -4.71 6.82
N PHE A 166 -15.98 -5.96 7.19
CA PHE A 166 -15.96 -7.08 6.25
C PHE A 166 -17.15 -7.16 5.28
N ASN A 167 -16.92 -7.83 4.16
CA ASN A 167 -17.98 -8.05 3.17
C ASN A 167 -18.69 -9.34 3.58
N GLN A 168 -20.01 -9.25 3.79
CA GLN A 168 -20.79 -10.40 4.19
C GLN A 168 -21.40 -11.15 3.00
N LYS A 169 -21.12 -12.44 2.93
CA LYS A 169 -21.67 -13.30 1.89
C LYS A 169 -22.51 -14.29 2.65
N ILE A 170 -23.40 -14.99 1.94
CA ILE A 170 -24.23 -15.99 2.58
C ILE A 170 -23.97 -17.33 1.91
N ARG A 171 -23.35 -18.25 2.66
CA ARG A 171 -23.06 -19.58 2.16
C ARG A 171 -23.92 -20.55 2.93
N ASP A 172 -24.74 -21.27 2.17
CA ASP A 172 -25.67 -22.26 2.68
C ASP A 172 -26.43 -21.71 3.88
N GLY A 173 -26.88 -20.46 3.74
CA GLY A 173 -27.65 -19.81 4.77
C GLY A 173 -26.88 -19.25 5.95
N TRP A 174 -25.56 -19.34 5.89
CA TRP A 174 -24.72 -18.83 6.97
C TRP A 174 -23.92 -17.62 6.52
N GLN A 175 -23.76 -16.63 7.40
CA GLN A 175 -22.96 -15.46 7.07
C GLN A 175 -21.50 -15.88 6.94
N VAL A 176 -20.85 -15.34 5.92
CA VAL A 176 -19.45 -15.63 5.68
C VAL A 176 -18.81 -14.26 5.52
N GLU A 177 -17.62 -14.08 6.08
CA GLU A 177 -16.93 -12.80 6.00
C GLU A 177 -15.80 -12.81 4.99
N GLU A 178 -15.66 -11.73 4.25
CA GLU A 178 -14.60 -11.62 3.26
C GLU A 178 -13.93 -10.29 3.52
N ALA A 179 -12.62 -10.26 3.34
CA ALA A 179 -11.85 -9.03 3.57
C ALA A 179 -12.34 -7.90 2.68
N ASP A 180 -12.58 -6.74 3.28
CA ASP A 180 -13.03 -5.58 2.54
C ASP A 180 -11.81 -4.78 2.09
N ASP A 181 -11.17 -5.26 1.02
CA ASP A 181 -9.97 -4.64 0.44
C ASP A 181 -10.34 -3.38 -0.37
N TRP A 182 -10.95 -2.41 0.30
CA TRP A 182 -11.43 -1.20 -0.37
C TRP A 182 -10.40 -0.26 -0.99
N LEU A 183 -9.11 -0.44 -0.70
CA LEU A 183 -8.11 0.46 -1.27
C LEU A 183 -7.29 -0.24 -2.33
N ARG A 184 -7.66 -1.48 -2.63
CA ARG A 184 -6.94 -2.26 -3.64
C ARG A 184 -6.67 -1.52 -4.94
N TYR A 185 -7.69 -0.86 -5.48
CA TYR A 185 -7.54 -0.15 -6.75
C TYR A 185 -7.26 1.33 -6.61
N GLY A 186 -7.15 1.81 -5.36
CA GLY A 186 -6.87 3.22 -5.14
C GLY A 186 -8.09 4.01 -4.74
N ASN A 187 -7.87 5.11 -4.03
CA ASN A 187 -8.95 5.99 -3.60
C ASN A 187 -8.65 7.37 -4.16
N PRO A 188 -9.43 7.82 -5.17
CA PRO A 188 -9.22 9.14 -5.79
C PRO A 188 -9.71 10.31 -4.95
N TRP A 189 -10.28 10.02 -3.79
CA TRP A 189 -10.82 11.06 -2.93
C TRP A 189 -9.90 11.43 -1.78
N GLU A 190 -8.74 10.79 -1.70
CA GLU A 190 -7.83 11.10 -0.61
C GLU A 190 -6.52 11.70 -1.09
N LYS A 191 -5.90 12.47 -0.20
CA LYS A 191 -4.63 13.11 -0.48
C LYS A 191 -3.69 12.91 0.71
N SER A 192 -2.70 12.04 0.55
CA SER A 192 -1.75 11.80 1.62
C SER A 192 -0.96 13.07 1.87
N ARG A 193 -0.79 13.40 3.14
CA ARG A 193 -0.05 14.58 3.56
C ARG A 193 1.15 14.12 4.38
N PRO A 194 2.20 13.65 3.70
CA PRO A 194 3.41 13.17 4.39
C PRO A 194 4.14 14.21 5.25
N GLU A 195 4.06 15.48 4.86
CA GLU A 195 4.74 16.53 5.62
C GLU A 195 4.16 16.69 7.03
N PHE A 196 2.98 16.13 7.26
CA PHE A 196 2.35 16.22 8.56
C PHE A 196 2.47 14.91 9.35
N MET A 197 3.33 14.01 8.87
CA MET A 197 3.56 12.74 9.53
C MET A 197 4.01 12.97 10.96
N LEU A 198 3.58 12.09 11.86
CA LEU A 198 3.92 12.20 13.29
C LEU A 198 4.31 10.85 13.87
N PRO A 199 5.08 10.86 14.97
CA PRO A 199 5.52 9.63 15.63
C PRO A 199 4.61 9.32 16.83
N VAL A 200 4.30 8.05 17.01
CA VAL A 200 3.47 7.64 18.13
C VAL A 200 4.29 6.65 18.95
N HIS A 201 4.17 6.73 20.28
CA HIS A 201 4.94 5.89 21.17
C HIS A 201 4.12 4.84 21.89
N PHE A 202 4.69 3.63 22.02
CA PHE A 202 4.03 2.53 22.68
C PHE A 202 5.03 1.82 23.61
N TYR A 203 4.52 1.33 24.75
CA TYR A 203 5.33 0.61 25.72
C TYR A 203 6.35 1.46 26.47
N GLY A 204 7.59 0.97 26.53
CA GLY A 204 8.64 1.70 27.23
C GLY A 204 8.38 1.83 28.72
N LYS A 205 9.06 2.80 29.33
CA LYS A 205 8.95 3.08 30.76
C LYS A 205 8.95 4.58 31.06
N VAL A 206 8.61 4.92 32.30
CA VAL A 206 8.53 6.31 32.73
C VAL A 206 9.60 6.69 33.77
N GLU A 207 10.21 7.85 33.55
CA GLU A 207 11.25 8.37 34.44
C GLU A 207 10.77 9.72 34.96
N HIS A 208 10.99 9.98 36.24
CA HIS A 208 10.55 11.25 36.80
C HIS A 208 11.77 12.09 37.16
N THR A 209 12.43 12.56 36.11
CA THR A 209 13.64 13.37 36.22
C THR A 209 13.37 14.76 36.78
N ASN A 210 14.43 15.49 37.07
CA ASN A 210 14.32 16.84 37.62
C ASN A 210 14.05 17.88 36.54
N THR A 211 13.88 17.42 35.31
CA THR A 211 13.57 18.29 34.18
C THR A 211 12.20 17.90 33.65
N GLY A 212 11.39 17.28 34.51
CA GLY A 212 10.07 16.81 34.13
C GLY A 212 10.14 15.31 33.94
N THR A 213 8.99 14.64 33.92
CA THR A 213 9.00 13.18 33.76
C THR A 213 9.17 12.84 32.28
N LYS A 214 9.82 11.71 32.00
CA LYS A 214 10.07 11.30 30.62
C LYS A 214 9.76 9.83 30.26
N TRP A 215 8.85 9.67 29.29
CA TRP A 215 8.42 8.37 28.78
C TRP A 215 9.50 7.92 27.82
N ILE A 216 10.35 7.02 28.27
CA ILE A 216 11.48 6.57 27.45
C ILE A 216 11.44 5.11 27.06
N ASP A 217 12.40 4.71 26.24
CA ASP A 217 12.51 3.34 25.74
C ASP A 217 11.22 2.85 25.13
N THR A 218 10.50 3.75 24.47
CA THR A 218 9.25 3.39 23.84
C THR A 218 9.48 2.86 22.44
N GLN A 219 8.43 2.29 21.86
CA GLN A 219 8.49 1.81 20.49
C GLN A 219 7.74 2.88 19.69
N VAL A 220 8.25 3.24 18.52
CA VAL A 220 7.64 4.28 17.70
C VAL A 220 6.96 3.77 16.46
N VAL A 221 5.80 4.35 16.17
CA VAL A 221 5.01 4.01 14.99
C VAL A 221 4.62 5.33 14.33
N LEU A 222 4.99 5.49 13.07
CA LEU A 222 4.65 6.73 12.36
C LEU A 222 3.16 6.78 12.05
N ALA A 223 2.63 7.99 12.03
CA ALA A 223 1.21 8.21 11.73
C ALA A 223 1.14 9.11 10.49
N LEU A 224 0.84 8.50 9.34
CA LEU A 224 0.74 9.22 8.07
C LEU A 224 -0.69 9.63 7.80
N PRO A 225 -0.96 10.94 7.70
CA PRO A 225 -2.32 11.42 7.46
C PRO A 225 -2.73 11.49 5.99
N TYR A 226 -4.00 11.19 5.73
CA TYR A 226 -4.58 11.26 4.39
C TYR A 226 -5.80 12.16 4.53
N ASP A 227 -5.87 13.21 3.72
CA ASP A 227 -6.98 14.15 3.77
C ASP A 227 -8.04 13.89 2.73
N THR A 228 -9.29 13.91 3.15
CA THR A 228 -10.44 13.71 2.26
C THR A 228 -11.33 14.94 2.40
N PRO A 229 -11.74 15.52 1.26
CA PRO A 229 -12.60 16.70 1.24
C PRO A 229 -14.04 16.44 1.66
N VAL A 230 -14.57 17.29 2.53
CA VAL A 230 -15.95 17.16 2.97
C VAL A 230 -16.69 18.40 2.46
N PRO A 231 -17.30 18.32 1.25
CA PRO A 231 -18.04 19.44 0.66
C PRO A 231 -19.38 19.72 1.30
N GLY A 232 -19.60 20.99 1.66
CA GLY A 232 -20.87 21.38 2.25
C GLY A 232 -21.87 21.41 1.11
N TYR A 233 -23.16 21.41 1.43
CA TYR A 233 -24.15 21.45 0.38
C TYR A 233 -24.32 22.87 -0.15
N MET A 234 -24.02 23.06 -1.43
CA MET A 234 -24.15 24.36 -2.10
C MET A 234 -23.77 25.53 -1.20
N ASN A 235 -22.52 25.61 -0.77
CA ASN A 235 -22.14 26.72 0.10
C ASN A 235 -20.73 27.24 0.12
N ASN A 236 -19.87 26.81 -0.82
CA ASN A 236 -18.48 27.31 -0.84
C ASN A 236 -17.52 26.67 0.18
N THR A 237 -18.04 25.85 1.09
CA THR A 237 -17.20 25.21 2.09
C THR A 237 -16.83 23.77 1.77
N VAL A 238 -15.55 23.45 1.96
CA VAL A 238 -15.05 22.09 1.77
C VAL A 238 -14.13 21.87 2.96
N ASN A 239 -14.61 21.09 3.92
CA ASN A 239 -13.84 20.82 5.12
C ASN A 239 -12.96 19.61 4.92
N THR A 240 -12.33 19.16 6.00
CA THR A 240 -11.43 18.03 5.88
C THR A 240 -11.66 16.88 6.83
N MET A 241 -11.44 15.68 6.32
CA MET A 241 -11.53 14.48 7.14
C MET A 241 -10.10 13.92 7.11
N ARG A 242 -9.44 13.91 8.26
CA ARG A 242 -8.07 13.42 8.33
C ARG A 242 -8.01 12.03 8.95
N LEU A 243 -7.61 11.06 8.14
CA LEU A 243 -7.51 9.67 8.59
C LEU A 243 -6.04 9.28 8.66
N TRP A 244 -5.62 8.69 9.77
CA TRP A 244 -4.22 8.30 9.94
C TRP A 244 -3.92 6.86 9.58
N SER A 245 -2.75 6.66 9.00
CA SER A 245 -2.26 5.34 8.62
C SER A 245 -0.96 5.05 9.38
N ALA A 246 -0.82 3.82 9.87
CA ALA A 246 0.36 3.43 10.61
C ALA A 246 1.45 2.93 9.68
N ARG A 247 2.65 3.45 9.90
CA ARG A 247 3.81 3.05 9.11
C ARG A 247 4.97 2.83 10.08
N ALA A 248 5.88 1.93 9.72
CA ALA A 248 7.02 1.63 10.57
C ALA A 248 8.16 2.61 10.34
N PRO A 249 8.89 2.98 11.41
CA PRO A 249 10.01 3.91 11.29
C PRO A 249 11.24 3.20 10.77
N GLY A 260 19.81 -9.71 14.25
CA GLY A 260 18.98 -10.79 13.73
C GLY A 260 19.00 -10.91 12.21
N ASP A 261 17.95 -11.51 11.65
CA ASP A 261 17.81 -11.70 10.20
C ASP A 261 17.26 -10.44 9.52
N TYR A 262 17.97 -9.96 8.51
CA TYR A 262 17.57 -8.76 7.78
C TYR A 262 16.18 -8.86 7.17
N ILE A 263 16.01 -9.82 6.26
CA ILE A 263 14.72 -10.01 5.60
C ILE A 263 13.58 -10.05 6.62
N GLN A 264 13.75 -10.88 7.64
CA GLN A 264 12.73 -11.01 8.69
C GLN A 264 12.43 -9.68 9.37
N ALA A 265 13.48 -8.90 9.63
CA ALA A 265 13.32 -7.60 10.28
C ALA A 265 12.46 -6.70 9.39
N VAL A 266 12.65 -6.82 8.08
CA VAL A 266 11.88 -6.01 7.15
C VAL A 266 10.42 -6.48 7.16
N LEU A 267 10.23 -7.79 7.10
CA LEU A 267 8.88 -8.34 7.12
C LEU A 267 8.21 -7.95 8.42
N ASP A 268 8.97 -7.98 9.51
CA ASP A 268 8.39 -7.63 10.81
C ASP A 268 7.82 -6.21 10.86
N ARG A 269 8.09 -5.42 9.83
CA ARG A 269 7.56 -4.06 9.80
C ARG A 269 6.04 -4.12 9.75
N ASN A 270 5.51 -5.28 9.34
CA ASN A 270 4.07 -5.50 9.26
C ASN A 270 3.38 -5.33 10.62
N LEU A 271 4.11 -5.61 11.70
CA LEU A 271 3.52 -5.50 13.04
C LEU A 271 3.10 -4.09 13.43
N ALA A 272 3.88 -3.10 13.06
CA ALA A 272 3.53 -1.71 13.38
C ALA A 272 2.35 -1.25 12.51
N GLU A 273 2.44 -1.53 11.21
CA GLU A 273 1.42 -1.18 10.26
C GLU A 273 0.10 -1.93 10.47
N ASN A 274 0.14 -2.98 11.27
CA ASN A 274 -1.05 -3.77 11.57
C ASN A 274 -2.01 -2.98 12.43
N ILE A 275 -1.52 -1.88 13.00
CA ILE A 275 -2.36 -1.05 13.87
C ILE A 275 -3.56 -0.41 13.17
N SER A 276 -3.38 0.04 11.94
CA SER A 276 -4.47 0.66 11.20
C SER A 276 -4.88 -0.28 10.07
N ARG A 277 -4.68 -1.57 10.29
CA ARG A 277 -5.00 -2.55 9.27
C ARG A 277 -6.46 -2.88 9.05
N VAL A 278 -7.22 -3.09 10.12
CA VAL A 278 -8.62 -3.43 9.95
C VAL A 278 -9.48 -2.93 11.10
N LEU A 279 -10.73 -2.58 10.77
CA LEU A 279 -11.69 -2.09 11.76
C LEU A 279 -12.24 -3.27 12.57
N TYR A 280 -12.38 -3.08 13.87
CA TYR A 280 -12.94 -4.13 14.72
C TYR A 280 -14.44 -4.11 14.41
N PRO A 281 -14.97 -5.25 13.94
CA PRO A 281 -16.38 -5.44 13.56
C PRO A 281 -17.41 -5.60 14.66
N ASN A 282 -17.25 -4.91 15.77
CA ASN A 282 -18.19 -5.01 16.86
C ASN A 282 -19.13 -3.83 16.95
N ASP A 283 -20.40 -4.13 17.19
CA ASP A 283 -21.40 -3.10 17.34
C ASP A 283 -22.04 -3.27 18.71
N ASN A 284 -21.86 -2.28 19.57
CA ASN A 284 -22.41 -2.36 20.91
C ASN A 284 -21.86 -3.56 21.65
N PHE A 285 -20.54 -3.73 21.59
CA PHE A 285 -19.88 -4.82 22.28
C PHE A 285 -18.39 -4.53 22.41
N PHE A 286 -17.92 -4.51 23.65
CA PHE A 286 -16.51 -4.23 23.93
C PHE A 286 -15.65 -5.49 23.89
N GLU A 287 -14.58 -5.44 23.09
CA GLU A 287 -13.65 -6.54 22.96
C GLU A 287 -12.28 -5.97 23.34
N GLY A 288 -11.88 -6.20 24.59
CA GLY A 288 -10.63 -5.67 25.10
C GLY A 288 -9.35 -6.26 24.56
N LYS A 289 -9.13 -6.13 23.26
CA LYS A 289 -7.92 -6.66 22.66
C LYS A 289 -6.84 -5.59 22.68
N GLU A 290 -5.60 -6.00 22.87
CA GLU A 290 -4.49 -5.06 22.92
C GLU A 290 -4.34 -4.27 21.62
N LEU A 291 -4.57 -4.93 20.48
CA LEU A 291 -4.45 -4.26 19.19
C LEU A 291 -5.44 -3.11 19.10
N ARG A 292 -6.62 -3.32 19.66
CA ARG A 292 -7.67 -2.31 19.66
C ARG A 292 -7.26 -1.16 20.55
N LEU A 293 -6.55 -1.44 21.64
CA LEU A 293 -6.09 -0.38 22.54
C LEU A 293 -5.02 0.45 21.81
N LYS A 294 -4.22 -0.23 21.00
CA LYS A 294 -3.19 0.44 20.22
C LYS A 294 -3.86 1.39 19.21
N GLN A 295 -4.85 0.87 18.49
CA GLN A 295 -5.58 1.68 17.50
C GLN A 295 -6.12 2.93 18.17
N GLU A 296 -6.64 2.76 19.38
CA GLU A 296 -7.23 3.85 20.14
C GLU A 296 -6.22 4.92 20.56
N TYR A 297 -5.02 4.50 20.97
CA TYR A 297 -4.00 5.46 21.35
C TYR A 297 -3.42 6.09 20.09
N PHE A 298 -3.19 5.25 19.08
CA PHE A 298 -2.64 5.71 17.81
C PHE A 298 -3.38 6.96 17.31
N VAL A 299 -4.70 6.83 17.11
CA VAL A 299 -5.49 7.95 16.60
C VAL A 299 -5.59 9.13 17.57
N VAL A 300 -5.61 8.83 18.86
CA VAL A 300 -5.72 9.88 19.86
C VAL A 300 -4.42 10.68 19.99
N ALA A 301 -3.28 10.01 19.84
CA ALA A 301 -1.98 10.68 19.95
C ALA A 301 -1.64 11.49 18.69
N ALA A 302 -1.89 10.90 17.52
CA ALA A 302 -1.60 11.60 16.28
C ALA A 302 -2.50 12.84 16.16
N THR A 303 -3.77 12.70 16.52
CA THR A 303 -4.71 13.80 16.42
C THR A 303 -4.39 14.97 17.35
N LEU A 304 -4.10 14.69 18.61
CA LEU A 304 -3.78 15.74 19.56
C LEU A 304 -2.52 16.51 19.18
N GLN A 305 -1.48 15.78 18.76
CA GLN A 305 -0.25 16.44 18.36
C GLN A 305 -0.54 17.41 17.22
N ASP A 306 -1.21 16.91 16.20
CA ASP A 306 -1.59 17.68 15.03
C ASP A 306 -2.42 18.91 15.42
N ILE A 307 -3.33 18.74 16.37
CA ILE A 307 -4.18 19.82 16.82
C ILE A 307 -3.35 20.86 17.56
N ILE A 308 -2.45 20.40 18.42
CA ILE A 308 -1.59 21.30 19.17
C ILE A 308 -0.66 22.00 18.19
N ARG A 309 -0.21 21.27 17.18
CA ARG A 309 0.68 21.80 16.17
C ARG A 309 0.01 22.98 15.49
N ARG A 310 -1.16 22.74 14.91
CA ARG A 310 -1.91 23.77 14.20
C ARG A 310 -2.21 24.96 15.09
N PHE A 311 -2.37 24.72 16.39
CA PHE A 311 -2.69 25.79 17.32
C PHE A 311 -1.51 26.71 17.52
N LYS A 312 -0.36 26.11 17.85
CA LYS A 312 0.88 26.83 18.09
C LYS A 312 1.40 27.46 16.81
N ALA A 313 0.69 27.24 15.71
CA ALA A 313 1.11 27.81 14.44
C ALA A 313 0.09 28.81 13.98
N SER A 314 -0.99 28.92 14.75
CA SER A 314 -2.05 29.86 14.39
C SER A 314 -1.63 31.29 14.62
N LYS A 315 -2.35 32.21 13.98
CA LYS A 315 -2.10 33.65 14.06
C LYS A 315 -2.11 34.21 15.49
N PHE A 316 -2.86 33.56 16.38
CA PHE A 316 -2.96 33.99 17.77
C PHE A 316 -1.67 34.62 18.30
N THR A 324 1.79 29.87 28.41
CA THR A 324 0.68 30.81 28.62
C THR A 324 -0.14 30.94 27.34
N VAL A 325 0.52 30.68 26.22
CA VAL A 325 -0.14 30.76 24.92
C VAL A 325 -1.37 29.86 24.94
N PHE A 326 -1.20 28.67 25.50
CA PHE A 326 -2.25 27.66 25.60
C PHE A 326 -3.45 28.11 26.44
N ASP A 327 -3.39 29.32 26.96
CA ASP A 327 -4.49 29.81 27.78
C ASP A 327 -5.76 29.94 26.95
N ALA A 328 -5.56 30.16 25.66
CA ALA A 328 -6.66 30.32 24.72
C ALA A 328 -7.01 29.06 23.97
N PHE A 329 -6.31 27.97 24.27
CA PHE A 329 -6.56 26.70 23.61
C PHE A 329 -8.05 26.34 23.56
N PRO A 330 -8.72 26.30 24.72
CA PRO A 330 -10.15 25.95 24.76
C PRO A 330 -11.07 26.90 23.97
N ASP A 331 -10.57 28.09 23.68
CA ASP A 331 -11.35 29.08 22.94
C ASP A 331 -11.10 28.92 21.46
N GLN A 332 -10.11 28.10 21.12
CA GLN A 332 -9.77 27.85 19.74
C GLN A 332 -9.99 26.39 19.36
N VAL A 333 -10.02 25.52 20.37
CA VAL A 333 -10.18 24.09 20.11
C VAL A 333 -11.30 23.45 20.89
N ALA A 334 -11.99 22.53 20.21
CA ALA A 334 -13.07 21.77 20.76
C ALA A 334 -12.90 20.36 20.18
N ILE A 335 -12.81 19.37 21.05
CA ILE A 335 -12.65 18.00 20.61
C ILE A 335 -13.83 17.18 21.12
N GLN A 336 -14.60 16.65 20.18
CA GLN A 336 -15.76 15.84 20.50
C GLN A 336 -15.37 14.38 20.54
N LEU A 337 -15.58 13.76 21.69
CA LEU A 337 -15.26 12.36 21.88
C LEU A 337 -16.45 11.50 21.48
N ASN A 338 -16.31 10.76 20.37
CA ASN A 338 -17.37 9.88 19.88
C ASN A 338 -17.37 8.58 20.69
N ASP A 339 -18.11 8.60 21.79
CA ASP A 339 -18.15 7.47 22.72
C ASP A 339 -16.80 7.41 23.43
N THR A 340 -16.60 6.42 24.29
CA THR A 340 -15.34 6.32 25.03
C THR A 340 -14.15 5.77 24.29
N HIS A 341 -14.32 5.38 23.03
CA HIS A 341 -13.21 4.82 22.28
C HIS A 341 -11.95 5.71 22.26
N PRO A 342 -12.11 7.03 22.08
CA PRO A 342 -10.93 7.90 22.08
C PRO A 342 -10.75 8.54 23.45
N ALA A 343 -11.18 7.83 24.48
CA ALA A 343 -11.09 8.30 25.87
C ALA A 343 -9.65 8.68 26.26
N LEU A 344 -8.69 7.90 25.79
CA LEU A 344 -7.28 8.15 26.08
C LEU A 344 -6.81 9.55 25.67
N ALA A 345 -7.65 10.26 24.93
CA ALA A 345 -7.30 11.61 24.48
C ALA A 345 -7.16 12.55 25.68
N ILE A 346 -7.90 12.25 26.74
CA ILE A 346 -7.85 13.08 27.94
C ILE A 346 -6.47 12.97 28.60
N PRO A 347 -6.08 11.78 29.09
CA PRO A 347 -4.75 11.70 29.72
C PRO A 347 -3.61 12.06 28.75
N GLU A 348 -3.88 11.99 27.45
CA GLU A 348 -2.86 12.31 26.46
C GLU A 348 -2.65 13.82 26.36
N LEU A 349 -3.74 14.57 26.41
CA LEU A 349 -3.64 16.03 26.35
C LEU A 349 -2.91 16.50 27.58
N MET A 350 -3.29 15.91 28.72
CA MET A 350 -2.64 16.25 29.97
C MET A 350 -1.15 15.91 29.86
N ARG A 351 -0.87 14.72 29.33
CA ARG A 351 0.51 14.30 29.17
C ARG A 351 1.30 15.32 28.36
N ILE A 352 0.71 15.78 27.27
CA ILE A 352 1.38 16.75 26.41
C ILE A 352 1.53 18.07 27.15
N PHE A 353 0.44 18.52 27.77
CA PHE A 353 0.44 19.77 28.51
C PHE A 353 1.47 19.81 29.64
N VAL A 354 1.54 18.73 30.42
CA VAL A 354 2.46 18.66 31.55
C VAL A 354 3.88 18.20 31.22
N ASP A 355 4.01 17.00 30.66
CA ASP A 355 5.33 16.44 30.35
C ASP A 355 6.08 17.19 29.26
N ILE A 356 5.36 17.75 28.29
CA ILE A 356 6.06 18.43 27.21
C ILE A 356 6.00 19.95 27.28
N GLU A 357 4.81 20.52 27.36
CA GLU A 357 4.67 21.97 27.43
C GLU A 357 5.03 22.53 28.81
N LYS A 358 5.23 21.63 29.76
CA LYS A 358 5.62 22.01 31.10
C LYS A 358 4.63 22.87 31.87
N LEU A 359 3.33 22.76 31.55
CA LEU A 359 2.33 23.52 32.28
C LEU A 359 2.05 22.86 33.62
N PRO A 360 1.62 23.64 34.62
CA PRO A 360 1.32 23.04 35.92
C PRO A 360 0.00 22.27 35.85
N TRP A 361 -0.04 21.07 36.43
CA TRP A 361 -1.22 20.22 36.44
C TRP A 361 -2.54 20.97 36.60
N SER A 362 -2.60 21.89 37.55
CA SER A 362 -3.81 22.67 37.79
C SER A 362 -4.31 23.30 36.50
N LYS A 363 -3.42 24.05 35.84
CA LYS A 363 -3.73 24.73 34.60
C LYS A 363 -4.12 23.75 33.49
N ALA A 364 -3.24 22.79 33.23
CA ALA A 364 -3.46 21.78 32.21
C ALA A 364 -4.82 21.13 32.37
N TRP A 365 -5.16 20.74 33.60
CA TRP A 365 -6.43 20.09 33.86
C TRP A 365 -7.62 21.00 33.62
N GLU A 366 -7.45 22.29 33.90
CA GLU A 366 -8.52 23.24 33.68
C GLU A 366 -8.76 23.36 32.17
N LEU A 367 -7.67 23.53 31.43
CA LEU A 367 -7.76 23.66 29.98
C LEU A 367 -8.34 22.41 29.32
N THR A 368 -7.98 21.25 29.87
CA THR A 368 -8.44 19.96 29.34
C THR A 368 -9.95 19.83 29.39
N GLN A 369 -10.53 20.05 30.58
CA GLN A 369 -11.97 19.93 30.73
C GLN A 369 -12.72 20.87 29.79
N LYS A 370 -12.14 22.05 29.58
CA LYS A 370 -12.75 23.04 28.71
C LYS A 370 -12.64 22.61 27.24
N THR A 371 -11.64 21.77 26.95
CA THR A 371 -11.40 21.31 25.58
C THR A 371 -12.25 20.12 25.17
N PHE A 372 -12.47 19.19 26.09
CA PHE A 372 -13.23 17.99 25.77
C PHE A 372 -14.70 17.98 26.10
N ALA A 373 -15.44 17.26 25.27
CA ALA A 373 -16.88 17.05 25.41
C ALA A 373 -17.05 15.58 25.04
N TYR A 374 -17.87 14.86 25.81
CA TYR A 374 -18.04 13.44 25.60
C TYR A 374 -19.46 13.00 25.26
N THR A 375 -19.60 12.22 24.18
CA THR A 375 -20.90 11.73 23.77
C THR A 375 -21.04 10.24 24.10
N ASN A 376 -22.07 9.93 24.87
CA ASN A 376 -22.33 8.55 25.27
C ASN A 376 -23.41 7.94 24.35
N HIS A 377 -23.14 6.76 23.76
CA HIS A 377 -24.17 6.08 22.93
C HIS A 377 -24.31 4.62 23.37
N THR A 378 -23.97 4.33 24.62
CA THR A 378 -24.03 2.95 25.11
C THR A 378 -25.08 2.75 26.19
N VAL A 379 -25.58 1.53 26.29
CA VAL A 379 -26.57 1.17 27.29
C VAL A 379 -26.27 -0.25 27.75
N LEU A 380 -25.97 -1.12 26.79
CA LEU A 380 -25.67 -2.51 27.10
C LEU A 380 -24.38 -2.57 27.90
N PRO A 381 -24.35 -3.40 28.96
CA PRO A 381 -23.17 -3.52 29.81
C PRO A 381 -21.97 -4.12 29.09
N GLU A 382 -22.22 -4.91 28.06
CA GLU A 382 -21.13 -5.54 27.31
C GLU A 382 -20.51 -4.57 26.32
N ALA A 383 -21.12 -3.41 26.16
CA ALA A 383 -20.58 -2.43 25.24
C ALA A 383 -19.61 -1.53 25.99
N LEU A 384 -19.73 -1.48 27.31
CA LEU A 384 -18.88 -0.65 28.17
C LEU A 384 -17.41 -0.99 28.07
N GLU A 385 -16.60 0.04 27.86
CA GLU A 385 -15.16 -0.13 27.73
C GLU A 385 -14.48 -0.09 29.09
N ARG A 386 -14.00 -1.24 29.53
CA ARG A 386 -13.31 -1.35 30.82
C ARG A 386 -11.97 -2.04 30.57
N TRP A 387 -10.93 -1.25 30.40
CA TRP A 387 -9.61 -1.77 30.14
C TRP A 387 -8.89 -2.20 31.41
N PRO A 388 -8.28 -3.40 31.39
CA PRO A 388 -7.54 -3.92 32.55
C PRO A 388 -6.29 -3.07 32.78
N VAL A 389 -6.12 -2.54 34.00
CA VAL A 389 -4.97 -1.70 34.30
C VAL A 389 -3.64 -2.33 33.93
N ASP A 390 -3.58 -3.65 33.95
CA ASP A 390 -2.34 -4.35 33.61
C ASP A 390 -1.97 -4.12 32.16
N LEU A 391 -2.96 -4.20 31.27
CA LEU A 391 -2.71 -4.00 29.85
C LEU A 391 -2.28 -2.56 29.58
N VAL A 392 -3.03 -1.61 30.14
CA VAL A 392 -2.71 -0.19 29.96
C VAL A 392 -1.31 0.13 30.50
N GLU A 393 -1.01 -0.39 31.68
CA GLU A 393 0.28 -0.17 32.31
C GLU A 393 1.43 -0.62 31.44
N LYS A 394 1.25 -1.71 30.71
CA LYS A 394 2.29 -2.23 29.84
C LYS A 394 2.43 -1.51 28.50
N LEU A 395 1.31 -0.98 27.99
CA LEU A 395 1.31 -0.30 26.70
C LEU A 395 1.50 1.21 26.87
N LEU A 396 0.76 1.77 27.80
CA LEU A 396 0.80 3.21 28.07
C LEU A 396 1.08 3.51 29.55
N PRO A 397 2.28 3.15 30.03
CA PRO A 397 2.69 3.36 31.43
C PRO A 397 2.46 4.76 31.98
N ARG A 398 2.81 5.77 31.19
CA ARG A 398 2.65 7.14 31.63
C ARG A 398 1.19 7.53 31.77
N HIS A 399 0.35 7.08 30.83
CA HIS A 399 -1.08 7.40 30.84
C HIS A 399 -1.82 6.80 32.03
N LEU A 400 -1.39 5.62 32.46
CA LEU A 400 -2.01 4.96 33.61
C LEU A 400 -1.76 5.84 34.82
N GLU A 401 -0.53 6.36 34.91
CA GLU A 401 -0.15 7.24 36.02
C GLU A 401 -1.04 8.47 36.01
N ILE A 402 -1.17 9.07 34.83
CA ILE A 402 -2.00 10.26 34.70
C ILE A 402 -3.45 9.94 35.05
N ILE A 403 -3.91 8.76 34.68
CA ILE A 403 -5.29 8.36 34.99
C ILE A 403 -5.46 8.19 36.50
N TYR A 404 -4.42 7.69 37.16
CA TYR A 404 -4.46 7.51 38.61
C TYR A 404 -4.50 8.86 39.29
N GLU A 405 -3.70 9.79 38.78
CA GLU A 405 -3.66 11.13 39.33
C GLU A 405 -5.03 11.79 39.21
N ILE A 406 -5.60 11.76 38.01
CA ILE A 406 -6.92 12.32 37.76
C ILE A 406 -7.91 11.73 38.75
N ASN A 407 -7.86 10.40 38.90
CA ASN A 407 -8.73 9.70 39.82
C ASN A 407 -8.50 10.13 41.27
N GLN A 408 -7.22 10.19 41.66
CA GLN A 408 -6.90 10.60 43.01
C GLN A 408 -7.54 11.94 43.34
N LYS A 409 -7.22 12.95 42.55
CA LYS A 409 -7.77 14.29 42.75
C LYS A 409 -9.29 14.30 42.69
N HIS A 410 -9.84 13.41 41.87
CA HIS A 410 -11.28 13.28 41.71
C HIS A 410 -11.95 12.81 43.00
N LEU A 411 -11.50 11.67 43.51
CA LEU A 411 -12.06 11.12 44.74
C LEU A 411 -11.76 12.01 45.95
N ASP A 412 -10.66 12.75 45.89
CA ASP A 412 -10.30 13.67 46.97
C ASP A 412 -11.45 14.66 47.12
N ARG A 413 -12.08 15.00 45.99
CA ARG A 413 -13.19 15.94 45.97
C ARG A 413 -14.46 15.35 46.56
N ILE A 414 -14.76 14.10 46.18
CA ILE A 414 -15.96 13.43 46.68
C ILE A 414 -15.87 13.31 48.20
N VAL A 415 -14.73 12.82 48.67
CA VAL A 415 -14.50 12.65 50.10
C VAL A 415 -14.78 13.96 50.84
N ALA A 416 -14.28 15.06 50.28
CA ALA A 416 -14.47 16.36 50.90
C ALA A 416 -15.95 16.72 50.98
N LEU A 417 -16.72 16.34 49.96
CA LEU A 417 -18.15 16.66 49.93
C LEU A 417 -19.03 15.64 50.64
N PHE A 418 -18.70 14.35 50.51
CA PHE A 418 -19.48 13.30 51.12
C PHE A 418 -18.60 12.41 51.99
N PRO A 419 -18.19 12.93 53.15
CA PRO A 419 -17.33 12.24 54.12
C PRO A 419 -17.72 10.82 54.50
N LYS A 420 -18.95 10.63 54.95
CA LYS A 420 -19.40 9.31 55.36
C LYS A 420 -19.87 8.41 54.23
N ASP A 421 -19.71 8.84 52.99
CA ASP A 421 -20.15 8.03 51.86
C ASP A 421 -18.98 7.27 51.26
N VAL A 422 -18.77 6.05 51.74
CA VAL A 422 -17.67 5.24 51.26
C VAL A 422 -18.00 4.50 49.98
N ASP A 423 -19.25 4.11 49.80
CA ASP A 423 -19.65 3.43 48.59
C ASP A 423 -19.58 4.39 47.41
N ARG A 424 -20.01 5.62 47.65
CA ARG A 424 -19.99 6.65 46.62
C ARG A 424 -18.61 6.73 45.99
N LEU A 425 -17.59 6.62 46.82
CA LEU A 425 -16.22 6.69 46.34
C LEU A 425 -15.90 5.57 45.34
N ARG A 426 -16.17 4.33 45.71
CA ARG A 426 -15.87 3.23 44.81
C ARG A 426 -16.81 3.24 43.60
N ARG A 427 -17.98 3.85 43.77
CA ARG A 427 -18.95 3.94 42.69
C ARG A 427 -18.57 4.99 41.67
N MET A 428 -17.84 6.00 42.12
CA MET A 428 -17.42 7.09 41.25
C MET A 428 -15.97 7.00 40.78
N SER A 429 -15.22 6.06 41.33
CA SER A 429 -13.81 5.91 40.95
C SER A 429 -13.65 5.52 39.49
N LEU A 430 -12.56 5.97 38.87
CA LEU A 430 -12.30 5.64 37.47
C LEU A 430 -11.76 4.23 37.42
N ILE A 431 -11.41 3.70 38.59
CA ILE A 431 -10.87 2.35 38.66
C ILE A 431 -11.83 1.34 39.27
N GLU A 432 -11.94 0.18 38.64
CA GLU A 432 -12.80 -0.89 39.12
C GLU A 432 -11.88 -1.92 39.76
N GLU A 433 -11.81 -1.88 41.08
CA GLU A 433 -10.94 -2.77 41.84
C GLU A 433 -11.49 -4.20 41.94
N GLU A 434 -12.79 -4.35 41.70
CA GLU A 434 -13.44 -5.65 41.75
C GLU A 434 -12.70 -6.67 40.90
N GLY A 435 -12.02 -7.60 41.56
CA GLY A 435 -11.26 -8.61 40.85
C GLY A 435 -10.13 -7.95 40.08
N SER A 436 -9.88 -8.44 38.86
CA SER A 436 -8.82 -7.85 38.03
C SER A 436 -9.20 -6.40 37.76
N LYS A 437 -8.48 -5.47 38.36
CA LYS A 437 -8.75 -4.05 38.19
C LYS A 437 -8.88 -3.63 36.74
N ARG A 438 -9.85 -2.76 36.48
CA ARG A 438 -10.10 -2.26 35.13
C ARG A 438 -10.39 -0.77 35.20
N ILE A 439 -10.10 -0.08 34.11
CA ILE A 439 -10.34 1.36 34.05
C ILE A 439 -11.68 1.59 33.36
N ASN A 440 -12.56 2.32 34.04
CA ASN A 440 -13.88 2.64 33.51
C ASN A 440 -13.72 3.89 32.64
N MET A 441 -13.48 3.68 31.34
CA MET A 441 -13.27 4.76 30.37
C MET A 441 -14.37 5.81 30.35
N ALA A 442 -15.60 5.43 30.69
CA ALA A 442 -16.70 6.38 30.68
C ALA A 442 -16.56 7.39 31.80
N HIS A 443 -16.15 6.93 32.98
CA HIS A 443 -15.95 7.79 34.14
C HIS A 443 -14.85 8.79 33.83
N LEU A 444 -13.81 8.32 33.16
CA LEU A 444 -12.69 9.16 32.78
C LEU A 444 -13.19 10.28 31.86
N CYS A 445 -14.02 9.91 30.88
CA CYS A 445 -14.58 10.87 29.93
C CYS A 445 -15.47 11.89 30.63
N ILE A 446 -16.23 11.42 31.62
CA ILE A 446 -17.10 12.33 32.34
C ILE A 446 -16.33 13.39 33.10
N VAL A 447 -15.26 12.98 33.78
CA VAL A 447 -14.45 13.91 34.57
C VAL A 447 -13.53 14.80 33.75
N GLY A 448 -13.15 14.33 32.56
CA GLY A 448 -12.26 15.12 31.72
C GLY A 448 -13.00 15.94 30.68
N SER A 449 -14.31 16.08 30.84
CA SER A 449 -15.12 16.82 29.87
C SER A 449 -16.03 17.84 30.54
N HIS A 450 -16.27 18.97 29.87
CA HIS A 450 -17.16 19.99 30.42
C HIS A 450 -18.61 19.70 30.02
N ALA A 451 -18.79 18.71 29.14
CA ALA A 451 -20.13 18.34 28.69
C ALA A 451 -20.18 16.86 28.31
N VAL A 452 -21.26 16.21 28.73
CA VAL A 452 -21.49 14.79 28.47
C VAL A 452 -22.91 14.74 27.90
N ASN A 453 -23.10 14.07 26.76
CA ASN A 453 -24.42 13.99 26.15
C ASN A 453 -24.89 12.63 25.65
N GLY A 454 -26.22 12.45 25.67
CA GLY A 454 -26.84 11.23 25.19
C GLY A 454 -27.30 11.51 23.77
N VAL A 455 -27.78 10.50 23.05
CA VAL A 455 -28.19 10.72 21.66
C VAL A 455 -29.69 10.79 21.39
N ALA A 456 -30.49 10.82 22.45
CA ALA A 456 -31.94 10.89 22.32
C ALA A 456 -32.50 11.20 23.71
N LYS A 457 -33.53 12.04 23.76
CA LYS A 457 -34.13 12.43 25.04
C LYS A 457 -34.21 11.28 26.04
N ILE A 458 -34.87 10.20 25.64
CA ILE A 458 -35.01 9.05 26.52
C ILE A 458 -33.65 8.53 26.98
N HIS A 459 -32.72 8.40 26.04
CA HIS A 459 -31.37 7.91 26.35
C HIS A 459 -30.64 8.85 27.31
N SER A 460 -30.50 10.11 26.90
CA SER A 460 -29.82 11.09 27.71
C SER A 460 -30.37 11.16 29.13
N ASP A 461 -31.66 10.91 29.28
CA ASP A 461 -32.28 10.97 30.60
C ASP A 461 -31.79 9.82 31.49
N ILE A 462 -31.70 8.62 30.93
CA ILE A 462 -31.24 7.46 31.69
C ILE A 462 -29.75 7.61 32.00
N VAL A 463 -29.00 8.18 31.06
CA VAL A 463 -27.57 8.39 31.25
C VAL A 463 -27.34 9.35 32.42
N LYS A 464 -28.12 10.42 32.44
CA LYS A 464 -27.99 11.43 33.47
C LYS A 464 -28.50 10.97 34.82
N THR A 465 -29.82 10.78 34.92
CA THR A 465 -30.46 10.36 36.16
C THR A 465 -30.13 8.97 36.69
N LYS A 466 -29.94 7.99 35.80
CA LYS A 466 -29.65 6.63 36.26
C LYS A 466 -28.18 6.25 36.21
N VAL A 467 -27.72 5.85 35.04
CA VAL A 467 -26.34 5.42 34.84
C VAL A 467 -25.25 6.25 35.49
N PHE A 468 -25.40 7.57 35.48
CA PHE A 468 -24.39 8.44 36.08
C PHE A 468 -24.98 9.44 37.05
N LYS A 469 -25.99 9.00 37.79
CA LYS A 469 -26.65 9.85 38.76
C LYS A 469 -25.66 10.50 39.74
N ASP A 470 -24.74 9.69 40.28
CA ASP A 470 -23.73 10.17 41.22
C ASP A 470 -22.99 11.37 40.67
N PHE A 471 -22.64 11.28 39.38
CA PHE A 471 -21.91 12.36 38.71
C PHE A 471 -22.76 13.58 38.40
N SER A 472 -23.89 13.36 37.73
CA SER A 472 -24.79 14.46 37.37
C SER A 472 -25.29 15.22 38.60
N GLU A 473 -25.33 14.53 39.74
CA GLU A 473 -25.78 15.14 41.00
C GLU A 473 -24.84 16.26 41.38
N LEU A 474 -23.55 16.03 41.19
CA LEU A 474 -22.50 17.00 41.49
C LEU A 474 -22.60 18.16 40.49
N GLU A 475 -22.58 17.81 39.22
CA GLU A 475 -22.65 18.80 38.16
C GLU A 475 -23.82 18.50 37.26
N PRO A 476 -25.01 19.00 37.62
CA PRO A 476 -26.22 18.78 36.83
C PRO A 476 -26.09 19.34 35.42
N ASP A 477 -25.58 20.57 35.36
CA ASP A 477 -25.39 21.30 34.11
C ASP A 477 -24.50 20.61 33.08
N LYS A 478 -23.64 19.71 33.54
CA LYS A 478 -22.74 19.02 32.61
C LYS A 478 -23.45 18.08 31.64
N PHE A 479 -24.46 17.39 32.14
CA PHE A 479 -25.19 16.42 31.33
C PHE A 479 -26.31 17.02 30.50
N GLN A 480 -26.28 16.76 29.20
CA GLN A 480 -27.31 17.24 28.27
C GLN A 480 -27.73 16.19 27.25
N ASN A 481 -28.62 16.58 26.35
CA ASN A 481 -29.10 15.67 25.32
C ASN A 481 -28.93 16.32 23.96
N LYS A 482 -28.68 15.49 22.96
CA LYS A 482 -28.54 15.95 21.58
C LYS A 482 -29.12 14.83 20.73
N THR A 483 -30.42 14.91 20.43
CA THR A 483 -31.08 13.90 19.63
C THR A 483 -30.39 13.82 18.28
N ASN A 484 -30.05 12.60 17.90
CA ASN A 484 -29.39 12.33 16.64
C ASN A 484 -30.16 12.85 15.45
N GLY A 485 -29.51 12.79 14.30
CA GLY A 485 -30.11 13.26 13.07
C GLY A 485 -29.32 12.69 11.92
N ILE A 486 -29.89 12.77 10.72
CA ILE A 486 -29.24 12.25 9.52
C ILE A 486 -29.14 13.40 8.51
N THR A 487 -28.18 13.32 7.59
CA THR A 487 -28.06 14.38 6.61
C THR A 487 -29.08 14.23 5.48
N PRO A 488 -29.94 15.26 5.30
CA PRO A 488 -30.97 15.24 4.25
C PRO A 488 -30.38 15.28 2.85
N ARG A 489 -29.06 15.34 2.77
CA ARG A 489 -28.41 15.37 1.47
C ARG A 489 -28.29 13.94 0.96
N ARG A 490 -27.43 13.17 1.60
CA ARG A 490 -27.22 11.79 1.20
C ARG A 490 -28.48 10.95 1.41
N TRP A 491 -29.24 11.27 2.45
CA TRP A 491 -30.44 10.51 2.78
C TRP A 491 -31.75 11.01 2.19
N LEU A 492 -31.67 11.89 1.20
CA LEU A 492 -32.87 12.39 0.52
C LEU A 492 -32.48 12.77 -0.90
N LEU A 493 -31.79 13.89 -1.04
CA LEU A 493 -31.36 14.35 -2.36
C LEU A 493 -30.64 13.26 -3.13
N LEU A 494 -29.71 12.57 -2.47
CA LEU A 494 -28.93 11.54 -3.13
C LEU A 494 -29.64 10.21 -3.32
N CYS A 495 -30.12 9.63 -2.22
CA CYS A 495 -30.79 8.33 -2.29
C CYS A 495 -32.19 8.35 -2.87
N ASN A 496 -32.87 9.50 -2.82
CA ASN A 496 -34.23 9.58 -3.33
C ASN A 496 -34.48 10.87 -4.11
N PRO A 497 -33.92 10.98 -5.32
CA PRO A 497 -34.10 12.18 -6.14
C PRO A 497 -35.57 12.47 -6.45
N GLY A 498 -36.32 11.40 -6.76
CA GLY A 498 -37.73 11.54 -7.08
C GLY A 498 -38.52 12.22 -5.97
N LEU A 499 -38.28 11.83 -4.73
CA LEU A 499 -38.98 12.42 -3.60
C LEU A 499 -38.50 13.85 -3.40
N ALA A 500 -37.19 14.03 -3.41
CA ALA A 500 -36.60 15.34 -3.22
C ALA A 500 -37.21 16.30 -4.23
N GLU A 501 -37.29 15.86 -5.48
CA GLU A 501 -37.84 16.67 -6.55
C GLU A 501 -39.31 16.98 -6.35
N LEU A 502 -40.09 15.97 -5.96
CA LEU A 502 -41.51 16.14 -5.72
C LEU A 502 -41.70 17.24 -4.69
N ILE A 503 -40.99 17.12 -3.58
CA ILE A 503 -41.10 18.07 -2.48
C ILE A 503 -40.68 19.47 -2.93
N ALA A 504 -39.59 19.56 -3.66
CA ALA A 504 -39.09 20.84 -4.14
C ALA A 504 -40.13 21.53 -5.03
N GLU A 505 -40.77 20.73 -5.88
CA GLU A 505 -41.79 21.24 -6.79
C GLU A 505 -42.98 21.81 -6.04
N LYS A 506 -43.21 21.32 -4.83
CA LYS A 506 -44.34 21.78 -4.04
C LYS A 506 -44.00 22.87 -3.03
N ILE A 507 -42.79 22.85 -2.49
CA ILE A 507 -42.44 23.86 -1.48
C ILE A 507 -41.11 24.59 -1.63
N GLY A 508 -40.39 24.34 -2.72
CA GLY A 508 -39.11 25.01 -2.90
C GLY A 508 -37.97 24.16 -2.36
N GLU A 509 -36.73 24.57 -2.61
CA GLU A 509 -35.57 23.81 -2.17
C GLU A 509 -34.94 24.28 -0.86
N ASP A 510 -35.61 25.20 -0.18
CA ASP A 510 -35.11 25.70 1.09
C ASP A 510 -34.99 24.57 2.11
N TYR A 511 -35.91 23.62 2.05
CA TYR A 511 -35.93 22.48 2.98
C TYR A 511 -34.63 21.71 3.08
N VAL A 512 -33.83 21.74 2.02
CA VAL A 512 -32.57 21.01 2.02
C VAL A 512 -31.58 21.55 3.04
N LYS A 513 -31.61 22.85 3.30
CA LYS A 513 -30.70 23.47 4.27
C LYS A 513 -31.43 23.76 5.59
N ASP A 514 -32.75 23.62 5.56
CA ASP A 514 -33.61 23.83 6.71
C ASP A 514 -34.74 22.81 6.58
N LEU A 515 -34.48 21.59 7.02
CA LEU A 515 -35.48 20.53 6.90
C LEU A 515 -36.78 20.79 7.65
N SER A 516 -36.76 21.73 8.60
CA SER A 516 -37.97 22.04 9.34
C SER A 516 -39.02 22.55 8.34
N GLN A 517 -38.57 22.90 7.15
CA GLN A 517 -39.45 23.41 6.10
C GLN A 517 -40.39 22.34 5.59
N LEU A 518 -40.12 21.08 5.94
CA LEU A 518 -40.96 19.99 5.48
C LEU A 518 -42.37 20.07 6.06
N THR A 519 -42.55 20.84 7.13
CA THR A 519 -43.86 20.98 7.74
C THR A 519 -44.81 21.69 6.78
N LYS A 520 -44.25 22.37 5.80
CA LYS A 520 -45.03 23.08 4.79
C LYS A 520 -45.80 22.09 3.92
N LEU A 521 -45.42 20.83 3.99
CA LEU A 521 -46.06 19.80 3.19
C LEU A 521 -47.44 19.44 3.74
N HIS A 522 -47.78 19.99 4.91
CA HIS A 522 -49.08 19.72 5.52
C HIS A 522 -50.21 20.36 4.75
N SER A 523 -49.88 21.36 3.93
CA SER A 523 -50.88 22.06 3.14
C SER A 523 -51.47 21.15 2.07
N PHE A 524 -50.75 20.09 1.72
CA PHE A 524 -51.18 19.17 0.68
C PHE A 524 -51.80 17.88 1.20
N LEU A 525 -52.33 17.95 2.41
CA LEU A 525 -52.97 16.79 3.02
C LEU A 525 -54.22 16.36 2.26
N GLY A 526 -55.03 17.31 1.83
CA GLY A 526 -56.24 16.98 1.10
C GLY A 526 -56.02 16.95 -0.40
N ASP A 527 -54.77 16.99 -0.83
CA ASP A 527 -54.41 16.98 -2.25
C ASP A 527 -54.29 15.57 -2.82
N ASP A 528 -55.38 15.07 -3.40
CA ASP A 528 -55.38 13.73 -3.95
C ASP A 528 -54.38 13.55 -5.09
N VAL A 529 -54.20 14.58 -5.89
CA VAL A 529 -53.25 14.49 -7.00
C VAL A 529 -51.83 14.37 -6.44
N PHE A 530 -51.57 15.06 -5.34
CA PHE A 530 -50.24 15.02 -4.73
C PHE A 530 -50.02 13.66 -4.09
N LEU A 531 -50.99 13.19 -3.31
CA LEU A 531 -50.86 11.89 -2.67
C LEU A 531 -50.56 10.83 -3.72
N ARG A 532 -51.18 10.98 -4.89
CA ARG A 532 -50.97 10.04 -5.97
C ARG A 532 -49.54 10.14 -6.50
N GLU A 533 -48.99 11.36 -6.51
CA GLU A 533 -47.64 11.60 -6.99
C GLU A 533 -46.63 11.01 -6.01
N LEU A 534 -46.93 11.19 -4.72
CA LEU A 534 -46.11 10.68 -3.66
C LEU A 534 -46.01 9.17 -3.82
N ALA A 535 -47.16 8.51 -3.84
CA ALA A 535 -47.21 7.07 -4.00
C ALA A 535 -46.48 6.61 -5.26
N LYS A 536 -46.64 7.38 -6.33
CA LYS A 536 -46.00 7.04 -7.61
C LYS A 536 -44.49 7.01 -7.43
N VAL A 537 -43.97 8.03 -6.76
CA VAL A 537 -42.53 8.11 -6.50
C VAL A 537 -42.09 6.82 -5.78
N LYS A 538 -42.86 6.42 -4.77
CA LYS A 538 -42.55 5.21 -4.02
C LYS A 538 -42.63 3.98 -4.91
N GLN A 539 -43.56 4.00 -5.85
CA GLN A 539 -43.72 2.89 -6.76
C GLN A 539 -42.50 2.72 -7.64
N GLU A 540 -41.99 3.83 -8.17
CA GLU A 540 -40.82 3.78 -9.02
C GLU A 540 -39.62 3.26 -8.25
N ASN A 541 -39.55 3.60 -6.97
CA ASN A 541 -38.46 3.15 -6.10
C ASN A 541 -38.50 1.65 -5.94
N LYS A 542 -39.68 1.16 -5.58
CA LYS A 542 -39.91 -0.26 -5.38
C LYS A 542 -39.61 -1.06 -6.64
N LEU A 543 -39.98 -0.51 -7.79
CA LEU A 543 -39.73 -1.19 -9.04
C LEU A 543 -38.25 -1.31 -9.36
N LYS A 544 -37.54 -0.20 -9.22
CA LYS A 544 -36.11 -0.18 -9.46
C LYS A 544 -35.42 -1.18 -8.53
N PHE A 545 -35.80 -1.16 -7.26
CA PHE A 545 -35.21 -2.06 -6.28
C PHE A 545 -35.63 -3.52 -6.48
N SER A 546 -36.86 -3.73 -6.93
CA SER A 546 -37.35 -5.08 -7.18
C SER A 546 -36.48 -5.71 -8.25
N GLN A 547 -36.10 -4.92 -9.25
CA GLN A 547 -35.26 -5.41 -10.33
C GLN A 547 -33.94 -5.87 -9.74
N PHE A 548 -33.39 -5.03 -8.86
CA PHE A 548 -32.14 -5.34 -8.18
C PHE A 548 -32.26 -6.70 -7.50
N LEU A 549 -33.33 -6.88 -6.72
CA LEU A 549 -33.58 -8.12 -5.99
C LEU A 549 -33.68 -9.32 -6.92
N GLU A 550 -34.46 -9.19 -7.99
CA GLU A 550 -34.64 -10.28 -8.92
C GLU A 550 -33.32 -10.67 -9.57
N THR A 551 -32.48 -9.70 -9.89
CA THR A 551 -31.20 -10.00 -10.52
C THR A 551 -30.18 -10.54 -9.51
N GLU A 552 -30.29 -10.09 -8.26
CA GLU A 552 -29.37 -10.53 -7.22
C GLU A 552 -29.76 -11.90 -6.70
N TYR A 553 -31.01 -11.98 -6.24
CA TYR A 553 -31.54 -13.23 -5.70
C TYR A 553 -32.48 -13.86 -6.72
N LYS A 554 -32.54 -15.19 -6.71
CA LYS A 554 -33.42 -15.92 -7.63
C LYS A 554 -34.81 -15.93 -7.02
N VAL A 555 -35.50 -14.81 -7.11
CA VAL A 555 -36.84 -14.71 -6.54
C VAL A 555 -37.69 -13.72 -7.31
N LYS A 556 -38.94 -14.09 -7.56
CA LYS A 556 -39.86 -13.22 -8.27
C LYS A 556 -40.56 -12.34 -7.25
N ILE A 557 -40.20 -11.06 -7.25
CA ILE A 557 -40.78 -10.10 -6.33
C ILE A 557 -42.14 -9.61 -6.83
N ASN A 558 -43.04 -9.34 -5.89
CA ASN A 558 -44.37 -8.85 -6.21
C ASN A 558 -44.31 -7.33 -6.07
N PRO A 559 -44.11 -6.63 -7.18
CA PRO A 559 -44.01 -5.17 -7.23
C PRO A 559 -45.11 -4.40 -6.50
N SER A 560 -46.27 -5.02 -6.33
CA SER A 560 -47.37 -4.35 -5.66
C SER A 560 -47.49 -4.76 -4.18
N SER A 561 -46.59 -5.63 -3.74
CA SER A 561 -46.61 -6.09 -2.37
C SER A 561 -46.04 -5.01 -1.45
N MET A 562 -46.44 -5.06 -0.19
CA MET A 562 -45.96 -4.10 0.80
C MET A 562 -44.52 -4.48 1.12
N PHE A 563 -43.62 -3.52 1.04
CA PHE A 563 -42.20 -3.80 1.33
C PHE A 563 -41.94 -3.59 2.82
N ASP A 564 -41.84 -4.71 3.54
CA ASP A 564 -41.57 -4.73 4.98
C ASP A 564 -40.06 -4.90 5.15
N VAL A 565 -39.39 -3.82 5.56
CA VAL A 565 -37.94 -3.87 5.70
C VAL A 565 -37.38 -3.58 7.09
N GLN A 566 -36.44 -4.43 7.50
CA GLN A 566 -35.75 -4.24 8.78
C GLN A 566 -34.28 -4.44 8.45
N VAL A 567 -33.57 -3.34 8.32
CA VAL A 567 -32.16 -3.38 7.99
C VAL A 567 -31.35 -2.66 9.05
N LYS A 568 -30.35 -3.36 9.59
CA LYS A 568 -29.47 -2.82 10.62
C LYS A 568 -28.54 -3.96 11.04
N ARG A 569 -27.61 -3.69 11.95
CA ARG A 569 -26.70 -4.72 12.40
C ARG A 569 -27.51 -5.80 13.11
N ILE A 570 -27.12 -7.06 12.91
CA ILE A 570 -27.82 -8.17 13.54
C ILE A 570 -27.48 -8.21 15.02
N HIS A 571 -28.50 -8.01 15.85
CA HIS A 571 -28.29 -8.03 17.28
C HIS A 571 -29.54 -8.46 18.01
N GLU A 572 -29.36 -9.21 19.09
CA GLU A 572 -30.50 -9.69 19.86
C GLU A 572 -31.36 -8.56 20.41
N TYR A 573 -30.73 -7.48 20.86
CA TYR A 573 -31.51 -6.37 21.42
C TYR A 573 -32.34 -5.71 20.34
N LYS A 574 -31.91 -5.85 19.10
CA LYS A 574 -32.61 -5.26 17.95
C LYS A 574 -33.83 -6.10 17.54
N ARG A 575 -33.83 -7.37 17.95
CA ARG A 575 -34.92 -8.30 17.70
C ARG A 575 -35.32 -8.68 16.29
N GLN A 576 -34.34 -9.03 15.46
CA GLN A 576 -34.66 -9.48 14.11
C GLN A 576 -35.37 -10.82 14.30
N LEU A 577 -35.12 -11.44 15.45
CA LEU A 577 -35.72 -12.72 15.81
C LEU A 577 -37.24 -12.54 15.97
N LEU A 578 -37.63 -11.46 16.65
CA LEU A 578 -39.03 -11.15 16.86
C LEU A 578 -39.70 -11.06 15.48
N ASN A 579 -39.06 -10.35 14.57
CA ASN A 579 -39.57 -10.20 13.21
C ASN A 579 -39.72 -11.56 12.54
N CYS A 580 -38.75 -12.44 12.76
CA CYS A 580 -38.77 -13.77 12.19
C CYS A 580 -39.94 -14.61 12.67
N LEU A 581 -40.39 -14.38 13.90
CA LEU A 581 -41.51 -15.13 14.43
C LEU A 581 -42.79 -14.66 13.74
N HIS A 582 -42.85 -13.37 13.42
CA HIS A 582 -44.02 -12.82 12.74
C HIS A 582 -44.08 -13.31 11.30
N VAL A 583 -42.93 -13.52 10.68
CA VAL A 583 -42.88 -14.01 9.31
C VAL A 583 -43.41 -15.44 9.28
N ILE A 584 -42.98 -16.25 10.23
CA ILE A 584 -43.42 -17.63 10.33
C ILE A 584 -44.89 -17.61 10.69
N THR A 585 -45.25 -16.71 11.60
CA THR A 585 -46.63 -16.57 12.04
C THR A 585 -47.52 -16.22 10.82
N MET A 586 -46.98 -15.41 9.91
CA MET A 586 -47.71 -15.02 8.71
C MET A 586 -47.82 -16.20 7.74
N TYR A 587 -46.72 -16.92 7.58
CA TYR A 587 -46.66 -18.07 6.69
C TYR A 587 -47.69 -19.13 7.09
N ASN A 588 -47.74 -19.44 8.38
CA ASN A 588 -48.69 -20.45 8.87
C ASN A 588 -50.12 -20.07 8.52
N ARG A 589 -50.46 -18.78 8.65
CA ARG A 589 -51.82 -18.30 8.36
C ARG A 589 -52.17 -18.52 6.89
N ILE A 590 -51.19 -18.37 6.02
CA ILE A 590 -51.40 -18.54 4.58
C ILE A 590 -51.74 -19.99 4.22
N LYS A 591 -51.23 -20.94 4.99
CA LYS A 591 -51.48 -22.36 4.73
C LYS A 591 -52.85 -22.77 5.23
N LYS A 592 -53.20 -22.34 6.43
CA LYS A 592 -54.48 -22.66 7.04
C LYS A 592 -55.64 -21.92 6.37
N ASP A 593 -55.34 -21.16 5.32
CA ASP A 593 -56.37 -20.41 4.62
C ASP A 593 -55.77 -19.65 3.44
N PRO A 594 -55.25 -20.39 2.43
CA PRO A 594 -54.64 -19.79 1.25
C PRO A 594 -55.57 -18.93 0.40
N LYS A 595 -56.86 -18.94 0.71
CA LYS A 595 -57.84 -18.17 -0.05
C LYS A 595 -58.25 -16.87 0.63
N LYS A 596 -57.89 -16.73 1.90
CA LYS A 596 -58.22 -15.54 2.68
C LYS A 596 -57.63 -14.28 2.06
N LEU A 597 -58.45 -13.23 1.94
CA LEU A 597 -57.98 -11.96 1.37
C LEU A 597 -56.75 -11.55 2.17
N PHE A 598 -55.64 -11.35 1.46
CA PHE A 598 -54.38 -11.01 2.10
C PHE A 598 -53.59 -9.91 1.42
N VAL A 599 -53.01 -9.02 2.21
CA VAL A 599 -52.18 -7.95 1.69
C VAL A 599 -50.82 -8.62 1.47
N PRO A 600 -50.37 -8.73 0.22
CA PRO A 600 -49.08 -9.37 -0.06
C PRO A 600 -47.93 -8.58 0.55
N ARG A 601 -46.84 -9.27 0.86
CA ARG A 601 -45.68 -8.65 1.47
C ARG A 601 -44.37 -9.20 0.95
N THR A 602 -43.36 -8.33 0.92
CA THR A 602 -42.01 -8.75 0.56
C THR A 602 -41.22 -8.33 1.78
N VAL A 603 -40.99 -9.29 2.67
CA VAL A 603 -40.26 -9.01 3.89
C VAL A 603 -38.77 -9.09 3.66
N ILE A 604 -38.08 -7.97 3.85
CA ILE A 604 -36.64 -7.93 3.67
C ILE A 604 -35.95 -7.70 5.01
N ILE A 605 -34.96 -8.53 5.28
CA ILE A 605 -34.19 -8.43 6.51
C ILE A 605 -32.72 -8.52 6.16
N GLY A 606 -31.97 -7.47 6.52
CA GLY A 606 -30.54 -7.47 6.23
C GLY A 606 -29.72 -6.92 7.38
N GLY A 607 -28.42 -7.21 7.36
CA GLY A 607 -27.56 -6.75 8.42
C GLY A 607 -26.39 -7.69 8.60
N LYS A 608 -25.27 -7.13 9.05
CA LYS A 608 -24.07 -7.94 9.25
C LYS A 608 -24.04 -8.37 10.69
N ALA A 609 -23.42 -9.52 10.93
CA ALA A 609 -23.30 -10.04 12.29
C ALA A 609 -21.82 -9.99 12.65
N ALA A 610 -21.51 -9.59 13.88
CA ALA A 610 -20.12 -9.54 14.28
C ALA A 610 -19.66 -10.97 14.09
N PRO A 611 -18.49 -11.17 13.46
CA PRO A 611 -17.93 -12.50 13.19
C PRO A 611 -18.01 -13.49 14.35
N GLY A 612 -17.72 -13.00 15.55
CA GLY A 612 -17.75 -13.85 16.72
C GLY A 612 -19.04 -13.82 17.51
N TYR A 613 -20.11 -13.28 16.92
CA TYR A 613 -21.40 -13.23 17.59
C TYR A 613 -22.24 -14.43 17.17
N HIS A 614 -22.16 -15.50 17.97
CA HIS A 614 -22.87 -16.75 17.68
C HIS A 614 -24.38 -16.61 17.49
N MET A 615 -25.06 -16.12 18.51
CA MET A 615 -26.50 -15.97 18.43
C MET A 615 -26.88 -15.25 17.14
N ALA A 616 -26.30 -14.07 16.93
CA ALA A 616 -26.58 -13.28 15.74
C ALA A 616 -26.41 -14.08 14.46
N LYS A 617 -25.38 -14.93 14.44
CA LYS A 617 -25.13 -15.74 13.27
C LYS A 617 -26.14 -16.87 13.18
N MET A 618 -26.69 -17.27 14.32
CA MET A 618 -27.70 -18.32 14.35
C MET A 618 -29.00 -17.71 13.81
N ILE A 619 -29.32 -16.51 14.27
CA ILE A 619 -30.52 -15.80 13.85
C ILE A 619 -30.50 -15.53 12.35
N ILE A 620 -29.31 -15.42 11.76
CA ILE A 620 -29.21 -15.19 10.32
C ILE A 620 -29.64 -16.48 9.63
N LYS A 621 -29.04 -17.58 10.05
CA LYS A 621 -29.34 -18.89 9.49
C LYS A 621 -30.83 -19.17 9.57
N LEU A 622 -31.46 -18.79 10.68
CA LEU A 622 -32.89 -19.00 10.84
C LEU A 622 -33.62 -18.26 9.73
N ILE A 623 -33.34 -16.96 9.58
CA ILE A 623 -34.00 -16.16 8.57
C ILE A 623 -33.85 -16.76 7.17
N THR A 624 -32.63 -17.11 6.80
CA THR A 624 -32.41 -17.69 5.49
C THR A 624 -33.18 -19.03 5.39
N SER A 625 -33.30 -19.73 6.51
CA SER A 625 -34.01 -21.03 6.56
C SER A 625 -35.50 -20.83 6.37
N VAL A 626 -36.06 -19.92 7.15
CA VAL A 626 -37.47 -19.60 7.08
C VAL A 626 -37.75 -19.10 5.66
N ALA A 627 -36.82 -18.31 5.13
CA ALA A 627 -36.96 -17.77 3.78
C ALA A 627 -37.10 -18.87 2.75
N ASP A 628 -36.22 -19.86 2.83
CA ASP A 628 -36.23 -20.98 1.91
C ASP A 628 -37.56 -21.72 1.85
N VAL A 629 -38.20 -21.89 3.00
CA VAL A 629 -39.48 -22.59 3.04
C VAL A 629 -40.56 -21.70 2.44
N VAL A 630 -40.75 -20.53 3.04
CA VAL A 630 -41.76 -19.59 2.57
C VAL A 630 -41.67 -19.36 1.07
N ASN A 631 -40.51 -18.88 0.63
CA ASN A 631 -40.27 -18.58 -0.78
C ASN A 631 -40.52 -19.70 -1.77
N ASN A 632 -40.43 -20.95 -1.33
CA ASN A 632 -40.61 -22.06 -2.25
C ASN A 632 -41.90 -22.85 -2.08
N ASP A 633 -42.77 -22.38 -1.19
CA ASP A 633 -44.04 -23.04 -0.96
C ASP A 633 -45.01 -22.58 -2.04
N PRO A 634 -45.40 -23.49 -2.95
CA PRO A 634 -46.33 -23.13 -4.03
C PRO A 634 -47.67 -22.64 -3.47
N MET A 635 -47.93 -22.99 -2.22
CA MET A 635 -49.16 -22.60 -1.55
C MET A 635 -49.17 -21.09 -1.30
N VAL A 636 -48.08 -20.57 -0.72
CA VAL A 636 -47.99 -19.14 -0.44
C VAL A 636 -47.79 -18.37 -1.75
N GLY A 637 -46.94 -18.90 -2.62
CA GLY A 637 -46.70 -18.26 -3.90
C GLY A 637 -46.34 -16.80 -3.78
N SER A 638 -47.03 -15.95 -4.53
CA SER A 638 -46.75 -14.52 -4.51
C SER A 638 -47.42 -13.77 -3.37
N LYS A 639 -47.95 -14.49 -2.39
CA LYS A 639 -48.61 -13.86 -1.26
C LYS A 639 -47.58 -13.31 -0.27
N LEU A 640 -46.43 -13.97 -0.19
CA LEU A 640 -45.37 -13.56 0.74
C LEU A 640 -43.99 -14.05 0.32
N LYS A 641 -43.01 -13.15 0.38
CA LYS A 641 -41.63 -13.48 0.03
C LYS A 641 -40.69 -12.92 1.09
N VAL A 642 -39.69 -13.71 1.45
CA VAL A 642 -38.71 -13.33 2.46
C VAL A 642 -37.30 -13.28 1.86
N ILE A 643 -36.63 -12.15 2.04
CA ILE A 643 -35.29 -11.97 1.51
C ILE A 643 -34.33 -11.52 2.58
N PHE A 644 -33.13 -12.09 2.59
CA PHE A 644 -32.13 -11.66 3.54
C PHE A 644 -31.22 -10.76 2.72
N LEU A 645 -31.30 -9.46 2.95
CA LEU A 645 -30.48 -8.51 2.20
C LEU A 645 -29.02 -8.68 2.56
N GLU A 646 -28.27 -9.25 1.64
CA GLU A 646 -26.84 -9.51 1.82
C GLU A 646 -25.98 -8.24 1.83
N ASN A 647 -24.86 -8.31 2.57
CA ASN A 647 -23.90 -7.20 2.64
C ASN A 647 -24.50 -5.82 2.84
N TYR A 648 -25.36 -5.68 3.84
CA TYR A 648 -25.97 -4.39 4.12
C TYR A 648 -24.88 -3.36 4.46
N ARG A 649 -24.88 -2.25 3.73
CA ARG A 649 -23.92 -1.18 3.93
C ARG A 649 -24.55 0.15 3.48
N VAL A 650 -23.83 1.25 3.69
CA VAL A 650 -24.35 2.57 3.33
C VAL A 650 -24.84 2.72 1.89
N SER A 651 -24.08 2.22 0.92
CA SER A 651 -24.51 2.35 -0.47
C SER A 651 -25.77 1.52 -0.77
N LEU A 652 -25.94 0.40 -0.07
CA LEU A 652 -27.11 -0.46 -0.26
C LEU A 652 -28.30 0.11 0.48
N ALA A 653 -28.02 0.79 1.60
CA ALA A 653 -29.06 1.41 2.40
C ALA A 653 -29.73 2.52 1.58
N GLU A 654 -28.94 3.21 0.78
CA GLU A 654 -29.44 4.28 -0.07
C GLU A 654 -30.36 3.72 -1.13
N LYS A 655 -30.23 2.42 -1.37
CA LYS A 655 -31.05 1.74 -2.37
C LYS A 655 -32.33 1.18 -1.77
N VAL A 656 -32.22 0.43 -0.68
CA VAL A 656 -33.37 -0.19 -0.07
C VAL A 656 -34.30 0.74 0.73
N ILE A 657 -33.74 1.76 1.38
CA ILE A 657 -34.56 2.66 2.18
C ILE A 657 -35.64 3.40 1.38
N PRO A 658 -35.28 4.00 0.23
CA PRO A 658 -36.26 4.73 -0.56
C PRO A 658 -37.39 3.85 -1.11
N ALA A 659 -37.16 2.54 -1.11
CA ALA A 659 -38.12 1.56 -1.61
C ALA A 659 -38.93 0.86 -0.52
N THR A 660 -38.89 1.37 0.70
CA THR A 660 -39.58 0.75 1.83
C THR A 660 -40.96 1.33 2.17
N ASP A 661 -41.90 0.45 2.50
CA ASP A 661 -43.26 0.83 2.87
C ASP A 661 -43.37 0.82 4.40
N LEU A 662 -42.79 -0.21 5.00
CA LEU A 662 -42.84 -0.37 6.44
C LEU A 662 -41.43 -0.56 7.00
N SER A 663 -41.09 0.31 7.94
CA SER A 663 -39.78 0.31 8.61
C SER A 663 -39.89 -0.36 9.98
N GLU A 664 -39.11 -1.41 10.19
CA GLU A 664 -39.12 -2.14 11.46
C GLU A 664 -38.11 -1.61 12.46
N GLN A 665 -38.61 -1.05 13.56
CA GLN A 665 -37.76 -0.50 14.61
C GLN A 665 -38.30 -1.07 15.92
N ILE A 666 -38.11 -2.37 16.08
CA ILE A 666 -38.63 -3.13 17.19
C ILE A 666 -37.68 -3.57 18.32
N SER A 667 -36.69 -2.72 18.61
CA SER A 667 -35.75 -3.02 19.69
C SER A 667 -36.47 -3.01 21.03
N THR A 668 -36.01 -3.83 21.96
CA THR A 668 -36.65 -3.87 23.28
C THR A 668 -36.55 -2.47 23.88
N ALA A 669 -37.62 -2.03 24.54
CA ALA A 669 -37.64 -0.71 25.15
C ALA A 669 -36.46 -0.51 26.08
N GLY A 670 -35.67 0.52 25.80
CA GLY A 670 -34.52 0.83 26.62
C GLY A 670 -33.19 0.34 26.06
N THR A 671 -33.21 -0.32 24.91
CA THR A 671 -31.99 -0.86 24.32
C THR A 671 -31.36 -0.06 23.17
N GLU A 672 -32.19 0.69 22.44
CA GLU A 672 -31.69 1.49 21.31
C GLU A 672 -31.54 2.94 21.77
N ALA A 673 -30.31 3.34 22.08
CA ALA A 673 -30.01 4.69 22.54
C ALA A 673 -30.80 5.71 21.74
N SER A 674 -30.83 5.53 20.43
CA SER A 674 -31.56 6.45 19.59
C SER A 674 -31.98 5.82 18.27
N GLY A 675 -31.00 5.37 17.50
CA GLY A 675 -31.26 4.79 16.21
C GLY A 675 -31.21 5.92 15.20
N THR A 676 -30.91 5.61 13.93
CA THR A 676 -30.86 6.64 12.91
C THR A 676 -31.48 6.12 11.62
N GLY A 677 -31.44 4.80 11.42
CA GLY A 677 -32.03 4.24 10.23
C GLY A 677 -33.51 4.57 10.30
N ASN A 678 -34.03 4.58 11.52
CA ASN A 678 -35.42 4.90 11.74
C ASN A 678 -35.75 6.25 11.11
N MET A 679 -34.88 7.23 11.32
CA MET A 679 -35.07 8.56 10.77
C MET A 679 -34.99 8.55 9.24
N LYS A 680 -34.12 7.73 8.68
CA LYS A 680 -33.97 7.65 7.23
C LYS A 680 -35.24 7.12 6.56
N PHE A 681 -35.88 6.14 7.16
CA PHE A 681 -37.10 5.57 6.60
C PHE A 681 -38.21 6.62 6.65
N MET A 682 -38.35 7.27 7.79
CA MET A 682 -39.37 8.29 7.96
C MET A 682 -39.27 9.42 6.93
N LEU A 683 -38.05 9.79 6.58
CA LEU A 683 -37.82 10.86 5.62
C LEU A 683 -38.11 10.41 4.19
N ASN A 684 -37.94 9.12 3.94
CA ASN A 684 -38.16 8.58 2.61
C ASN A 684 -39.53 7.99 2.31
N GLY A 685 -40.51 8.27 3.16
CA GLY A 685 -41.85 7.79 2.89
C GLY A 685 -42.26 6.40 3.33
N ALA A 686 -41.76 5.95 4.47
CA ALA A 686 -42.11 4.64 4.99
C ALA A 686 -42.82 4.89 6.32
N LEU A 687 -43.74 4.01 6.68
CA LEU A 687 -44.42 4.15 7.95
C LEU A 687 -43.58 3.34 8.93
N THR A 688 -43.68 3.65 10.21
CA THR A 688 -42.88 2.92 11.18
C THR A 688 -43.64 2.03 12.14
N ILE A 689 -43.15 0.80 12.28
CA ILE A 689 -43.72 -0.15 13.23
C ILE A 689 -42.59 -0.30 14.24
N GLY A 690 -42.83 0.12 15.47
CA GLY A 690 -41.78 0.00 16.46
C GLY A 690 -42.19 0.24 17.90
N THR A 691 -41.22 0.08 18.79
CA THR A 691 -41.45 0.29 20.22
C THR A 691 -41.14 1.73 20.60
N MET A 692 -41.55 2.09 21.81
CA MET A 692 -41.31 3.44 22.32
C MET A 692 -39.87 3.44 22.84
N ASP A 693 -38.91 3.33 21.93
CA ASP A 693 -37.49 3.28 22.27
C ASP A 693 -36.67 4.29 21.45
N GLY A 694 -35.53 4.70 22.00
CA GLY A 694 -34.67 5.64 21.29
C GLY A 694 -35.38 6.86 20.73
N ALA A 695 -35.03 7.24 19.51
CA ALA A 695 -35.66 8.39 18.87
C ALA A 695 -37.09 8.08 18.38
N ASN A 696 -37.47 6.81 18.42
CA ASN A 696 -38.82 6.41 18.01
C ASN A 696 -39.81 7.29 18.76
N VAL A 697 -39.53 7.49 20.04
CA VAL A 697 -40.38 8.29 20.91
C VAL A 697 -40.52 9.71 20.39
N GLU A 698 -39.44 10.26 19.86
CA GLU A 698 -39.50 11.63 19.36
C GLU A 698 -40.14 11.72 17.98
N MET A 699 -39.99 10.68 17.17
CA MET A 699 -40.60 10.68 15.84
C MET A 699 -42.11 10.71 16.08
N ALA A 700 -42.54 10.01 17.13
CA ALA A 700 -43.96 9.95 17.48
C ALA A 700 -44.42 11.32 17.95
N GLU A 701 -43.59 12.00 18.73
CA GLU A 701 -43.94 13.34 19.22
C GLU A 701 -44.14 14.31 18.06
N GLU A 702 -43.26 14.22 17.07
CA GLU A 702 -43.30 15.09 15.90
C GLU A 702 -44.49 14.79 14.97
N ALA A 703 -44.55 13.57 14.45
CA ALA A 703 -45.60 13.16 13.53
C ALA A 703 -46.95 12.90 14.19
N GLY A 704 -46.91 12.56 15.48
CA GLY A 704 -48.14 12.25 16.20
C GLY A 704 -48.18 10.74 16.32
N GLU A 705 -48.31 10.24 17.55
CA GLU A 705 -48.33 8.81 17.80
C GLU A 705 -49.25 8.01 16.90
N GLU A 706 -50.43 8.56 16.62
CA GLU A 706 -51.40 7.86 15.78
C GLU A 706 -50.90 7.61 14.37
N ASN A 707 -49.89 8.36 13.94
CA ASN A 707 -49.34 8.21 12.59
C ASN A 707 -48.12 7.30 12.59
N LEU A 708 -47.93 6.59 13.69
CA LEU A 708 -46.83 5.65 13.80
C LEU A 708 -47.43 4.40 14.41
N PHE A 709 -46.91 3.24 14.04
CA PHE A 709 -47.43 1.99 14.58
C PHE A 709 -46.65 1.56 15.82
N ILE A 710 -46.89 2.26 16.93
CA ILE A 710 -46.22 1.95 18.19
C ILE A 710 -46.85 0.71 18.84
N PHE A 711 -46.02 -0.11 19.46
CA PHE A 711 -46.50 -1.33 20.10
C PHE A 711 -45.55 -1.79 21.20
N GLY A 712 -45.89 -2.91 21.81
CA GLY A 712 -45.06 -3.51 22.83
C GLY A 712 -45.01 -2.72 24.13
N MET A 713 -44.24 -3.25 25.07
CA MET A 713 -44.10 -2.61 26.37
C MET A 713 -43.09 -1.48 26.32
N ARG A 714 -43.26 -0.51 27.20
CA ARG A 714 -42.39 0.63 27.27
C ARG A 714 -41.38 0.39 28.38
N ILE A 715 -40.39 1.28 28.48
CA ILE A 715 -39.32 1.18 29.48
C ILE A 715 -39.80 0.77 30.87
N ASP A 716 -40.94 1.31 31.29
CA ASP A 716 -41.50 0.99 32.60
C ASP A 716 -41.99 -0.45 32.68
N ASP A 717 -42.74 -0.87 31.67
CA ASP A 717 -43.27 -2.24 31.63
C ASP A 717 -42.14 -3.24 31.65
N VAL A 718 -41.01 -2.90 31.03
CA VAL A 718 -39.86 -3.80 31.01
C VAL A 718 -39.24 -3.92 32.40
N ALA A 719 -39.36 -2.85 33.19
CA ALA A 719 -38.81 -2.84 34.54
C ALA A 719 -39.67 -3.70 35.45
N ALA A 720 -40.98 -3.56 35.34
CA ALA A 720 -41.90 -4.34 36.16
C ALA A 720 -41.80 -5.83 35.84
N LEU A 721 -41.65 -6.16 34.55
CA LEU A 721 -41.54 -7.54 34.13
C LEU A 721 -40.24 -8.12 34.66
N ASP A 722 -39.23 -7.25 34.76
CA ASP A 722 -37.93 -7.67 35.27
C ASP A 722 -38.09 -7.99 36.75
N LYS A 723 -38.69 -7.06 37.49
CA LYS A 723 -38.90 -7.27 38.90
C LYS A 723 -39.68 -8.57 39.09
N LYS A 724 -40.87 -8.61 38.52
CA LYS A 724 -41.72 -9.79 38.61
C LYS A 724 -40.97 -11.02 38.14
N GLY A 725 -40.00 -10.83 37.24
CA GLY A 725 -39.24 -11.95 36.71
C GLY A 725 -39.77 -12.33 35.34
N TYR A 726 -38.92 -12.87 34.48
CA TYR A 726 -39.36 -13.23 33.14
C TYR A 726 -39.43 -14.73 32.89
N GLU A 727 -40.66 -15.20 32.70
CA GLU A 727 -40.91 -16.62 32.43
C GLU A 727 -41.38 -16.76 30.98
N ALA A 728 -40.43 -17.01 30.07
CA ALA A 728 -40.73 -17.14 28.65
C ALA A 728 -41.84 -18.14 28.32
N LYS A 729 -41.70 -19.38 28.80
CA LYS A 729 -42.69 -20.42 28.54
C LYS A 729 -44.15 -19.98 28.70
N GLU A 730 -44.39 -19.04 29.60
CA GLU A 730 -45.74 -18.53 29.84
C GLU A 730 -46.40 -18.10 28.53
N TYR A 731 -45.73 -17.22 27.81
CA TYR A 731 -46.25 -16.71 26.53
C TYR A 731 -46.30 -17.84 25.52
N TYR A 732 -45.33 -18.73 25.61
CA TYR A 732 -45.26 -19.86 24.69
C TYR A 732 -46.49 -20.73 24.85
N GLU A 733 -46.87 -20.98 26.08
CA GLU A 733 -48.04 -21.80 26.35
C GLU A 733 -49.32 -20.97 26.26
N ALA A 734 -49.21 -19.68 26.55
CA ALA A 734 -50.36 -18.81 26.51
C ALA A 734 -50.81 -18.38 25.11
N LEU A 735 -49.93 -18.45 24.13
CA LEU A 735 -50.28 -18.04 22.76
C LEU A 735 -50.08 -19.09 21.67
N PRO A 736 -51.19 -19.70 21.21
CA PRO A 736 -51.19 -20.74 20.16
C PRO A 736 -50.33 -20.41 18.93
N GLU A 737 -50.50 -19.22 18.38
CA GLU A 737 -49.73 -18.80 17.21
C GLU A 737 -48.22 -18.93 17.47
N LEU A 738 -47.80 -18.44 18.63
CA LEU A 738 -46.40 -18.48 19.02
C LEU A 738 -45.91 -19.92 19.18
N LYS A 739 -46.58 -20.68 20.04
CA LYS A 739 -46.23 -22.07 20.30
C LYS A 739 -45.97 -22.87 19.03
N LEU A 740 -46.83 -22.69 18.05
CA LEU A 740 -46.69 -23.38 16.78
C LEU A 740 -45.38 -22.95 16.12
N VAL A 741 -45.16 -21.63 16.08
CA VAL A 741 -43.94 -21.09 15.49
C VAL A 741 -42.74 -21.74 16.16
N ILE A 742 -42.69 -21.66 17.48
CA ILE A 742 -41.60 -22.23 18.26
C ILE A 742 -41.37 -23.71 17.95
N ASP A 743 -42.38 -24.53 18.19
CA ASP A 743 -42.28 -25.96 17.92
C ASP A 743 -41.83 -26.22 16.49
N GLN A 744 -42.26 -25.38 15.56
CA GLN A 744 -41.87 -25.52 14.18
C GLN A 744 -40.35 -25.36 14.11
N ILE A 745 -39.87 -24.31 14.74
CA ILE A 745 -38.44 -24.02 14.76
C ILE A 745 -37.69 -25.15 15.45
N ASP A 746 -38.15 -25.50 16.65
CA ASP A 746 -37.55 -26.56 17.47
C ASP A 746 -37.54 -27.98 16.90
N ASN A 747 -38.59 -28.34 16.17
CA ASN A 747 -38.70 -29.69 15.61
C ASN A 747 -37.99 -29.94 14.29
N GLY A 748 -37.38 -28.92 13.71
CA GLY A 748 -36.67 -29.11 12.46
C GLY A 748 -37.48 -28.84 11.20
N PHE A 749 -38.64 -28.19 11.36
CA PHE A 749 -39.50 -27.86 10.24
C PHE A 749 -38.78 -26.99 9.22
N PHE A 750 -37.87 -26.15 9.71
CA PHE A 750 -37.10 -25.24 8.86
C PHE A 750 -35.68 -25.72 8.62
N SER A 751 -35.37 -26.92 9.09
CA SER A 751 -34.05 -27.53 8.90
C SER A 751 -34.19 -29.05 9.01
N PRO A 752 -34.91 -29.66 8.05
CA PRO A 752 -35.10 -31.11 8.05
C PRO A 752 -33.83 -31.88 8.34
N LYS A 753 -32.79 -31.66 7.53
CA LYS A 753 -31.53 -32.37 7.72
C LYS A 753 -30.80 -32.02 9.01
N GLN A 754 -31.37 -31.14 9.83
CA GLN A 754 -30.75 -30.74 11.10
C GLN A 754 -31.80 -30.23 12.07
N PRO A 755 -32.69 -31.11 12.54
CA PRO A 755 -33.78 -30.79 13.48
C PRO A 755 -33.43 -29.93 14.70
N ASP A 756 -32.24 -30.13 15.26
CA ASP A 756 -31.84 -29.38 16.44
C ASP A 756 -30.95 -28.16 16.13
N LEU A 757 -30.80 -27.87 14.84
CA LEU A 757 -29.98 -26.76 14.39
C LEU A 757 -30.19 -25.49 15.21
N PHE A 758 -31.45 -25.15 15.48
CA PHE A 758 -31.78 -23.95 16.23
C PHE A 758 -32.01 -24.17 17.72
N LYS A 759 -31.31 -25.16 18.27
CA LYS A 759 -31.42 -25.49 19.68
C LYS A 759 -31.00 -24.30 20.52
N ASP A 760 -29.82 -23.77 20.22
CA ASP A 760 -29.30 -22.62 20.95
C ASP A 760 -30.26 -21.45 20.96
N ILE A 761 -30.96 -21.24 19.84
CA ILE A 761 -31.93 -20.15 19.75
C ILE A 761 -33.10 -20.43 20.68
N ILE A 762 -33.67 -21.63 20.54
CA ILE A 762 -34.79 -22.05 21.36
C ILE A 762 -34.44 -21.96 22.83
N ASN A 763 -33.23 -22.40 23.17
CA ASN A 763 -32.79 -22.37 24.56
C ASN A 763 -32.70 -20.95 25.08
N MET A 764 -32.16 -20.06 24.26
CA MET A 764 -32.03 -18.67 24.65
C MET A 764 -33.42 -18.06 24.82
N LEU A 765 -34.27 -18.31 23.83
CA LEU A 765 -35.63 -17.79 23.83
C LEU A 765 -36.40 -18.14 25.10
N PHE A 766 -36.11 -19.31 25.66
CA PHE A 766 -36.81 -19.77 26.86
C PHE A 766 -36.14 -19.49 28.20
N TYR A 767 -34.82 -19.63 28.27
CA TYR A 767 -34.12 -19.43 29.53
C TYR A 767 -33.14 -18.27 29.67
N HIS A 768 -32.74 -17.64 28.57
CA HIS A 768 -31.78 -16.53 28.65
C HIS A 768 -32.03 -15.38 27.68
N ASP A 769 -33.28 -14.95 27.55
CA ASP A 769 -33.62 -13.84 26.65
C ASP A 769 -33.77 -12.54 27.41
N ARG A 770 -32.70 -11.75 27.46
CA ARG A 770 -32.74 -10.49 28.17
C ARG A 770 -33.58 -9.47 27.44
N PHE A 771 -33.90 -9.76 26.17
CA PHE A 771 -34.66 -8.82 25.38
C PHE A 771 -36.14 -9.17 25.18
N LYS A 772 -36.60 -10.06 26.06
CA LYS A 772 -37.99 -10.49 26.10
C LYS A 772 -38.74 -10.52 24.79
N VAL A 773 -38.34 -11.41 23.88
CA VAL A 773 -38.99 -11.51 22.58
C VAL A 773 -40.46 -11.96 22.65
N PHE A 774 -40.74 -12.95 23.50
CA PHE A 774 -42.11 -13.47 23.63
C PHE A 774 -43.02 -12.48 24.35
N ALA A 775 -42.44 -11.67 25.23
CA ALA A 775 -43.22 -10.70 25.98
C ALA A 775 -43.81 -9.60 25.09
N ASP A 776 -43.30 -9.48 23.88
CA ASP A 776 -43.77 -8.45 22.95
C ASP A 776 -44.39 -9.05 21.69
N TYR A 777 -44.37 -10.38 21.59
CA TYR A 777 -44.91 -11.07 20.43
C TYR A 777 -46.38 -10.79 20.13
N GLU A 778 -47.24 -10.88 21.14
CA GLU A 778 -48.65 -10.63 20.92
C GLU A 778 -48.90 -9.22 20.41
N ALA A 779 -48.49 -8.21 21.18
CA ALA A 779 -48.69 -6.82 20.79
C ALA A 779 -48.12 -6.56 19.39
N TYR A 780 -46.98 -7.17 19.12
CA TYR A 780 -46.32 -7.03 17.83
C TYR A 780 -47.19 -7.53 16.68
N VAL A 781 -47.56 -8.81 16.73
CA VAL A 781 -48.39 -9.39 15.68
C VAL A 781 -49.70 -8.63 15.51
N LYS A 782 -50.27 -8.19 16.62
CA LYS A 782 -51.52 -7.44 16.58
C LYS A 782 -51.27 -6.15 15.81
N CYS A 783 -50.16 -5.50 16.14
CA CYS A 783 -49.77 -4.26 15.49
C CYS A 783 -49.58 -4.50 14.00
N GLN A 784 -48.86 -5.57 13.67
CA GLN A 784 -48.62 -5.89 12.28
C GLN A 784 -49.90 -6.00 11.46
N ASP A 785 -50.95 -6.58 12.05
CA ASP A 785 -52.24 -6.73 11.38
C ASP A 785 -52.82 -5.35 11.04
N LYS A 786 -52.73 -4.42 12.00
CA LYS A 786 -53.23 -3.07 11.80
C LYS A 786 -52.52 -2.41 10.60
N VAL A 787 -51.24 -2.70 10.44
CA VAL A 787 -50.46 -2.14 9.34
C VAL A 787 -51.08 -2.58 8.03
N SER A 788 -51.19 -3.89 7.83
CA SER A 788 -51.77 -4.44 6.61
C SER A 788 -53.14 -3.83 6.32
N GLN A 789 -53.90 -3.57 7.37
CA GLN A 789 -55.22 -2.98 7.24
C GLN A 789 -55.12 -1.60 6.59
N LEU A 790 -54.31 -0.74 7.16
CA LEU A 790 -54.13 0.60 6.62
C LEU A 790 -53.60 0.54 5.20
N TYR A 791 -52.78 -0.47 4.92
CA TYR A 791 -52.19 -0.64 3.60
C TYR A 791 -53.26 -0.94 2.56
N MET A 792 -54.42 -1.37 3.05
CA MET A 792 -55.56 -1.68 2.18
C MET A 792 -56.23 -0.40 1.71
N ASN A 793 -55.96 0.70 2.42
CA ASN A 793 -56.53 1.98 2.05
C ASN A 793 -55.43 2.91 1.57
N PRO A 794 -55.02 2.78 0.31
CA PRO A 794 -53.96 3.63 -0.26
C PRO A 794 -54.05 5.08 0.17
N LYS A 795 -55.21 5.69 -0.04
CA LYS A 795 -55.40 7.08 0.32
C LYS A 795 -55.08 7.37 1.79
N ALA A 796 -55.46 6.46 2.68
CA ALA A 796 -55.21 6.66 4.09
C ALA A 796 -53.78 6.36 4.49
N TRP A 797 -53.13 5.50 3.71
CA TRP A 797 -51.75 5.12 3.98
C TRP A 797 -50.80 6.26 3.61
N ASN A 798 -50.98 6.82 2.42
CA ASN A 798 -50.14 7.90 1.95
C ASN A 798 -50.42 9.17 2.70
N THR A 799 -51.57 9.20 3.36
CA THR A 799 -51.93 10.37 4.14
C THR A 799 -51.05 10.37 5.38
N MET A 800 -50.89 9.19 5.97
CA MET A 800 -50.04 9.05 7.16
C MET A 800 -48.58 9.24 6.79
N VAL A 801 -48.20 8.69 5.64
CA VAL A 801 -46.84 8.81 5.14
C VAL A 801 -46.48 10.29 5.03
N LEU A 802 -47.39 11.07 4.42
CA LEU A 802 -47.20 12.50 4.25
C LEU A 802 -47.05 13.18 5.61
N LYS A 803 -47.87 12.76 6.56
CA LYS A 803 -47.82 13.32 7.91
C LYS A 803 -46.46 13.03 8.53
N ASN A 804 -45.84 11.94 8.09
CA ASN A 804 -44.52 11.54 8.59
C ASN A 804 -43.43 12.38 7.93
N ILE A 805 -43.36 12.35 6.60
CA ILE A 805 -42.35 13.13 5.87
C ILE A 805 -42.44 14.58 6.28
N ALA A 806 -43.66 15.08 6.42
CA ALA A 806 -43.88 16.46 6.78
C ALA A 806 -43.43 16.83 8.19
N ALA A 807 -43.21 15.82 9.03
CA ALA A 807 -42.79 16.05 10.42
C ALA A 807 -41.44 15.45 10.75
N SER A 808 -40.63 15.21 9.72
CA SER A 808 -39.33 14.62 9.94
C SER A 808 -38.18 15.66 10.01
N GLY A 809 -38.52 16.93 9.78
CA GLY A 809 -37.51 17.99 9.80
C GLY A 809 -36.58 17.99 11.00
N LYS A 810 -37.14 17.77 12.18
CA LYS A 810 -36.35 17.77 13.41
C LYS A 810 -35.14 16.86 13.35
N PHE A 811 -35.30 15.75 12.64
CA PHE A 811 -34.24 14.76 12.56
C PHE A 811 -33.13 14.98 11.56
N SER A 812 -32.93 16.22 11.16
CA SER A 812 -31.84 16.53 10.25
C SER A 812 -30.59 16.70 11.14
N SER A 813 -29.47 16.16 10.69
CA SER A 813 -28.23 16.28 11.45
C SER A 813 -27.77 17.74 11.49
N ASP A 814 -28.46 18.59 10.72
CA ASP A 814 -28.17 20.02 10.67
C ASP A 814 -28.68 20.64 11.97
N ARG A 815 -29.79 20.11 12.48
CA ARG A 815 -30.37 20.59 13.71
C ARG A 815 -29.51 20.12 14.87
N THR A 816 -29.11 18.85 14.82
CA THR A 816 -28.28 18.25 15.85
C THR A 816 -26.97 19.01 16.02
N ILE A 817 -26.28 19.23 14.91
CA ILE A 817 -25.00 19.95 14.94
C ILE A 817 -25.15 21.38 15.44
N LYS A 818 -26.28 22.02 15.15
CA LYS A 818 -26.51 23.38 15.60
C LYS A 818 -26.57 23.44 17.12
N GLU A 819 -27.21 22.43 17.72
CA GLU A 819 -27.35 22.34 19.17
C GLU A 819 -26.02 22.05 19.85
N TYR A 820 -25.17 21.28 19.16
CA TYR A 820 -23.86 20.94 19.70
C TYR A 820 -23.02 22.21 19.70
N ALA A 821 -22.99 22.85 18.54
CA ALA A 821 -22.22 24.08 18.37
C ALA A 821 -22.65 25.13 19.37
N GLN A 822 -23.95 25.21 19.59
CA GLN A 822 -24.51 26.18 20.51
C GLN A 822 -24.32 25.90 22.00
N ASN A 823 -24.59 24.67 22.42
CA ASN A 823 -24.50 24.34 23.84
C ASN A 823 -23.31 23.53 24.31
N ILE A 824 -22.47 23.06 23.41
CA ILE A 824 -21.33 22.28 23.85
C ILE A 824 -20.01 22.85 23.33
N TRP A 825 -19.91 23.02 22.02
CA TRP A 825 -18.69 23.55 21.40
C TRP A 825 -18.52 25.07 21.44
N ASN A 826 -19.62 25.81 21.55
CA ASN A 826 -19.57 27.27 21.61
C ASN A 826 -18.93 27.86 20.35
N VAL A 827 -19.39 27.41 19.20
CA VAL A 827 -18.87 27.91 17.94
C VAL A 827 -20.01 28.49 17.12
N GLU A 828 -19.68 29.43 16.24
CA GLU A 828 -20.69 30.10 15.41
C GLU A 828 -20.60 29.68 13.95
N PRO A 829 -21.76 29.47 13.30
CA PRO A 829 -21.81 29.07 11.88
C PRO A 829 -21.67 30.27 10.94
N SER A 830 -21.11 30.03 9.77
CA SER A 830 -20.92 31.10 8.80
C SER A 830 -21.38 30.66 7.41
N ASP A 831 -21.52 31.64 6.51
CA ASP A 831 -21.96 31.37 5.14
C ASP A 831 -21.49 32.48 4.18
N ASN B 23 6.48 25.08 -25.55
CA ASN B 23 7.44 26.03 -25.02
C ASN B 23 7.34 26.18 -23.50
N VAL B 24 8.28 26.93 -22.94
CA VAL B 24 8.35 27.19 -21.51
C VAL B 24 7.00 27.59 -20.93
N ALA B 25 6.34 28.55 -21.57
CA ALA B 25 5.05 29.05 -21.12
C ALA B 25 4.05 27.95 -20.79
N GLU B 26 3.94 26.96 -21.68
CA GLU B 26 3.02 25.87 -21.48
C GLU B 26 3.43 24.88 -20.38
N LEU B 27 4.73 24.60 -20.28
CA LEU B 27 5.21 23.69 -19.25
C LEU B 27 4.91 24.28 -17.87
N LYS B 28 5.02 25.61 -17.75
CA LYS B 28 4.75 26.31 -16.50
C LYS B 28 3.27 26.23 -16.17
N LYS B 29 2.44 26.27 -17.21
CA LYS B 29 0.99 26.19 -17.05
C LYS B 29 0.62 24.83 -16.48
N SER B 30 1.12 23.78 -17.12
CA SER B 30 0.87 22.41 -16.69
C SER B 30 1.38 22.16 -15.27
N PHE B 31 2.60 22.62 -14.98
CA PHE B 31 3.20 22.45 -13.64
C PHE B 31 2.31 23.08 -12.58
N ASN B 32 1.85 24.29 -12.85
CA ASN B 32 0.98 25.03 -11.92
C ASN B 32 -0.40 24.38 -11.82
N ARG B 33 -0.81 23.71 -12.89
CA ARG B 33 -2.09 23.05 -12.89
C ARG B 33 -2.01 21.80 -12.01
N HIS B 34 -0.95 21.04 -12.17
CA HIS B 34 -0.76 19.84 -11.36
C HIS B 34 -0.59 20.17 -9.88
N LEU B 35 0.18 21.21 -9.61
CA LEU B 35 0.41 21.59 -8.23
C LEU B 35 -0.94 21.88 -7.61
N HIS B 36 -1.78 22.55 -8.39
CA HIS B 36 -3.11 22.94 -7.94
C HIS B 36 -4.09 21.77 -7.83
N PHE B 37 -4.35 21.10 -8.95
CA PHE B 37 -5.31 20.00 -8.98
C PHE B 37 -4.79 18.63 -8.56
N THR B 38 -3.54 18.32 -8.85
CA THR B 38 -2.99 17.03 -8.49
C THR B 38 -2.47 17.00 -7.05
N LEU B 39 -1.75 18.03 -6.66
CA LEU B 39 -1.21 18.09 -5.30
C LEU B 39 -2.17 18.81 -4.37
N VAL B 40 -3.12 19.55 -4.94
CA VAL B 40 -4.08 20.30 -4.14
C VAL B 40 -3.29 21.19 -3.17
N LYS B 41 -2.41 22.03 -3.72
CA LYS B 41 -1.59 22.92 -2.92
C LYS B 41 -1.42 24.31 -3.51
N ASP B 42 -1.12 25.26 -2.63
CA ASP B 42 -0.90 26.66 -3.02
C ASP B 42 0.61 26.89 -2.94
N ARG B 43 1.11 27.81 -3.75
CA ARG B 43 2.53 28.11 -3.75
C ARG B 43 3.03 28.51 -2.35
N ASN B 44 2.14 29.01 -1.51
CA ASN B 44 2.54 29.44 -0.17
C ASN B 44 2.60 28.32 0.86
N VAL B 45 2.20 27.11 0.49
CA VAL B 45 2.24 26.00 1.41
C VAL B 45 2.75 24.73 0.75
N ALA B 46 3.18 24.85 -0.50
CA ALA B 46 3.71 23.71 -1.23
C ALA B 46 5.05 23.38 -0.64
N THR B 47 5.47 22.12 -0.78
CA THR B 47 6.76 21.69 -0.28
C THR B 47 7.61 21.32 -1.49
N THR B 48 8.89 21.05 -1.28
CA THR B 48 9.75 20.68 -2.39
C THR B 48 9.29 19.39 -3.06
N ARG B 49 8.84 18.43 -2.25
CA ARG B 49 8.34 17.18 -2.80
C ARG B 49 7.10 17.52 -3.63
N ASP B 50 6.30 18.44 -3.12
CA ASP B 50 5.10 18.86 -3.82
C ASP B 50 5.49 19.29 -5.22
N TYR B 51 6.53 20.11 -5.31
CA TYR B 51 7.02 20.60 -6.61
C TYR B 51 7.60 19.48 -7.47
N TYR B 52 8.35 18.59 -6.84
CA TYR B 52 8.94 17.48 -7.59
C TYR B 52 7.82 16.67 -8.23
N PHE B 53 6.81 16.33 -7.45
CA PHE B 53 5.69 15.56 -7.96
C PHE B 53 4.97 16.31 -9.08
N ALA B 54 4.79 17.62 -8.90
CA ALA B 54 4.12 18.42 -9.92
C ALA B 54 4.89 18.35 -11.23
N LEU B 55 6.21 18.49 -11.15
CA LEU B 55 7.03 18.46 -12.36
C LEU B 55 7.02 17.07 -12.98
N ALA B 56 7.06 16.05 -12.13
CA ALA B 56 7.07 14.67 -12.61
C ALA B 56 5.82 14.40 -13.44
N HIS B 57 4.66 14.81 -12.92
CA HIS B 57 3.41 14.60 -13.62
C HIS B 57 3.41 15.38 -14.94
N THR B 58 3.94 16.58 -14.91
CA THR B 58 4.02 17.43 -16.09
C THR B 58 4.85 16.70 -17.15
N VAL B 59 5.93 16.06 -16.73
CA VAL B 59 6.80 15.34 -17.66
C VAL B 59 6.13 14.05 -18.15
N ARG B 60 5.48 13.33 -17.23
CA ARG B 60 4.81 12.10 -17.60
C ARG B 60 3.77 12.33 -18.69
N ASP B 61 2.99 13.40 -18.54
CA ASP B 61 1.94 13.74 -19.52
C ASP B 61 2.44 13.78 -20.96
N HIS B 62 3.71 14.14 -21.14
CA HIS B 62 4.32 14.21 -22.47
C HIS B 62 4.69 12.85 -23.05
N LEU B 63 4.51 11.81 -22.25
CA LEU B 63 4.82 10.43 -22.63
C LEU B 63 3.57 9.70 -23.08
N VAL B 64 2.47 10.02 -22.42
CA VAL B 64 1.19 9.38 -22.67
C VAL B 64 0.86 9.07 -24.12
N GLY B 65 0.85 10.10 -24.96
CA GLY B 65 0.54 9.90 -26.36
C GLY B 65 1.38 8.83 -27.04
N ARG B 66 2.69 8.92 -26.86
CA ARG B 66 3.60 7.95 -27.47
C ARG B 66 3.52 6.58 -26.79
N TRP B 67 3.19 6.58 -25.50
CA TRP B 67 3.07 5.34 -24.77
C TRP B 67 1.89 4.56 -25.32
N ILE B 68 0.73 5.22 -25.33
CA ILE B 68 -0.51 4.65 -25.84
C ILE B 68 -0.35 4.26 -27.31
N ARG B 69 0.23 5.16 -28.09
CA ARG B 69 0.44 4.94 -29.51
C ARG B 69 1.36 3.76 -29.77
N THR B 70 2.48 3.70 -29.07
CA THR B 70 3.44 2.61 -29.23
C THR B 70 2.81 1.25 -28.99
N GLN B 71 2.08 1.12 -27.87
CA GLN B 71 1.44 -0.13 -27.53
C GLN B 71 0.42 -0.50 -28.60
N GLN B 72 -0.34 0.49 -29.05
CA GLN B 72 -1.36 0.26 -30.07
C GLN B 72 -0.69 -0.29 -31.33
N HIS B 73 0.40 0.36 -31.73
CA HIS B 73 1.14 -0.02 -32.92
C HIS B 73 1.61 -1.47 -32.89
N TYR B 74 1.97 -1.98 -31.71
CA TYR B 74 2.43 -3.37 -31.62
C TYR B 74 1.25 -4.30 -31.89
N TYR B 75 0.08 -3.89 -31.45
CA TYR B 75 -1.12 -4.70 -31.67
C TYR B 75 -1.42 -4.71 -33.15
N ASP B 76 -1.33 -3.55 -33.80
CA ASP B 76 -1.63 -3.45 -35.22
C ASP B 76 -0.66 -4.15 -36.16
N LYS B 77 0.64 -3.86 -36.04
CA LYS B 77 1.61 -4.49 -36.93
C LYS B 77 2.13 -5.81 -36.41
N CYS B 78 1.69 -6.17 -35.21
CA CYS B 78 2.08 -7.42 -34.57
C CYS B 78 3.52 -7.91 -34.80
N PRO B 79 4.52 -7.08 -34.46
CA PRO B 79 5.91 -7.53 -34.64
C PRO B 79 6.26 -8.50 -33.51
N LYS B 80 7.31 -9.30 -33.67
CA LYS B 80 7.69 -10.23 -32.62
C LYS B 80 8.06 -9.47 -31.35
N ARG B 81 7.47 -9.88 -30.23
CA ARG B 81 7.72 -9.22 -28.95
C ARG B 81 8.84 -9.86 -28.13
N VAL B 82 9.69 -9.02 -27.53
CA VAL B 82 10.79 -9.49 -26.70
C VAL B 82 10.38 -9.29 -25.27
N TYR B 83 10.58 -10.32 -24.46
CA TYR B 83 10.20 -10.26 -23.05
C TYR B 83 11.41 -10.50 -22.17
N TYR B 84 11.86 -9.46 -21.49
CA TYR B 84 13.01 -9.55 -20.61
C TYR B 84 12.54 -9.90 -19.21
N LEU B 85 12.67 -11.17 -18.84
CA LEU B 85 12.24 -11.64 -17.53
C LEU B 85 13.40 -11.62 -16.54
N SER B 86 13.25 -10.79 -15.51
CA SER B 86 14.30 -10.65 -14.52
C SER B 86 13.74 -10.34 -13.12
N LEU B 87 14.44 -10.81 -12.09
CA LEU B 87 14.02 -10.58 -10.70
C LEU B 87 14.48 -9.21 -10.26
N GLU B 88 15.28 -8.55 -11.09
CA GLU B 88 15.84 -7.24 -10.76
C GLU B 88 15.84 -6.20 -11.87
N PHE B 89 15.43 -4.99 -11.52
CA PHE B 89 15.42 -3.87 -12.46
C PHE B 89 15.93 -2.66 -11.67
N TYR B 90 17.24 -2.47 -11.70
CA TYR B 90 17.89 -1.37 -11.01
C TYR B 90 17.71 -0.14 -11.88
N MET B 91 16.62 0.58 -11.65
CA MET B 91 16.29 1.75 -12.47
C MET B 91 16.76 3.11 -12.04
N GLY B 92 17.12 3.27 -10.78
CA GLY B 92 17.56 4.57 -10.32
C GLY B 92 16.40 5.54 -10.42
N ARG B 93 16.69 6.82 -10.69
CA ARG B 93 15.67 7.86 -10.79
C ARG B 93 15.13 7.98 -12.22
N THR B 94 13.91 8.50 -12.37
CA THR B 94 13.29 8.63 -13.69
C THR B 94 13.18 10.01 -14.30
N LEU B 95 12.80 11.00 -13.51
CA LEU B 95 12.61 12.36 -14.00
C LEU B 95 13.54 12.84 -15.09
N GLN B 96 14.76 13.18 -14.69
CA GLN B 96 15.74 13.68 -15.63
C GLN B 96 15.94 12.75 -16.81
N ASN B 97 15.97 11.46 -16.56
CA ASN B 97 16.16 10.51 -17.66
C ASN B 97 15.02 10.65 -18.66
N THR B 98 13.82 10.90 -18.16
CA THR B 98 12.65 11.06 -19.02
C THR B 98 12.73 12.38 -19.77
N MET B 99 13.05 13.45 -19.05
CA MET B 99 13.17 14.77 -19.66
C MET B 99 14.16 14.74 -20.81
N ILE B 100 15.33 14.17 -20.58
CA ILE B 100 16.36 14.08 -21.62
C ILE B 100 15.95 13.24 -22.84
N ASN B 101 15.41 12.05 -22.60
CA ASN B 101 15.00 11.15 -23.68
C ASN B 101 13.86 11.72 -24.55
N LEU B 102 13.02 12.54 -23.93
CA LEU B 102 11.90 13.17 -24.60
C LEU B 102 12.33 14.51 -25.22
N GLY B 103 13.49 14.99 -24.81
CA GLY B 103 13.98 16.26 -25.32
C GLY B 103 13.30 17.43 -24.64
N LEU B 104 12.84 17.22 -23.40
CA LEU B 104 12.15 18.25 -22.64
C LEU B 104 12.97 18.88 -21.53
N GLN B 105 14.22 18.45 -21.36
CA GLN B 105 15.05 19.00 -20.29
C GLN B 105 15.18 20.51 -20.35
N ASN B 106 15.72 21.03 -21.45
CA ASN B 106 15.90 22.47 -21.61
C ASN B 106 14.63 23.23 -21.25
N ALA B 107 13.55 22.89 -21.94
CA ALA B 107 12.26 23.56 -21.73
C ALA B 107 11.79 23.40 -20.30
N CYS B 108 11.96 22.21 -19.72
CA CYS B 108 11.55 21.98 -18.35
C CYS B 108 12.46 22.79 -17.43
N ASP B 109 13.75 22.80 -17.79
CA ASP B 109 14.74 23.54 -17.04
C ASP B 109 14.27 24.98 -17.02
N GLU B 110 14.01 25.51 -18.21
CA GLU B 110 13.53 26.88 -18.38
C GLU B 110 12.28 27.22 -17.58
N ALA B 111 11.23 26.41 -17.73
CA ALA B 111 9.98 26.65 -17.02
C ALA B 111 10.13 26.66 -15.51
N ILE B 112 10.91 25.73 -14.96
CA ILE B 112 11.09 25.67 -13.50
C ILE B 112 11.91 26.88 -13.00
N TYR B 113 12.80 27.40 -13.85
CA TYR B 113 13.61 28.55 -13.49
C TYR B 113 12.72 29.80 -13.40
N GLN B 114 11.96 30.04 -14.46
CA GLN B 114 11.06 31.19 -14.52
C GLN B 114 10.02 31.15 -13.38
N LEU B 115 9.72 29.96 -12.89
CA LEU B 115 8.76 29.82 -11.81
C LEU B 115 9.50 30.10 -10.49
N GLY B 116 10.76 30.47 -10.62
CA GLY B 116 11.59 30.77 -9.47
C GLY B 116 11.79 29.58 -8.55
N LEU B 117 12.13 28.43 -9.11
CA LEU B 117 12.36 27.21 -8.34
C LEU B 117 13.70 26.60 -8.73
N ASP B 118 14.30 25.85 -7.80
CA ASP B 118 15.59 25.20 -8.03
C ASP B 118 15.38 23.79 -8.62
N ILE B 119 15.64 23.65 -9.91
CA ILE B 119 15.44 22.37 -10.57
C ILE B 119 16.25 21.26 -9.92
N GLU B 120 17.46 21.58 -9.46
CA GLU B 120 18.30 20.58 -8.83
C GLU B 120 17.72 20.12 -7.50
N GLU B 121 17.07 21.03 -6.78
CA GLU B 121 16.46 20.70 -5.50
C GLU B 121 15.25 19.78 -5.67
N LEU B 122 14.55 19.94 -6.79
CA LEU B 122 13.37 19.12 -7.10
C LEU B 122 13.82 17.74 -7.51
N GLU B 123 14.86 17.70 -8.33
CA GLU B 123 15.37 16.45 -8.84
C GLU B 123 16.00 15.57 -7.78
N GLU B 124 16.68 16.16 -6.81
CA GLU B 124 17.34 15.36 -5.77
C GLU B 124 16.31 14.79 -4.81
N ILE B 125 15.08 15.25 -4.96
CA ILE B 125 13.99 14.80 -4.12
C ILE B 125 13.59 13.37 -4.51
N GLU B 126 13.62 13.09 -5.81
CA GLU B 126 13.25 11.77 -6.30
C GLU B 126 13.99 10.60 -5.67
N GLU B 127 13.21 9.61 -5.23
CA GLU B 127 13.73 8.39 -4.62
C GLU B 127 14.25 7.45 -5.69
N ASP B 128 15.39 6.82 -5.43
CA ASP B 128 15.99 5.88 -6.36
C ASP B 128 15.13 4.61 -6.46
N ALA B 129 14.98 4.09 -7.67
CA ALA B 129 14.24 2.85 -7.86
C ALA B 129 15.32 1.75 -7.83
N GLY B 130 15.71 1.37 -6.62
CA GLY B 130 16.76 0.37 -6.46
C GLY B 130 16.27 -1.03 -6.28
N LEU B 131 15.57 -1.53 -7.30
CA LEU B 131 15.02 -2.89 -7.28
C LEU B 131 16.05 -3.85 -7.86
N GLY B 132 17.31 -3.62 -7.49
CA GLY B 132 18.39 -4.45 -7.96
C GLY B 132 19.53 -4.45 -6.98
N ASN B 133 20.50 -5.34 -7.18
CA ASN B 133 21.66 -5.44 -6.28
C ASN B 133 22.89 -4.76 -6.88
N GLY B 134 23.07 -4.92 -8.19
CA GLY B 134 24.22 -4.33 -8.85
C GLY B 134 24.19 -4.43 -10.36
N GLY B 135 25.24 -5.00 -10.93
CA GLY B 135 25.35 -5.13 -12.37
C GLY B 135 24.28 -5.91 -13.11
N LEU B 136 23.82 -7.01 -12.54
CA LEU B 136 22.78 -7.83 -13.16
C LEU B 136 21.48 -7.04 -13.29
N GLY B 137 21.13 -6.32 -12.24
CA GLY B 137 19.92 -5.54 -12.24
C GLY B 137 20.04 -4.24 -13.00
N ARG B 138 21.26 -3.74 -13.13
CA ARG B 138 21.50 -2.49 -13.84
C ARG B 138 21.53 -2.74 -15.35
N LEU B 139 21.94 -3.95 -15.73
CA LEU B 139 21.99 -4.32 -17.14
C LEU B 139 20.59 -4.32 -17.72
N ALA B 140 19.63 -4.85 -16.95
CA ALA B 140 18.25 -4.89 -17.39
C ALA B 140 17.73 -3.46 -17.58
N ALA B 141 18.07 -2.58 -16.65
CA ALA B 141 17.65 -1.18 -16.71
C ALA B 141 18.22 -0.53 -17.96
N CYS B 142 19.49 -0.79 -18.25
CA CYS B 142 20.12 -0.20 -19.42
C CYS B 142 19.50 -0.78 -20.67
N PHE B 143 19.22 -2.08 -20.64
CA PHE B 143 18.64 -2.77 -21.77
C PHE B 143 17.28 -2.18 -22.10
N LEU B 144 16.48 -1.96 -21.06
CA LEU B 144 15.15 -1.40 -21.27
C LEU B 144 15.31 -0.11 -22.07
N ASP B 145 16.31 0.69 -21.71
CA ASP B 145 16.53 1.95 -22.39
C ASP B 145 16.91 1.79 -23.86
N SER B 146 17.88 0.92 -24.13
CA SER B 146 18.33 0.69 -25.50
C SER B 146 17.21 0.14 -26.37
N MET B 147 16.58 -0.94 -25.91
CA MET B 147 15.49 -1.58 -26.63
C MET B 147 14.40 -0.59 -27.02
N ALA B 148 14.14 0.40 -26.16
CA ALA B 148 13.12 1.41 -26.46
C ALA B 148 13.71 2.38 -27.49
N THR B 149 15.00 2.66 -27.37
CA THR B 149 15.68 3.57 -28.26
C THR B 149 15.83 2.98 -29.66
N LEU B 150 15.94 1.66 -29.75
CA LEU B 150 16.08 0.98 -31.03
C LEU B 150 14.73 0.63 -31.67
N GLY B 151 13.64 0.99 -30.98
CA GLY B 151 12.32 0.73 -31.50
C GLY B 151 11.83 -0.70 -31.48
N LEU B 152 12.32 -1.49 -30.53
CA LEU B 152 11.93 -2.90 -30.41
C LEU B 152 10.66 -3.03 -29.59
N ALA B 153 9.84 -4.04 -29.90
CA ALA B 153 8.60 -4.28 -29.17
C ALA B 153 9.00 -5.12 -27.96
N ALA B 154 9.71 -4.49 -27.02
CA ALA B 154 10.20 -5.18 -25.86
C ALA B 154 9.46 -4.82 -24.59
N TYR B 155 9.42 -5.76 -23.65
CA TYR B 155 8.75 -5.55 -22.37
C TYR B 155 9.64 -6.05 -21.24
N GLY B 156 9.69 -5.30 -20.15
CA GLY B 156 10.48 -5.70 -19.01
C GLY B 156 9.53 -6.29 -17.99
N TYR B 157 9.83 -7.49 -17.50
CA TYR B 157 8.96 -8.13 -16.51
C TYR B 157 9.70 -8.48 -15.23
N GLY B 158 9.21 -7.98 -14.11
CA GLY B 158 9.84 -8.26 -12.83
C GLY B 158 8.90 -8.06 -11.68
N ILE B 159 9.45 -8.02 -10.47
CA ILE B 159 8.66 -7.85 -9.25
C ILE B 159 8.73 -6.40 -8.75
N ARG B 160 7.59 -5.92 -8.27
CA ARG B 160 7.51 -4.57 -7.73
C ARG B 160 7.74 -4.68 -6.23
N TYR B 161 8.99 -4.81 -5.85
CA TYR B 161 9.33 -4.92 -4.44
C TYR B 161 8.91 -3.66 -3.69
N GLU B 162 8.26 -3.84 -2.54
CA GLU B 162 7.86 -2.70 -1.73
C GLU B 162 9.14 -2.04 -1.21
N TYR B 163 10.17 -2.88 -1.03
CA TYR B 163 11.48 -2.43 -0.54
C TYR B 163 12.56 -2.95 -1.45
N GLY B 164 13.34 -2.04 -2.00
CA GLY B 164 14.44 -2.43 -2.87
C GLY B 164 15.66 -2.71 -2.03
N ILE B 165 16.84 -2.57 -2.63
CA ILE B 165 18.08 -2.79 -1.90
C ILE B 165 18.17 -1.79 -0.73
N PHE B 166 18.40 -2.31 0.46
CA PHE B 166 18.48 -1.50 1.68
C PHE B 166 19.34 -0.24 1.58
N ASN B 167 19.07 0.71 2.45
CA ASN B 167 19.84 1.94 2.52
C ASN B 167 20.98 1.68 3.49
N GLN B 168 22.21 1.86 3.02
CA GLN B 168 23.38 1.62 3.84
C GLN B 168 23.86 2.88 4.55
N LYS B 169 23.97 2.79 5.87
CA LYS B 169 24.47 3.88 6.70
C LYS B 169 25.74 3.32 7.31
N ILE B 170 26.58 4.21 7.83
CA ILE B 170 27.82 3.77 8.47
C ILE B 170 27.84 4.26 9.92
N ARG B 171 27.72 3.31 10.83
CA ARG B 171 27.72 3.61 12.26
C ARG B 171 28.98 2.99 12.85
N ASP B 172 29.78 3.79 13.55
CA ASP B 172 31.02 3.27 14.14
C ASP B 172 31.83 2.54 13.09
N GLY B 173 31.91 3.10 11.89
CA GLY B 173 32.68 2.45 10.84
C GLY B 173 32.11 1.12 10.33
N TRP B 174 30.90 0.79 10.78
CA TRP B 174 30.26 -0.45 10.36
C TRP B 174 29.04 -0.18 9.50
N GLN B 175 28.81 -1.01 8.48
CA GLN B 175 27.65 -0.85 7.63
C GLN B 175 26.40 -1.16 8.44
N VAL B 176 25.37 -0.34 8.26
CA VAL B 176 24.11 -0.54 8.94
C VAL B 176 23.07 -0.49 7.85
N GLU B 177 22.07 -1.35 7.92
CA GLU B 177 21.03 -1.38 6.90
C GLU B 177 19.74 -0.74 7.37
N GLU B 178 19.11 0.01 6.49
CA GLU B 178 17.84 0.65 6.81
C GLU B 178 16.87 0.29 5.70
N ALA B 179 15.61 0.07 6.06
CA ALA B 179 14.61 -0.28 5.07
C ALA B 179 14.49 0.79 3.97
N ASP B 180 14.52 0.37 2.71
CA ASP B 180 14.38 1.29 1.61
C ASP B 180 12.89 1.43 1.24
N ASP B 181 12.17 2.21 2.04
CA ASP B 181 10.74 2.47 1.86
C ASP B 181 10.50 3.44 0.67
N TRP B 182 10.93 3.04 -0.52
CA TRP B 182 10.82 3.89 -1.70
C TRP B 182 9.44 4.25 -2.24
N LEU B 183 8.39 3.59 -1.77
CA LEU B 183 7.05 3.89 -2.26
C LEU B 183 6.24 4.62 -1.21
N ARG B 184 6.87 4.95 -0.09
CA ARG B 184 6.19 5.63 1.00
C ARG B 184 5.39 6.86 0.57
N TYR B 185 5.98 7.71 -0.26
CA TYR B 185 5.29 8.91 -0.70
C TYR B 185 4.62 8.79 -2.06
N GLY B 186 4.73 7.62 -2.66
CA GLY B 186 4.11 7.39 -3.95
C GLY B 186 5.10 7.42 -5.10
N ASN B 187 4.73 6.77 -6.20
CA ASN B 187 5.57 6.73 -7.39
C ASN B 187 4.73 7.27 -8.53
N PRO B 188 5.05 8.49 -9.02
CA PRO B 188 4.29 9.10 -10.12
C PRO B 188 4.61 8.53 -11.50
N TRP B 189 5.52 7.57 -11.55
CA TRP B 189 5.90 6.98 -12.82
C TRP B 189 5.23 5.65 -13.11
N GLU B 190 4.39 5.18 -12.20
CA GLU B 190 3.74 3.89 -12.40
C GLU B 190 2.24 4.01 -12.55
N LYS B 191 1.67 3.04 -13.23
CA LYS B 191 0.23 2.98 -13.47
C LYS B 191 -0.28 1.55 -13.20
N SER B 192 -0.95 1.36 -12.07
CA SER B 192 -1.49 0.05 -11.76
C SER B 192 -2.53 -0.30 -12.82
N ARG B 193 -2.49 -1.53 -13.30
CA ARG B 193 -3.44 -2.01 -14.30
C ARG B 193 -4.16 -3.22 -13.70
N PRO B 194 -5.11 -2.98 -12.77
CA PRO B 194 -5.89 -4.02 -12.08
C PRO B 194 -6.65 -4.99 -12.99
N GLU B 195 -7.05 -4.51 -14.17
CA GLU B 195 -7.80 -5.35 -15.08
C GLU B 195 -6.96 -6.51 -15.58
N PHE B 196 -5.65 -6.42 -15.39
CA PHE B 196 -4.76 -7.49 -15.84
C PHE B 196 -4.26 -8.36 -14.67
N MET B 197 -4.91 -8.22 -13.53
CA MET B 197 -4.58 -8.99 -12.35
C MET B 197 -4.70 -10.47 -12.66
N LEU B 198 -3.81 -11.27 -12.09
CA LEU B 198 -3.82 -12.71 -12.31
C LEU B 198 -3.62 -13.49 -11.00
N PRO B 199 -4.03 -14.76 -10.98
CA PRO B 199 -3.89 -15.60 -9.79
C PRO B 199 -2.65 -16.49 -9.92
N VAL B 200 -1.94 -16.68 -8.82
CA VAL B 200 -0.76 -17.53 -8.83
C VAL B 200 -1.01 -18.62 -7.78
N HIS B 201 -0.57 -19.83 -8.08
CA HIS B 201 -0.79 -20.97 -7.19
C HIS B 201 0.48 -21.48 -6.53
N PHE B 202 0.36 -21.83 -5.26
CA PHE B 202 1.48 -22.36 -4.48
C PHE B 202 1.03 -23.58 -3.68
N TYR B 203 1.93 -24.55 -3.51
CA TYR B 203 1.64 -25.77 -2.75
C TYR B 203 0.64 -26.73 -3.39
N GLY B 204 -0.33 -27.18 -2.60
CA GLY B 204 -1.33 -28.11 -3.13
C GLY B 204 -0.73 -29.44 -3.47
N LYS B 205 -1.43 -30.26 -4.23
CA LYS B 205 -0.91 -31.58 -4.58
C LYS B 205 -1.22 -31.92 -6.01
N VAL B 206 -0.45 -32.85 -6.57
CA VAL B 206 -0.65 -33.29 -7.94
C VAL B 206 -1.66 -34.43 -7.98
N GLU B 207 -2.60 -34.33 -8.90
CA GLU B 207 -3.62 -35.36 -9.06
C GLU B 207 -3.43 -36.00 -10.43
N HIS B 208 -3.37 -37.32 -10.46
CA HIS B 208 -3.20 -38.03 -11.72
C HIS B 208 -4.45 -38.81 -12.09
N THR B 209 -5.33 -38.14 -12.83
CA THR B 209 -6.61 -38.69 -13.25
C THR B 209 -6.67 -38.99 -14.75
N ASN B 210 -7.87 -39.29 -15.25
CA ASN B 210 -8.07 -39.60 -16.67
C ASN B 210 -8.07 -38.32 -17.50
N THR B 211 -8.54 -37.22 -16.91
CA THR B 211 -8.54 -35.95 -17.62
C THR B 211 -7.12 -35.43 -17.67
N GLY B 212 -6.22 -36.16 -17.01
CA GLY B 212 -4.82 -35.79 -16.98
C GLY B 212 -4.33 -35.48 -15.57
N THR B 213 -3.29 -34.66 -15.49
CA THR B 213 -2.71 -34.26 -14.21
C THR B 213 -3.35 -32.96 -13.74
N LYS B 214 -3.84 -32.95 -12.51
CA LYS B 214 -4.49 -31.76 -11.96
C LYS B 214 -3.79 -31.25 -10.69
N TRP B 215 -3.21 -30.06 -10.77
CA TRP B 215 -2.57 -29.45 -9.62
C TRP B 215 -3.76 -28.92 -8.81
N ILE B 216 -4.08 -29.59 -7.70
CA ILE B 216 -5.24 -29.24 -6.89
C ILE B 216 -4.95 -28.86 -5.43
N ASP B 217 -5.88 -28.14 -4.82
CA ASP B 217 -5.76 -27.73 -3.42
C ASP B 217 -4.58 -26.77 -3.20
N THR B 218 -4.36 -25.88 -4.16
CA THR B 218 -3.26 -24.93 -4.05
C THR B 218 -3.70 -23.69 -3.28
N GLN B 219 -2.73 -22.85 -2.95
CA GLN B 219 -2.99 -21.60 -2.26
C GLN B 219 -2.82 -20.56 -3.35
N VAL B 220 -3.72 -19.58 -3.39
CA VAL B 220 -3.67 -18.55 -4.43
C VAL B 220 -3.21 -17.19 -3.93
N VAL B 221 -2.39 -16.53 -4.75
CA VAL B 221 -1.86 -15.20 -4.46
C VAL B 221 -2.07 -14.37 -5.73
N LEU B 222 -2.78 -13.26 -5.60
CA LEU B 222 -3.04 -12.41 -6.75
C LEU B 222 -1.78 -11.67 -7.18
N ALA B 223 -1.66 -11.41 -8.47
CA ALA B 223 -0.52 -10.70 -9.02
C ALA B 223 -1.04 -9.45 -9.72
N LEU B 224 -0.88 -8.31 -9.06
CA LEU B 224 -1.34 -7.02 -9.57
C LEU B 224 -0.20 -6.31 -10.31
N PRO B 225 -0.38 -6.05 -11.62
CA PRO B 225 0.67 -5.40 -12.40
C PRO B 225 0.64 -3.88 -12.37
N TYR B 226 1.83 -3.28 -12.40
CA TYR B 226 1.99 -1.84 -12.41
C TYR B 226 2.88 -1.55 -13.61
N ASP B 227 2.42 -0.69 -14.51
CA ASP B 227 3.17 -0.34 -15.72
C ASP B 227 3.95 0.96 -15.60
N THR B 228 5.21 0.91 -16.03
CA THR B 228 6.08 2.07 -16.00
C THR B 228 6.57 2.28 -17.43
N PRO B 229 6.48 3.52 -17.94
CA PRO B 229 6.90 3.87 -19.29
C PRO B 229 8.41 3.89 -19.48
N VAL B 230 8.87 3.29 -20.57
CA VAL B 230 10.30 3.24 -20.90
C VAL B 230 10.48 4.02 -22.19
N PRO B 231 10.76 5.33 -22.09
CA PRO B 231 10.95 6.18 -23.26
C PRO B 231 12.26 5.98 -24.00
N GLY B 232 12.16 5.79 -25.31
CA GLY B 232 13.35 5.63 -26.12
C GLY B 232 13.96 7.01 -26.24
N TYR B 233 15.22 7.08 -26.66
CA TYR B 233 15.86 8.38 -26.80
C TYR B 233 15.47 9.02 -28.12
N MET B 234 14.81 10.16 -28.03
CA MET B 234 14.37 10.91 -29.21
C MET B 234 13.87 10.02 -30.35
N ASN B 235 12.81 9.26 -30.15
CA ASN B 235 12.34 8.39 -31.23
C ASN B 235 10.88 7.98 -31.32
N ASN B 236 10.00 8.61 -30.55
CA ASN B 236 8.57 8.28 -30.65
C ASN B 236 8.16 6.98 -29.93
N THR B 237 9.12 6.21 -29.42
CA THR B 237 8.80 4.98 -28.74
C THR B 237 8.81 5.07 -27.23
N VAL B 238 7.78 4.50 -26.61
CA VAL B 238 7.68 4.45 -25.15
C VAL B 238 7.19 3.02 -24.88
N ASN B 239 8.12 2.20 -24.40
CA ASN B 239 7.83 0.81 -24.11
C ASN B 239 7.33 0.65 -22.69
N THR B 240 7.16 -0.59 -22.26
CA THR B 240 6.64 -0.81 -20.92
C THR B 240 7.44 -1.74 -20.04
N MET B 241 7.48 -1.40 -18.75
CA MET B 241 8.13 -2.24 -17.76
C MET B 241 6.98 -2.65 -16.83
N ARG B 242 6.64 -3.94 -16.83
CA ARG B 242 5.55 -4.43 -16.00
C ARG B 242 6.08 -5.12 -14.75
N LEU B 243 5.80 -4.54 -13.60
CA LEU B 243 6.24 -5.08 -12.31
C LEU B 243 5.03 -5.60 -11.56
N TRP B 244 5.12 -6.82 -11.04
CA TRP B 244 4.00 -7.42 -10.32
C TRP B 244 4.07 -7.26 -8.80
N SER B 245 2.89 -7.06 -8.21
CA SER B 245 2.74 -6.91 -6.78
C SER B 245 1.85 -8.03 -6.25
N ALA B 246 2.22 -8.63 -5.12
CA ALA B 246 1.44 -9.71 -4.55
C ALA B 246 0.35 -9.19 -3.64
N ARG B 247 -0.85 -9.70 -3.83
CA ARG B 247 -1.99 -9.32 -3.01
C ARG B 247 -2.73 -10.60 -2.64
N ALA B 248 -3.39 -10.59 -1.49
CA ALA B 248 -4.12 -11.74 -1.02
C ALA B 248 -5.54 -11.77 -1.62
N PRO B 249 -6.03 -12.98 -1.95
CA PRO B 249 -7.38 -13.14 -2.51
C PRO B 249 -8.43 -13.03 -1.42
N GLY B 260 -11.45 -19.71 12.68
CA GLY B 260 -10.51 -19.06 13.57
C GLY B 260 -10.88 -17.62 13.91
N ASP B 261 -9.89 -16.83 14.26
CA ASP B 261 -10.08 -15.43 14.63
C ASP B 261 -10.15 -14.53 13.38
N TYR B 262 -11.22 -13.74 13.28
CA TYR B 262 -11.39 -12.84 12.13
C TYR B 262 -10.24 -11.85 11.96
N ILE B 263 -10.02 -10.99 12.95
CA ILE B 263 -8.95 -10.00 12.89
C ILE B 263 -7.65 -10.65 12.46
N GLN B 264 -7.30 -11.75 13.13
CA GLN B 264 -6.06 -12.46 12.83
C GLN B 264 -6.01 -12.94 11.40
N ALA B 265 -7.13 -13.44 10.91
CA ALA B 265 -7.18 -13.91 9.53
C ALA B 265 -6.91 -12.77 8.58
N VAL B 266 -7.38 -11.57 8.94
CA VAL B 266 -7.17 -10.40 8.10
C VAL B 266 -5.69 -10.02 8.14
N LEU B 267 -5.13 -9.99 9.35
CA LEU B 267 -3.72 -9.66 9.50
C LEU B 267 -2.87 -10.68 8.75
N ASP B 268 -3.27 -11.94 8.79
CA ASP B 268 -2.51 -12.97 8.12
C ASP B 268 -2.43 -12.78 6.62
N ARG B 269 -3.16 -11.80 6.10
CA ARG B 269 -3.11 -11.53 4.65
C ARG B 269 -1.71 -11.04 4.31
N ASN B 270 -0.97 -10.59 5.33
CA ASN B 270 0.39 -10.11 5.15
C ASN B 270 1.33 -11.19 4.61
N LEU B 271 1.02 -12.45 4.90
CA LEU B 271 1.86 -13.54 4.44
C LEU B 271 1.93 -13.69 2.92
N ALA B 272 0.81 -13.47 2.25
CA ALA B 272 0.81 -13.60 0.79
C ALA B 272 1.51 -12.40 0.17
N GLU B 273 1.19 -11.22 0.67
CA GLU B 273 1.79 -9.99 0.17
C GLU B 273 3.28 -9.87 0.50
N ASN B 274 3.76 -10.71 1.40
CA ASN B 274 5.17 -10.69 1.79
C ASN B 274 6.03 -11.19 0.64
N ILE B 275 5.39 -11.80 -0.36
CA ILE B 275 6.14 -12.34 -1.50
C ILE B 275 6.87 -11.27 -2.33
N SER B 276 6.23 -10.13 -2.53
CA SER B 276 6.84 -9.06 -3.31
C SER B 276 7.22 -7.93 -2.35
N ARG B 277 7.49 -8.27 -1.11
CA ARG B 277 7.81 -7.28 -0.11
C ARG B 277 9.21 -6.65 -0.18
N VAL B 278 10.25 -7.47 -0.32
CA VAL B 278 11.60 -6.93 -0.36
C VAL B 278 12.53 -7.74 -1.25
N LEU B 279 13.48 -7.05 -1.87
CA LEU B 279 14.45 -7.69 -2.75
C LEU B 279 15.53 -8.37 -1.91
N TYR B 280 15.94 -9.57 -2.31
CA TYR B 280 16.98 -10.28 -1.57
C TYR B 280 18.28 -9.56 -1.95
N PRO B 281 18.99 -9.02 -0.93
CA PRO B 281 20.25 -8.28 -1.08
C PRO B 281 21.52 -9.03 -1.37
N ASN B 282 21.44 -10.09 -2.16
CA ASN B 282 22.63 -10.86 -2.48
C ASN B 282 23.14 -10.59 -3.88
N ASP B 283 24.46 -10.48 -3.99
CA ASP B 283 25.11 -10.26 -5.25
C ASP B 283 26.11 -11.39 -5.46
N ASN B 284 25.86 -12.20 -6.48
CA ASN B 284 26.74 -13.33 -6.75
C ASN B 284 26.79 -14.27 -5.56
N PHE B 285 25.62 -14.60 -5.04
CA PHE B 285 25.50 -15.52 -3.92
C PHE B 285 24.08 -16.06 -3.82
N PHE B 286 23.96 -17.38 -3.90
CA PHE B 286 22.66 -18.04 -3.81
C PHE B 286 22.25 -18.32 -2.38
N GLU B 287 21.06 -17.87 -2.02
CA GLU B 287 20.50 -18.08 -0.69
C GLU B 287 19.17 -18.82 -0.92
N GLY B 288 19.21 -20.14 -0.77
CA GLY B 288 18.03 -20.95 -1.00
C GLY B 288 16.89 -20.85 -0.02
N LYS B 289 16.31 -19.67 0.11
CA LYS B 289 15.20 -19.48 1.03
C LYS B 289 13.88 -19.74 0.30
N GLU B 290 12.91 -20.30 0.99
CA GLU B 290 11.62 -20.61 0.40
C GLU B 290 10.90 -19.38 -0.12
N LEU B 291 11.03 -18.27 0.61
CA LEU B 291 10.37 -17.03 0.18
C LEU B 291 10.92 -16.58 -1.17
N ARG B 292 12.22 -16.78 -1.37
CA ARG B 292 12.88 -16.39 -2.61
C ARG B 292 12.38 -17.29 -3.74
N LEU B 293 12.10 -18.55 -3.43
CA LEU B 293 11.58 -19.47 -4.44
C LEU B 293 10.17 -19.02 -4.83
N LYS B 294 9.42 -18.53 -3.84
CA LYS B 294 8.07 -18.04 -4.09
C LYS B 294 8.14 -16.81 -5.03
N GLN B 295 9.02 -15.86 -4.69
CA GLN B 295 9.18 -14.67 -5.52
C GLN B 295 9.48 -15.09 -6.95
N GLU B 296 10.34 -16.10 -7.09
CA GLU B 296 10.73 -16.57 -8.42
C GLU B 296 9.58 -17.19 -9.20
N TYR B 297 8.74 -17.96 -8.54
CA TYR B 297 7.60 -18.57 -9.24
C TYR B 297 6.56 -17.49 -9.48
N PHE B 298 6.33 -16.66 -8.48
CA PHE B 298 5.37 -15.59 -8.59
C PHE B 298 5.55 -14.80 -9.89
N VAL B 299 6.72 -14.21 -10.10
CA VAL B 299 6.97 -13.43 -11.31
C VAL B 299 6.95 -14.24 -12.59
N VAL B 300 7.40 -15.49 -12.52
CA VAL B 300 7.45 -16.36 -13.70
C VAL B 300 6.05 -16.80 -14.13
N ALA B 301 5.16 -17.01 -13.16
CA ALA B 301 3.80 -17.45 -13.45
C ALA B 301 2.93 -16.30 -13.93
N ALA B 302 3.04 -15.15 -13.28
CA ALA B 302 2.25 -14.00 -13.68
C ALA B 302 2.65 -13.56 -15.09
N THR B 303 3.95 -13.52 -15.35
CA THR B 303 4.45 -13.10 -16.65
C THR B 303 4.05 -13.99 -17.81
N LEU B 304 4.19 -15.31 -17.64
CA LEU B 304 3.85 -16.24 -18.70
C LEU B 304 2.35 -16.20 -19.03
N GLN B 305 1.51 -16.14 -18.01
CA GLN B 305 0.07 -16.07 -18.22
C GLN B 305 -0.24 -14.85 -19.06
N ASP B 306 0.26 -13.70 -18.60
CA ASP B 306 0.07 -12.42 -19.28
C ASP B 306 0.55 -12.48 -20.73
N ILE B 307 1.69 -13.12 -20.94
CA ILE B 307 2.26 -13.23 -22.28
C ILE B 307 1.37 -14.11 -23.16
N ILE B 308 0.90 -15.21 -22.60
CA ILE B 308 0.03 -16.12 -23.33
C ILE B 308 -1.31 -15.44 -23.62
N ARG B 309 -1.80 -14.68 -22.65
CA ARG B 309 -3.07 -13.97 -22.84
C ARG B 309 -2.96 -12.90 -23.95
N ARG B 310 -1.86 -12.15 -23.99
CA ARG B 310 -1.68 -11.14 -25.02
C ARG B 310 -1.53 -11.81 -26.38
N PHE B 311 -0.99 -13.02 -26.38
CA PHE B 311 -0.80 -13.75 -27.63
C PHE B 311 -2.14 -14.17 -28.22
N LYS B 312 -3.03 -14.66 -27.38
CA LYS B 312 -4.35 -15.07 -27.84
C LYS B 312 -5.18 -13.88 -28.31
N ALA B 313 -5.02 -12.75 -27.65
CA ALA B 313 -5.78 -11.55 -28.00
C ALA B 313 -5.18 -10.89 -29.21
N SER B 314 -3.99 -11.36 -29.60
CA SER B 314 -3.30 -10.75 -30.73
C SER B 314 -4.05 -10.97 -32.02
N LYS B 315 -3.44 -10.61 -33.14
CA LYS B 315 -4.08 -10.77 -34.43
C LYS B 315 -3.67 -12.07 -35.13
N PHE B 316 -2.68 -12.77 -34.57
CA PHE B 316 -2.20 -14.04 -35.11
C PHE B 316 -3.35 -14.91 -35.63
N GLY B 323 -7.87 -26.67 -29.05
CA GLY B 323 -8.34 -25.33 -28.77
C GLY B 323 -7.58 -24.24 -29.52
N THR B 324 -6.58 -23.65 -28.86
CA THR B 324 -5.78 -22.59 -29.47
C THR B 324 -4.55 -23.10 -30.23
N VAL B 325 -4.10 -22.29 -31.19
CA VAL B 325 -2.94 -22.61 -32.00
C VAL B 325 -1.72 -21.84 -31.53
N PHE B 326 -0.73 -22.54 -31.00
CA PHE B 326 0.48 -21.92 -30.50
C PHE B 326 1.66 -22.17 -31.39
N ASP B 327 1.39 -22.74 -32.56
CA ASP B 327 2.44 -23.03 -33.51
C ASP B 327 3.31 -21.81 -33.81
N ALA B 328 2.70 -20.62 -33.80
CA ALA B 328 3.38 -19.38 -34.10
C ALA B 328 3.90 -18.63 -32.88
N PHE B 329 3.65 -19.18 -31.70
CA PHE B 329 4.10 -18.55 -30.47
C PHE B 329 5.58 -18.12 -30.52
N PRO B 330 6.50 -19.04 -30.83
CA PRO B 330 7.93 -18.67 -30.90
C PRO B 330 8.26 -17.58 -31.93
N ASP B 331 7.38 -17.38 -32.90
CA ASP B 331 7.62 -16.39 -33.93
C ASP B 331 7.06 -15.05 -33.49
N GLN B 332 6.34 -15.08 -32.39
CA GLN B 332 5.73 -13.87 -31.86
C GLN B 332 6.27 -13.54 -30.47
N VAL B 333 6.81 -14.54 -29.80
CA VAL B 333 7.33 -14.35 -28.46
C VAL B 333 8.76 -14.82 -28.26
N ALA B 334 9.48 -14.04 -27.46
CA ALA B 334 10.85 -14.30 -27.12
C ALA B 334 10.96 -13.89 -25.66
N ILE B 335 11.38 -14.80 -24.81
CA ILE B 335 11.54 -14.51 -23.39
C ILE B 335 13.00 -14.71 -23.03
N GLN B 336 13.63 -13.62 -22.58
CA GLN B 336 15.03 -13.66 -22.19
C GLN B 336 15.12 -13.91 -20.69
N LEU B 337 15.79 -14.99 -20.33
CA LEU B 337 15.97 -15.35 -18.93
C LEU B 337 17.23 -14.68 -18.37
N ASN B 338 17.03 -13.71 -17.48
CA ASN B 338 18.15 -12.99 -16.87
C ASN B 338 18.73 -13.86 -15.77
N ASP B 339 19.70 -14.69 -16.13
CA ASP B 339 20.32 -15.65 -15.21
C ASP B 339 19.28 -16.70 -14.88
N THR B 340 19.63 -17.67 -14.04
CA THR B 340 18.70 -18.74 -13.70
C THR B 340 17.57 -18.40 -12.73
N HIS B 341 17.51 -17.17 -12.23
CA HIS B 341 16.46 -16.81 -11.28
C HIS B 341 15.04 -17.10 -11.78
N PRO B 342 14.73 -16.79 -13.05
CA PRO B 342 13.39 -17.08 -13.55
C PRO B 342 13.40 -18.41 -14.30
N ALA B 343 14.28 -19.31 -13.90
CA ALA B 343 14.41 -20.62 -14.54
C ALA B 343 13.08 -21.38 -14.56
N LEU B 344 12.31 -21.28 -13.49
CA LEU B 344 11.02 -21.95 -13.38
C LEU B 344 10.06 -21.60 -14.53
N ALA B 345 10.42 -20.60 -15.33
CA ALA B 345 9.58 -20.18 -16.46
C ALA B 345 9.49 -21.32 -17.49
N ILE B 346 10.52 -22.14 -17.58
CA ILE B 346 10.54 -23.24 -18.52
C ILE B 346 9.48 -24.29 -18.14
N PRO B 347 9.60 -24.94 -16.96
CA PRO B 347 8.56 -25.93 -16.63
C PRO B 347 7.16 -25.32 -16.51
N GLU B 348 7.09 -24.00 -16.32
CA GLU B 348 5.79 -23.33 -16.21
C GLU B 348 5.13 -23.20 -17.58
N LEU B 349 5.92 -22.87 -18.60
CA LEU B 349 5.38 -22.74 -19.94
C LEU B 349 4.88 -24.11 -20.37
N MET B 350 5.70 -25.12 -20.08
CA MET B 350 5.33 -26.49 -20.42
C MET B 350 4.05 -26.83 -19.67
N ARG B 351 4.00 -26.48 -18.38
CA ARG B 351 2.82 -26.77 -17.58
C ARG B 351 1.57 -26.14 -18.21
N ILE B 352 1.69 -24.90 -18.64
CA ILE B 352 0.56 -24.22 -19.26
C ILE B 352 0.21 -24.91 -20.58
N PHE B 353 1.23 -25.14 -21.40
CA PHE B 353 1.07 -25.76 -22.71
C PHE B 353 0.40 -27.13 -22.64
N VAL B 354 0.86 -27.97 -21.71
CA VAL B 354 0.33 -29.31 -21.56
C VAL B 354 -0.91 -29.44 -20.68
N ASP B 355 -0.83 -29.02 -19.43
CA ASP B 355 -1.95 -29.14 -18.50
C ASP B 355 -3.15 -28.28 -18.83
N ILE B 356 -2.92 -27.11 -19.41
CA ILE B 356 -4.04 -26.23 -19.71
C ILE B 356 -4.43 -26.20 -21.19
N GLU B 357 -3.48 -25.89 -22.07
CA GLU B 357 -3.78 -25.82 -23.49
C GLU B 357 -3.90 -27.20 -24.12
N LYS B 358 -3.57 -28.23 -23.36
CA LYS B 358 -3.69 -29.60 -23.82
C LYS B 358 -2.84 -29.99 -25.01
N LEU B 359 -1.72 -29.31 -25.22
CA LEU B 359 -0.85 -29.65 -26.33
C LEU B 359 -0.04 -30.88 -25.97
N PRO B 360 0.38 -31.66 -26.98
CA PRO B 360 1.19 -32.86 -26.69
C PRO B 360 2.61 -32.46 -26.32
N TRP B 361 3.15 -33.08 -25.27
CA TRP B 361 4.50 -32.80 -24.78
C TRP B 361 5.52 -32.51 -25.87
N SER B 362 5.55 -33.34 -26.89
CA SER B 362 6.48 -33.18 -28.00
C SER B 362 6.42 -31.76 -28.56
N LYS B 363 5.20 -31.33 -28.91
CA LYS B 363 4.97 -30.01 -29.47
C LYS B 363 5.32 -28.91 -28.48
N ALA B 364 4.74 -28.99 -27.29
CA ALA B 364 4.98 -28.02 -26.25
C ALA B 364 6.47 -27.82 -26.00
N TRP B 365 7.21 -28.92 -25.90
CA TRP B 365 8.65 -28.85 -25.67
C TRP B 365 9.40 -28.20 -26.83
N GLU B 366 8.94 -28.43 -28.04
CA GLU B 366 9.58 -27.84 -29.22
C GLU B 366 9.36 -26.32 -29.17
N LEU B 367 8.12 -25.91 -28.92
CA LEU B 367 7.78 -24.50 -28.86
C LEU B 367 8.52 -23.79 -27.72
N THR B 368 8.67 -24.49 -26.59
CA THR B 368 9.34 -23.95 -25.43
C THR B 368 10.79 -23.56 -25.72
N GLN B 369 11.56 -24.49 -26.26
CA GLN B 369 12.96 -24.23 -26.57
C GLN B 369 13.13 -23.07 -27.53
N LYS B 370 12.18 -22.96 -28.45
CA LYS B 370 12.21 -21.88 -29.43
C LYS B 370 11.85 -20.55 -28.79
N THR B 371 11.11 -20.61 -27.68
CA THR B 371 10.68 -19.42 -26.95
C THR B 371 11.72 -18.83 -26.01
N PHE B 372 12.43 -19.70 -25.30
CA PHE B 372 13.41 -19.26 -24.33
C PHE B 372 14.87 -19.17 -24.76
N ALA B 373 15.56 -18.21 -24.16
CA ALA B 373 16.97 -17.95 -24.38
C ALA B 373 17.47 -17.65 -22.97
N TYR B 374 18.64 -18.18 -22.63
CA TYR B 374 19.18 -18.01 -21.29
C TYR B 374 20.53 -17.30 -21.20
N THR B 375 20.60 -16.29 -20.33
CA THR B 375 21.84 -15.54 -20.15
C THR B 375 22.51 -15.92 -18.83
N ASN B 376 23.73 -16.41 -18.93
CA ASN B 376 24.50 -16.81 -17.76
C ASN B 376 25.35 -15.61 -17.33
N HIS B 377 25.13 -15.16 -16.10
CA HIS B 377 25.82 -14.00 -15.56
C HIS B 377 26.94 -14.27 -14.58
N THR B 378 27.26 -15.53 -14.29
CA THR B 378 28.32 -15.80 -13.33
C THR B 378 28.83 -17.23 -13.31
N VAL B 379 30.06 -17.41 -12.83
CA VAL B 379 30.68 -18.73 -12.72
C VAL B 379 31.04 -19.07 -11.28
N LEU B 380 30.64 -18.21 -10.35
CA LEU B 380 30.92 -18.44 -8.93
C LEU B 380 30.03 -19.53 -8.36
N PRO B 381 30.62 -20.67 -7.98
CA PRO B 381 29.90 -21.81 -7.41
C PRO B 381 28.87 -21.40 -6.38
N GLU B 382 29.27 -20.48 -5.49
CA GLU B 382 28.39 -19.99 -4.43
C GLU B 382 27.23 -19.13 -4.93
N ALA B 383 27.26 -18.79 -6.21
CA ALA B 383 26.21 -18.00 -6.82
C ALA B 383 25.23 -18.94 -7.54
N LEU B 384 25.68 -20.16 -7.82
CA LEU B 384 24.87 -21.17 -8.48
C LEU B 384 23.58 -21.52 -7.74
N GLU B 385 22.47 -21.49 -8.46
CA GLU B 385 21.17 -21.79 -7.89
C GLU B 385 20.88 -23.27 -7.95
N ARG B 386 20.91 -23.93 -6.80
CA ARG B 386 20.65 -25.35 -6.72
C ARG B 386 19.58 -25.56 -5.66
N TRP B 387 18.33 -25.65 -6.10
CA TRP B 387 17.21 -25.82 -5.19
C TRP B 387 17.00 -27.26 -4.78
N PRO B 388 16.80 -27.51 -3.47
CA PRO B 388 16.58 -28.85 -2.94
C PRO B 388 15.23 -29.38 -3.45
N VAL B 389 15.24 -30.55 -4.08
CA VAL B 389 14.00 -31.11 -4.62
C VAL B 389 12.88 -31.21 -3.60
N ASP B 390 13.23 -31.31 -2.33
CA ASP B 390 12.23 -31.39 -1.28
C ASP B 390 11.43 -30.11 -1.17
N LEU B 391 12.14 -28.98 -1.25
CA LEU B 391 11.48 -27.69 -1.16
C LEU B 391 10.58 -27.46 -2.37
N VAL B 392 11.11 -27.70 -3.58
CA VAL B 392 10.35 -27.53 -4.81
C VAL B 392 9.11 -28.42 -4.81
N GLU B 393 9.29 -29.67 -4.38
CA GLU B 393 8.21 -30.64 -4.34
C GLU B 393 7.05 -30.16 -3.49
N LYS B 394 7.37 -29.49 -2.39
CA LYS B 394 6.36 -28.98 -1.47
C LYS B 394 5.68 -27.70 -1.92
N LEU B 395 6.40 -26.86 -2.65
CA LEU B 395 5.85 -25.59 -3.12
C LEU B 395 5.26 -25.70 -4.52
N LEU B 396 6.02 -26.34 -5.40
CA LEU B 396 5.63 -26.52 -6.80
C LEU B 396 5.68 -28.00 -7.21
N PRO B 397 4.81 -28.83 -6.62
CA PRO B 397 4.73 -30.27 -6.91
C PRO B 397 4.63 -30.63 -8.39
N ARG B 398 3.79 -29.92 -9.14
CA ARG B 398 3.64 -30.20 -10.55
C ARG B 398 4.91 -29.89 -11.34
N HIS B 399 5.56 -28.78 -11.01
CA HIS B 399 6.79 -28.36 -11.70
C HIS B 399 7.96 -29.32 -11.50
N LEU B 400 8.04 -29.92 -10.32
CA LEU B 400 9.09 -30.88 -10.05
C LEU B 400 8.90 -32.05 -11.00
N GLU B 401 7.66 -32.48 -11.17
CA GLU B 401 7.34 -33.58 -12.06
C GLU B 401 7.78 -33.22 -13.47
N ILE B 402 7.40 -32.02 -13.90
CA ILE B 402 7.77 -31.57 -15.24
C ILE B 402 9.29 -31.53 -15.39
N ILE B 403 9.98 -31.10 -14.34
CA ILE B 403 11.43 -31.02 -14.38
C ILE B 403 12.03 -32.41 -14.50
N TYR B 404 11.41 -33.39 -13.82
CA TYR B 404 11.87 -34.77 -13.88
C TYR B 404 11.67 -35.31 -15.30
N GLU B 405 10.53 -35.00 -15.88
CA GLU B 405 10.21 -35.45 -17.22
C GLU B 405 11.24 -34.88 -18.19
N ILE B 406 11.46 -33.58 -18.12
CA ILE B 406 12.43 -32.93 -18.98
C ILE B 406 13.78 -33.65 -18.86
N ASN B 407 14.17 -33.90 -17.61
CA ASN B 407 15.44 -34.56 -17.31
C ASN B 407 15.46 -35.98 -17.88
N GLN B 408 14.39 -36.72 -17.64
CA GLN B 408 14.31 -38.08 -18.13
C GLN B 408 14.58 -38.09 -19.64
N LYS B 409 13.77 -37.36 -20.39
CA LYS B 409 13.92 -37.32 -21.84
C LYS B 409 15.29 -36.80 -22.24
N HIS B 410 15.85 -35.93 -21.42
CA HIS B 410 17.17 -35.36 -21.68
C HIS B 410 18.26 -36.43 -21.60
N LEU B 411 18.32 -37.12 -20.48
CA LEU B 411 19.32 -38.17 -20.30
C LEU B 411 19.09 -39.34 -21.24
N ASP B 412 17.84 -39.55 -21.64
CA ASP B 412 17.52 -40.63 -22.57
C ASP B 412 18.31 -40.38 -23.84
N ARG B 413 18.49 -39.10 -24.16
CA ARG B 413 19.22 -38.70 -25.36
C ARG B 413 20.73 -38.92 -25.23
N ILE B 414 21.27 -38.58 -24.07
CA ILE B 414 22.70 -38.74 -23.84
C ILE B 414 23.04 -40.22 -23.91
N VAL B 415 22.27 -41.04 -23.20
CA VAL B 415 22.49 -42.48 -23.21
C VAL B 415 22.53 -43.01 -24.64
N ALA B 416 21.60 -42.56 -25.47
CA ALA B 416 21.54 -43.00 -26.86
C ALA B 416 22.81 -42.64 -27.62
N LEU B 417 23.38 -41.47 -27.31
CA LEU B 417 24.58 -40.99 -27.99
C LEU B 417 25.88 -41.49 -27.36
N PHE B 418 25.93 -41.53 -26.04
CA PHE B 418 27.13 -41.98 -25.34
C PHE B 418 26.82 -43.11 -24.37
N PRO B 419 26.57 -44.31 -24.93
CA PRO B 419 26.24 -45.54 -24.19
C PRO B 419 27.13 -45.88 -23.00
N LYS B 420 28.43 -45.95 -23.22
CA LYS B 420 29.36 -46.30 -22.15
C LYS B 420 29.79 -45.14 -21.25
N ASP B 421 29.18 -43.98 -21.43
CA ASP B 421 29.53 -42.83 -20.60
C ASP B 421 28.54 -42.66 -19.48
N VAL B 422 28.84 -43.27 -18.34
CA VAL B 422 27.95 -43.18 -17.19
C VAL B 422 28.13 -41.90 -16.40
N ASP B 423 29.36 -41.40 -16.35
CA ASP B 423 29.61 -40.16 -15.61
C ASP B 423 28.95 -38.99 -16.33
N ARG B 424 29.05 -39.01 -17.66
CA ARG B 424 28.45 -37.96 -18.47
C ARG B 424 26.99 -37.76 -18.08
N LEU B 425 26.30 -38.85 -17.83
CA LEU B 425 24.91 -38.80 -17.45
C LEU B 425 24.68 -38.01 -16.16
N ARG B 426 25.41 -38.36 -15.10
CA ARG B 426 25.22 -37.66 -13.83
C ARG B 426 25.77 -36.24 -13.91
N ARG B 427 26.70 -36.01 -14.83
CA ARG B 427 27.30 -34.70 -15.02
C ARG B 427 26.37 -33.76 -15.78
N MET B 428 25.50 -34.32 -16.60
CA MET B 428 24.56 -33.56 -17.41
C MET B 428 23.13 -33.54 -16.86
N SER B 429 22.86 -34.35 -15.84
CA SER B 429 21.52 -34.40 -15.26
C SER B 429 21.12 -33.07 -14.62
N LEU B 430 19.82 -32.76 -14.66
CA LEU B 430 19.33 -31.52 -14.07
C LEU B 430 19.24 -31.73 -12.56
N ILE B 431 19.39 -32.98 -12.13
CA ILE B 431 19.31 -33.28 -10.72
C ILE B 431 20.67 -33.67 -10.12
N GLU B 432 20.95 -33.13 -8.95
CA GLU B 432 22.19 -33.40 -8.24
C GLU B 432 21.81 -34.35 -7.11
N GLU B 433 22.08 -35.63 -7.32
CA GLU B 433 21.75 -36.66 -6.34
C GLU B 433 22.71 -36.68 -5.15
N GLU B 434 23.87 -36.08 -5.33
CA GLU B 434 24.90 -36.03 -4.29
C GLU B 434 24.30 -35.50 -2.97
N GLY B 435 24.12 -36.41 -2.00
CA GLY B 435 23.55 -36.01 -0.74
C GLY B 435 22.12 -35.55 -0.94
N SER B 436 21.72 -34.50 -0.24
CA SER B 436 20.36 -33.98 -0.37
C SER B 436 20.21 -33.49 -1.82
N LYS B 437 19.41 -34.23 -2.59
CA LYS B 437 19.19 -33.89 -4.00
C LYS B 437 18.80 -32.44 -4.21
N ARG B 438 19.37 -31.85 -5.26
CA ARG B 438 19.10 -30.47 -5.60
C ARG B 438 18.93 -30.35 -7.11
N ILE B 439 18.17 -29.35 -7.53
CA ILE B 439 17.95 -29.12 -8.96
C ILE B 439 18.92 -28.06 -9.43
N ASN B 440 19.70 -28.40 -10.46
CA ASN B 440 20.66 -27.48 -11.06
C ASN B 440 19.91 -26.61 -12.06
N MET B 441 19.42 -25.47 -11.60
CA MET B 441 18.65 -24.55 -12.44
C MET B 441 19.33 -24.15 -13.74
N ALA B 442 20.67 -24.13 -13.74
CA ALA B 442 21.39 -23.74 -14.95
C ALA B 442 21.24 -24.78 -16.04
N HIS B 443 21.31 -26.04 -15.65
CA HIS B 443 21.16 -27.15 -16.60
C HIS B 443 19.77 -27.11 -17.21
N LEU B 444 18.78 -26.82 -16.38
CA LEU B 444 17.40 -26.71 -16.83
C LEU B 444 17.30 -25.63 -17.89
N CYS B 445 17.90 -24.47 -17.61
CA CYS B 445 17.87 -23.34 -18.54
C CYS B 445 18.57 -23.68 -19.86
N ILE B 446 19.67 -24.43 -19.78
CA ILE B 446 20.39 -24.80 -20.98
C ILE B 446 19.54 -25.70 -21.90
N VAL B 447 18.86 -26.67 -21.30
CA VAL B 447 18.05 -27.59 -22.08
C VAL B 447 16.71 -27.02 -22.55
N GLY B 448 16.21 -26.03 -21.82
CA GLY B 448 14.94 -25.42 -22.21
C GLY B 448 15.09 -24.16 -23.03
N SER B 449 16.30 -23.93 -23.56
CA SER B 449 16.55 -22.72 -24.36
C SER B 449 17.25 -23.03 -25.66
N HIS B 450 16.98 -22.23 -26.69
CA HIS B 450 17.62 -22.44 -27.97
C HIS B 450 18.92 -21.67 -28.04
N ALA B 451 19.16 -20.84 -27.03
CA ALA B 451 20.38 -20.05 -26.96
C ALA B 451 20.79 -19.77 -25.51
N VAL B 452 22.09 -19.92 -25.25
CA VAL B 452 22.67 -19.68 -23.93
C VAL B 452 23.85 -18.71 -24.18
N ASN B 453 23.91 -17.62 -23.42
CA ASN B 453 24.99 -16.65 -23.64
C ASN B 453 25.70 -16.13 -22.38
N GLY B 454 26.97 -15.77 -22.57
CA GLY B 454 27.78 -15.23 -21.49
C GLY B 454 27.76 -13.72 -21.68
N VAL B 455 28.32 -12.97 -20.74
CA VAL B 455 28.29 -11.50 -20.85
C VAL B 455 29.58 -10.80 -21.27
N ALA B 456 30.57 -11.57 -21.70
CA ALA B 456 31.85 -11.02 -22.15
C ALA B 456 32.62 -12.15 -22.81
N LYS B 457 33.35 -11.85 -23.88
CA LYS B 457 34.10 -12.88 -24.60
C LYS B 457 34.77 -13.89 -23.66
N ILE B 458 35.61 -13.40 -22.77
CA ILE B 458 36.31 -14.27 -21.85
C ILE B 458 35.33 -15.14 -21.05
N HIS B 459 34.28 -14.52 -20.53
CA HIS B 459 33.26 -15.23 -19.75
C HIS B 459 32.56 -16.29 -20.58
N SER B 460 31.94 -15.86 -21.67
CA SER B 460 31.23 -16.77 -22.55
C SER B 460 32.09 -17.95 -22.96
N ASP B 461 33.39 -17.73 -23.12
CA ASP B 461 34.27 -18.81 -23.53
C ASP B 461 34.39 -19.88 -22.44
N ILE B 462 34.52 -19.46 -21.18
CA ILE B 462 34.63 -20.38 -20.06
C ILE B 462 33.31 -21.12 -19.86
N VAL B 463 32.21 -20.41 -20.07
CA VAL B 463 30.90 -20.99 -19.90
C VAL B 463 30.71 -22.10 -20.92
N LYS B 464 31.08 -21.82 -22.16
CA LYS B 464 30.93 -22.78 -23.25
C LYS B 464 31.89 -23.96 -23.14
N THR B 465 33.18 -23.68 -23.32
CA THR B 465 34.21 -24.70 -23.29
C THR B 465 34.48 -25.39 -21.95
N LYS B 466 34.37 -24.66 -20.85
CA LYS B 466 34.62 -25.26 -19.54
C LYS B 466 33.38 -25.68 -18.77
N VAL B 467 32.77 -24.71 -18.09
CA VAL B 467 31.59 -24.95 -17.27
C VAL B 467 30.51 -25.85 -17.87
N PHE B 468 30.24 -25.70 -19.16
CA PHE B 468 29.21 -26.51 -19.80
C PHE B 468 29.70 -27.19 -21.08
N LYS B 469 30.95 -27.63 -21.04
CA LYS B 469 31.55 -28.32 -22.18
C LYS B 469 30.69 -29.49 -22.66
N ASP B 470 30.25 -30.33 -21.73
CA ASP B 470 29.43 -31.50 -22.05
C ASP B 470 28.24 -31.10 -22.92
N PHE B 471 27.60 -29.99 -22.54
CA PHE B 471 26.43 -29.49 -23.25
C PHE B 471 26.78 -28.88 -24.60
N SER B 472 27.70 -27.92 -24.60
CA SER B 472 28.11 -27.24 -25.83
C SER B 472 28.64 -28.21 -26.86
N GLU B 473 29.16 -29.33 -26.39
CA GLU B 473 29.72 -30.35 -27.28
C GLU B 473 28.61 -30.92 -28.15
N LEU B 474 27.46 -31.12 -27.54
CA LEU B 474 26.29 -31.65 -28.23
C LEU B 474 25.76 -30.61 -29.21
N GLU B 475 25.53 -29.42 -28.69
CA GLU B 475 25.02 -28.32 -29.50
C GLU B 475 25.96 -27.13 -29.40
N PRO B 476 26.99 -27.09 -30.25
CA PRO B 476 27.97 -26.00 -30.24
C PRO B 476 27.31 -24.67 -30.54
N ASP B 477 26.47 -24.67 -31.56
CA ASP B 477 25.75 -23.48 -32.01
C ASP B 477 24.87 -22.81 -30.96
N LYS B 478 24.48 -23.55 -29.93
CA LYS B 478 23.61 -22.97 -28.91
C LYS B 478 24.28 -21.90 -28.07
N PHE B 479 25.56 -22.13 -27.75
CA PHE B 479 26.30 -21.21 -26.91
C PHE B 479 26.93 -20.06 -27.66
N GLN B 480 26.66 -18.84 -27.20
CA GLN B 480 27.23 -17.62 -27.80
C GLN B 480 27.66 -16.61 -26.75
N ASN B 481 28.14 -15.46 -27.22
CA ASN B 481 28.58 -14.39 -26.35
C ASN B 481 27.88 -13.09 -26.72
N LYS B 482 27.65 -12.26 -25.72
CA LYS B 482 27.03 -10.96 -25.92
C LYS B 482 27.67 -10.05 -24.89
N THR B 483 28.74 -9.38 -25.30
CA THR B 483 29.44 -8.50 -24.39
C THR B 483 28.49 -7.41 -23.91
N ASN B 484 28.46 -7.22 -22.59
CA ASN B 484 27.61 -6.22 -21.97
C ASN B 484 27.87 -4.80 -22.50
N GLY B 485 27.02 -3.87 -22.08
CA GLY B 485 27.15 -2.48 -22.49
C GLY B 485 26.33 -1.64 -21.54
N ILE B 486 26.56 -0.33 -21.54
CA ILE B 486 25.82 0.60 -20.68
C ILE B 486 25.14 1.65 -21.57
N THR B 487 24.07 2.27 -21.08
CA THR B 487 23.39 3.27 -21.89
C THR B 487 24.12 4.60 -21.83
N PRO B 488 24.56 5.12 -22.99
CA PRO B 488 25.28 6.40 -23.09
C PRO B 488 24.41 7.59 -22.74
N ARG B 489 23.14 7.31 -22.44
CA ARG B 489 22.23 8.38 -22.08
C ARG B 489 22.42 8.69 -20.60
N ARG B 490 22.02 7.78 -19.75
CA ARG B 490 22.15 7.97 -18.31
C ARG B 490 23.60 8.03 -17.86
N TRP B 491 24.45 7.28 -18.56
CA TRP B 491 25.85 7.22 -18.21
C TRP B 491 26.79 8.19 -18.93
N LEU B 492 26.22 9.19 -19.60
CA LEU B 492 27.02 10.22 -20.27
C LEU B 492 26.23 11.52 -20.28
N LEU B 493 25.20 11.58 -21.13
CA LEU B 493 24.36 12.76 -21.23
C LEU B 493 23.84 13.21 -19.88
N LEU B 494 23.33 12.27 -19.09
CA LEU B 494 22.77 12.60 -17.79
C LEU B 494 23.79 12.86 -16.69
N CYS B 495 24.66 11.87 -16.44
CA CYS B 495 25.65 11.98 -15.37
C CYS B 495 26.80 12.93 -15.66
N ASN B 496 27.10 13.13 -16.94
CA ASN B 496 28.22 13.99 -17.30
C ASN B 496 27.89 14.94 -18.45
N PRO B 497 27.05 15.97 -18.18
CA PRO B 497 26.68 16.93 -19.24
C PRO B 497 27.89 17.65 -19.83
N GLY B 498 28.81 18.06 -18.98
CA GLY B 498 30.01 18.74 -19.43
C GLY B 498 30.81 17.98 -20.48
N LEU B 499 30.97 16.66 -20.26
CA LEU B 499 31.71 15.84 -21.19
C LEU B 499 30.89 15.64 -22.45
N ALA B 500 29.61 15.34 -22.27
CA ALA B 500 28.73 15.12 -23.41
C ALA B 500 28.77 16.35 -24.31
N GLU B 501 28.68 17.52 -23.71
CA GLU B 501 28.70 18.78 -24.45
C GLU B 501 30.02 19.00 -25.16
N LEU B 502 31.13 18.75 -24.46
CA LEU B 502 32.45 18.92 -25.03
C LEU B 502 32.55 18.08 -26.30
N ILE B 503 32.18 16.81 -26.19
CA ILE B 503 32.24 15.89 -27.31
C ILE B 503 31.35 16.33 -28.46
N ALA B 504 30.13 16.77 -28.13
CA ALA B 504 29.17 17.20 -29.13
C ALA B 504 29.72 18.40 -29.89
N GLU B 505 30.36 19.30 -29.17
CA GLU B 505 30.94 20.50 -29.76
C GLU B 505 32.06 20.16 -30.75
N LYS B 506 32.68 19.02 -30.55
CA LYS B 506 33.77 18.61 -31.42
C LYS B 506 33.38 17.65 -32.54
N ILE B 507 32.38 16.80 -32.30
CA ILE B 507 31.99 15.83 -33.32
C ILE B 507 30.50 15.69 -33.64
N GLY B 508 29.64 16.52 -33.04
CA GLY B 508 28.22 16.40 -33.30
C GLY B 508 27.54 15.50 -32.28
N GLU B 509 26.21 15.45 -32.30
CA GLU B 509 25.49 14.62 -31.33
C GLU B 509 25.08 13.24 -31.83
N ASP B 510 25.58 12.86 -33.00
CA ASP B 510 25.25 11.56 -33.57
C ASP B 510 25.71 10.44 -32.64
N TYR B 511 26.82 10.67 -31.96
CA TYR B 511 27.41 9.68 -31.06
C TYR B 511 26.45 9.15 -30.01
N VAL B 512 25.46 9.94 -29.62
CA VAL B 512 24.52 9.53 -28.60
C VAL B 512 23.67 8.33 -29.01
N LYS B 513 23.38 8.21 -30.30
CA LYS B 513 22.58 7.11 -30.82
C LYS B 513 23.47 6.08 -31.52
N ASP B 514 24.73 6.46 -31.74
CA ASP B 514 25.73 5.61 -32.37
C ASP B 514 27.05 5.93 -31.67
N LEU B 515 27.28 5.35 -30.51
CA LEU B 515 28.50 5.64 -29.75
C LEU B 515 29.79 5.30 -30.47
N SER B 516 29.71 4.47 -31.50
CA SER B 516 30.93 4.11 -32.25
C SER B 516 31.51 5.39 -32.83
N GLN B 517 30.69 6.44 -32.86
CA GLN B 517 31.12 7.72 -33.39
C GLN B 517 32.18 8.36 -32.53
N LEU B 518 32.39 7.83 -31.33
CA LEU B 518 33.39 8.39 -30.43
C LEU B 518 34.81 8.24 -30.98
N THR B 519 34.99 7.33 -31.94
CA THR B 519 36.32 7.13 -32.53
C THR B 519 36.76 8.37 -33.29
N LYS B 520 35.79 9.23 -33.62
CA LYS B 520 36.07 10.46 -34.34
C LYS B 520 36.87 11.42 -33.46
N LEU B 521 36.91 11.14 -32.18
CA LEU B 521 37.64 11.99 -31.24
C LEU B 521 39.15 11.81 -31.36
N HIS B 522 39.57 10.83 -32.14
CA HIS B 522 40.99 10.56 -32.32
C HIS B 522 41.66 11.68 -33.11
N SER B 523 40.87 12.45 -33.84
CA SER B 523 41.40 13.55 -34.64
C SER B 523 41.96 14.65 -33.77
N PHE B 524 41.54 14.68 -32.51
CA PHE B 524 41.98 15.71 -31.57
C PHE B 524 43.06 15.25 -30.60
N LEU B 525 43.83 14.24 -31.02
CA LEU B 525 44.90 13.71 -30.19
C LEU B 525 46.00 14.74 -29.98
N GLY B 526 46.36 15.48 -31.03
CA GLY B 526 47.41 16.47 -30.89
C GLY B 526 46.87 17.84 -30.54
N ASP B 527 45.60 17.91 -30.18
CA ASP B 527 44.95 19.17 -29.85
C ASP B 527 45.13 19.55 -28.38
N ASP B 528 46.14 20.35 -28.08
CA ASP B 528 46.41 20.76 -26.71
C ASP B 528 45.29 21.58 -26.09
N VAL B 529 44.61 22.37 -26.90
CA VAL B 529 43.52 23.17 -26.36
C VAL B 529 42.37 22.24 -25.96
N PHE B 530 42.17 21.17 -26.74
CA PHE B 530 41.11 20.23 -26.47
C PHE B 530 41.45 19.42 -25.21
N LEU B 531 42.66 18.90 -25.15
CA LEU B 531 43.08 18.13 -23.99
C LEU B 531 42.89 18.96 -22.73
N ARG B 532 43.11 20.27 -22.85
CA ARG B 532 42.95 21.17 -21.72
C ARG B 532 41.48 21.29 -21.33
N GLU B 533 40.61 21.27 -22.34
CA GLU B 533 39.17 21.38 -22.14
C GLU B 533 38.67 20.10 -21.47
N LEU B 534 39.17 18.97 -21.95
CA LEU B 534 38.81 17.66 -21.42
C LEU B 534 39.13 17.65 -19.94
N ALA B 535 40.38 17.93 -19.61
CA ALA B 535 40.83 17.96 -18.22
C ALA B 535 40.01 18.93 -17.39
N LYS B 536 39.67 20.07 -17.98
CA LYS B 536 38.89 21.08 -17.27
C LYS B 536 37.55 20.49 -16.87
N VAL B 537 36.92 19.80 -17.81
CA VAL B 537 35.63 19.18 -17.55
C VAL B 537 35.77 18.26 -16.34
N LYS B 538 36.83 17.46 -16.33
CA LYS B 538 37.07 16.55 -15.23
C LYS B 538 37.30 17.30 -13.95
N GLN B 539 37.93 18.47 -14.06
CA GLN B 539 38.21 19.28 -12.88
C GLN B 539 36.94 19.77 -12.25
N GLU B 540 36.01 20.23 -13.08
CA GLU B 540 34.73 20.73 -12.57
C GLU B 540 33.94 19.62 -11.89
N ASN B 541 34.09 18.40 -12.40
CA ASN B 541 33.41 17.22 -11.85
C ASN B 541 33.94 16.93 -10.45
N LYS B 542 35.27 16.86 -10.35
CA LYS B 542 35.96 16.59 -9.09
C LYS B 542 35.62 17.64 -8.05
N LEU B 543 35.53 18.90 -8.47
CA LEU B 543 35.21 19.99 -7.56
C LEU B 543 33.81 19.87 -7.01
N LYS B 544 32.85 19.65 -7.90
CA LYS B 544 31.46 19.49 -7.49
C LYS B 544 31.33 18.32 -6.51
N PHE B 545 31.96 17.19 -6.84
CA PHE B 545 31.92 16.01 -5.99
C PHE B 545 32.70 16.20 -4.69
N SER B 546 33.81 16.94 -4.75
CA SER B 546 34.61 17.18 -3.56
C SER B 546 33.75 17.91 -2.53
N GLN B 547 32.93 18.83 -3.01
CA GLN B 547 32.04 19.60 -2.15
C GLN B 547 31.10 18.62 -1.48
N PHE B 548 30.54 17.72 -2.26
CA PHE B 548 29.62 16.71 -1.75
C PHE B 548 30.30 15.96 -0.61
N LEU B 549 31.52 15.48 -0.86
CA LEU B 549 32.29 14.73 0.14
C LEU B 549 32.54 15.54 1.41
N GLU B 550 32.98 16.78 1.26
CA GLU B 550 33.27 17.62 2.41
C GLU B 550 32.01 17.85 3.25
N THR B 551 30.86 18.01 2.60
CA THR B 551 29.61 18.23 3.33
C THR B 551 29.07 16.96 3.95
N GLU B 552 29.31 15.83 3.28
CA GLU B 552 28.84 14.54 3.77
C GLU B 552 29.75 14.03 4.88
N TYR B 553 31.02 13.90 4.55
CA TYR B 553 32.03 13.41 5.49
C TYR B 553 32.85 14.57 6.02
N LYS B 554 33.31 14.46 7.26
CA LYS B 554 34.12 15.51 7.86
C LYS B 554 35.56 15.30 7.41
N VAL B 555 35.85 15.69 6.17
CA VAL B 555 37.18 15.52 5.62
C VAL B 555 37.48 16.59 4.58
N LYS B 556 38.70 17.12 4.65
CA LYS B 556 39.12 18.14 3.70
C LYS B 556 39.75 17.43 2.50
N ILE B 557 39.03 17.45 1.39
CA ILE B 557 39.50 16.81 0.17
C ILE B 557 40.49 17.71 -0.56
N ASN B 558 41.46 17.08 -1.21
CA ASN B 558 42.47 17.80 -1.98
C ASN B 558 41.99 17.80 -3.43
N PRO B 559 41.34 18.89 -3.86
CA PRO B 559 40.80 19.05 -5.22
C PRO B 559 41.76 18.72 -6.37
N SER B 560 43.06 18.81 -6.12
CA SER B 560 44.03 18.52 -7.16
C SER B 560 44.62 17.11 -7.05
N SER B 561 44.14 16.36 -6.07
CA SER B 561 44.61 14.99 -5.86
C SER B 561 43.97 14.06 -6.88
N MET B 562 44.65 12.95 -7.16
CA MET B 562 44.14 11.98 -8.11
C MET B 562 43.00 11.24 -7.41
N PHE B 563 41.86 11.17 -8.07
CA PHE B 563 40.72 10.48 -7.49
C PHE B 563 40.75 8.99 -7.86
N ASP B 564 41.15 8.18 -6.89
CA ASP B 564 41.25 6.73 -7.05
C ASP B 564 39.95 6.13 -6.53
N VAL B 565 39.10 5.64 -7.44
CA VAL B 565 37.81 5.11 -7.04
C VAL B 565 37.53 3.66 -7.40
N GLN B 566 37.01 2.92 -6.42
CA GLN B 566 36.61 1.52 -6.62
C GLN B 566 35.24 1.43 -5.99
N VAL B 567 34.20 1.46 -6.83
CA VAL B 567 32.83 1.40 -6.34
C VAL B 567 32.12 0.23 -6.99
N LYS B 568 31.52 -0.60 -6.14
CA LYS B 568 30.79 -1.78 -6.59
C LYS B 568 30.37 -2.53 -5.34
N ARG B 569 29.66 -3.65 -5.51
CA ARG B 569 29.22 -4.43 -4.37
C ARG B 569 30.46 -4.99 -3.67
N ILE B 570 30.43 -5.02 -2.35
CA ILE B 570 31.55 -5.53 -1.57
C ILE B 570 31.60 -7.05 -1.70
N HIS B 571 32.67 -7.55 -2.31
CA HIS B 571 32.82 -8.98 -2.49
C HIS B 571 34.28 -9.38 -2.52
N GLU B 572 34.59 -10.54 -1.95
CA GLU B 572 35.96 -11.02 -1.92
C GLU B 572 36.54 -11.19 -3.31
N TYR B 573 35.76 -11.71 -4.24
CA TYR B 573 36.26 -11.92 -5.59
C TYR B 573 36.59 -10.60 -6.27
N LYS B 574 35.94 -9.53 -5.81
CA LYS B 574 36.14 -8.19 -6.35
C LYS B 574 37.42 -7.56 -5.82
N ARG B 575 37.90 -8.07 -4.68
CA ARG B 575 39.15 -7.62 -4.04
C ARG B 575 39.30 -6.18 -3.55
N GLN B 576 38.31 -5.68 -2.82
CA GLN B 576 38.42 -4.34 -2.27
C GLN B 576 39.53 -4.45 -1.22
N LEU B 577 39.76 -5.69 -0.76
CA LEU B 577 40.78 -5.99 0.24
C LEU B 577 42.15 -5.73 -0.35
N LEU B 578 42.34 -6.16 -1.60
CA LEU B 578 43.60 -5.95 -2.28
C LEU B 578 43.87 -4.45 -2.31
N ASN B 579 42.84 -3.68 -2.65
CA ASN B 579 42.95 -2.23 -2.71
C ASN B 579 43.36 -1.68 -1.35
N CYS B 580 42.76 -2.24 -0.30
CA CYS B 580 43.04 -1.79 1.06
C CYS B 580 44.50 -2.01 1.46
N LEU B 581 45.13 -3.04 0.92
CA LEU B 581 46.52 -3.32 1.24
C LEU B 581 47.40 -2.28 0.57
N HIS B 582 46.99 -1.84 -0.62
CA HIS B 582 47.74 -0.82 -1.33
C HIS B 582 47.62 0.53 -0.64
N VAL B 583 46.46 0.79 -0.03
CA VAL B 583 46.25 2.05 0.68
C VAL B 583 47.17 2.09 1.90
N ILE B 584 47.23 0.98 2.62
CA ILE B 584 48.07 0.88 3.80
C ILE B 584 49.51 0.93 3.32
N THR B 585 49.80 0.25 2.23
CA THR B 585 51.14 0.23 1.67
C THR B 585 51.56 1.66 1.31
N MET B 586 50.61 2.46 0.84
CA MET B 586 50.88 3.84 0.46
C MET B 586 51.11 4.68 1.71
N TYR B 587 50.27 4.47 2.71
CA TYR B 587 50.36 5.20 3.97
C TYR B 587 51.72 4.99 4.64
N ASN B 588 52.16 3.74 4.71
CA ASN B 588 53.45 3.43 5.33
C ASN B 588 54.59 4.19 4.64
N ARG B 589 54.54 4.29 3.31
CA ARG B 589 55.57 4.98 2.54
C ARG B 589 55.63 6.47 2.90
N ILE B 590 54.47 7.05 3.18
CA ILE B 590 54.40 8.47 3.52
C ILE B 590 55.07 8.77 4.86
N LYS B 591 55.05 7.81 5.77
CA LYS B 591 55.64 7.99 7.08
C LYS B 591 57.16 7.86 7.03
N LYS B 592 57.63 6.83 6.34
CA LYS B 592 59.05 6.57 6.19
C LYS B 592 59.75 7.60 5.31
N ASP B 593 59.00 8.59 4.84
CA ASP B 593 59.57 9.63 3.97
C ASP B 593 58.50 10.67 3.62
N PRO B 594 58.01 11.40 4.62
CA PRO B 594 56.98 12.42 4.41
C PRO B 594 57.39 13.57 3.50
N LYS B 595 58.66 13.61 3.12
CA LYS B 595 59.16 14.68 2.26
C LYS B 595 59.30 14.27 0.79
N LYS B 596 59.23 12.96 0.54
CA LYS B 596 59.36 12.43 -0.81
C LYS B 596 58.29 12.97 -1.76
N LEU B 597 58.70 13.41 -2.95
CA LEU B 597 57.77 13.95 -3.93
C LEU B 597 56.67 12.91 -4.13
N PHE B 598 55.42 13.30 -3.92
CA PHE B 598 54.32 12.37 -4.00
C PHE B 598 53.10 12.91 -4.73
N VAL B 599 52.48 12.07 -5.55
CA VAL B 599 51.27 12.46 -6.24
C VAL B 599 50.16 12.23 -5.22
N PRO B 600 49.48 13.31 -4.79
CA PRO B 600 48.41 13.15 -3.80
C PRO B 600 47.25 12.32 -4.35
N ARG B 601 46.51 11.68 -3.45
CA ARG B 601 45.40 10.83 -3.83
C ARG B 601 44.24 10.91 -2.88
N THR B 602 43.03 10.75 -3.42
CA THR B 602 41.84 10.70 -2.60
C THR B 602 41.27 9.35 -3.00
N VAL B 603 41.53 8.34 -2.17
CA VAL B 603 41.07 7.00 -2.45
C VAL B 603 39.65 6.82 -1.95
N ILE B 604 38.73 6.55 -2.86
CA ILE B 604 37.34 6.33 -2.47
C ILE B 604 36.95 4.89 -2.73
N ILE B 605 36.33 4.27 -1.73
CA ILE B 605 35.89 2.90 -1.85
C ILE B 605 34.47 2.81 -1.31
N GLY B 606 33.55 2.38 -2.16
CA GLY B 606 32.16 2.27 -1.75
C GLY B 606 31.49 0.99 -2.24
N GLY B 607 30.40 0.62 -1.59
CA GLY B 607 29.68 -0.56 -1.99
C GLY B 607 28.92 -1.12 -0.82
N LYS B 608 27.83 -1.82 -1.12
CA LYS B 608 27.02 -2.42 -0.08
C LYS B 608 27.46 -3.86 0.10
N ALA B 609 27.28 -4.37 1.31
CA ALA B 609 27.64 -5.73 1.61
C ALA B 609 26.35 -6.47 1.88
N ALA B 610 26.23 -7.70 1.38
CA ALA B 610 25.01 -8.47 1.64
C ALA B 610 24.96 -8.52 3.15
N PRO B 611 23.79 -8.27 3.75
CA PRO B 611 23.62 -8.28 5.22
C PRO B 611 24.26 -9.48 5.93
N GLY B 612 24.12 -10.67 5.36
CA GLY B 612 24.68 -11.86 5.96
C GLY B 612 26.06 -12.25 5.45
N TYR B 613 26.74 -11.35 4.75
CA TYR B 613 28.08 -11.65 4.24
C TYR B 613 29.13 -11.13 5.23
N HIS B 614 29.55 -12.00 6.14
CA HIS B 614 30.52 -11.64 7.17
C HIS B 614 31.82 -11.04 6.66
N MET B 615 32.55 -11.80 5.86
CA MET B 615 33.82 -11.31 5.35
C MET B 615 33.65 -9.92 4.79
N ALA B 616 32.72 -9.76 3.85
CA ALA B 616 32.47 -8.47 3.22
C ALA B 616 32.25 -7.37 4.25
N LYS B 617 31.54 -7.69 5.33
CA LYS B 617 31.28 -6.71 6.35
C LYS B 617 32.54 -6.46 7.18
N MET B 618 33.43 -7.45 7.21
CA MET B 618 34.67 -7.29 7.94
C MET B 618 35.55 -6.37 7.12
N ILE B 619 35.61 -6.63 5.81
CA ILE B 619 36.40 -5.83 4.90
C ILE B 619 35.96 -4.36 4.90
N ILE B 620 34.69 -4.11 5.20
CA ILE B 620 34.20 -2.74 5.25
C ILE B 620 34.81 -2.08 6.48
N LYS B 621 34.69 -2.77 7.61
CA LYS B 621 35.22 -2.27 8.87
C LYS B 621 36.71 -1.96 8.73
N LEU B 622 37.43 -2.82 8.02
CA LEU B 622 38.85 -2.60 7.80
C LEU B 622 39.05 -1.27 7.09
N ILE B 623 38.37 -1.08 5.96
CA ILE B 623 38.51 0.16 5.19
C ILE B 623 38.22 1.38 6.03
N THR B 624 37.13 1.37 6.77
CA THR B 624 36.79 2.51 7.61
C THR B 624 37.88 2.71 8.69
N SER B 625 38.45 1.60 9.15
CA SER B 625 39.50 1.62 10.18
C SER B 625 40.79 2.22 9.63
N VAL B 626 41.20 1.71 8.47
CA VAL B 626 42.40 2.20 7.80
C VAL B 626 42.19 3.68 7.48
N ALA B 627 40.97 4.02 7.08
CA ALA B 627 40.62 5.38 6.74
C ALA B 627 40.85 6.30 7.94
N ASP B 628 40.34 5.88 9.09
CA ASP B 628 40.47 6.67 10.30
C ASP B 628 41.91 7.02 10.67
N VAL B 629 42.83 6.08 10.46
CA VAL B 629 44.23 6.31 10.78
C VAL B 629 44.84 7.26 9.75
N VAL B 630 44.80 6.86 8.49
CA VAL B 630 45.35 7.67 7.41
C VAL B 630 44.83 9.11 7.47
N ASN B 631 43.51 9.27 7.41
CA ASN B 631 42.86 10.58 7.42
C ASN B 631 43.19 11.49 8.59
N ASN B 632 43.59 10.93 9.72
CA ASN B 632 43.87 11.75 10.88
C ASN B 632 45.34 11.87 11.25
N ASP B 633 46.20 11.29 10.43
CA ASP B 633 47.64 11.35 10.68
C ASP B 633 48.14 12.70 10.17
N PRO B 634 48.58 13.58 11.08
CA PRO B 634 49.09 14.91 10.68
C PRO B 634 50.30 14.78 9.76
N MET B 635 50.94 13.62 9.82
CA MET B 635 52.11 13.34 9.00
C MET B 635 51.73 13.25 7.52
N VAL B 636 50.71 12.45 7.22
CA VAL B 636 50.26 12.30 5.84
C VAL B 636 49.55 13.57 5.40
N GLY B 637 48.73 14.13 6.28
CA GLY B 637 48.01 15.34 5.93
C GLY B 637 47.26 15.26 4.60
N SER B 638 47.46 16.25 3.75
CA SER B 638 46.78 16.29 2.46
C SER B 638 47.44 15.45 1.38
N LYS B 639 48.36 14.59 1.78
CA LYS B 639 49.04 13.75 0.80
C LYS B 639 48.15 12.59 0.38
N LEU B 640 47.30 12.12 1.29
CA LEU B 640 46.42 10.99 1.02
C LEU B 640 45.21 10.96 1.93
N LYS B 641 44.04 10.73 1.34
CA LYS B 641 42.78 10.65 2.08
C LYS B 641 41.99 9.43 1.63
N VAL B 642 41.38 8.73 2.59
CA VAL B 642 40.61 7.53 2.30
C VAL B 642 39.15 7.73 2.72
N ILE B 643 38.23 7.48 1.80
CA ILE B 643 36.81 7.63 2.07
C ILE B 643 36.03 6.39 1.71
N PHE B 644 35.11 6.00 2.57
CA PHE B 644 34.25 4.87 2.26
C PHE B 644 32.95 5.51 1.80
N LEU B 645 32.69 5.46 0.50
CA LEU B 645 31.48 6.02 -0.06
C LEU B 645 30.26 5.25 0.45
N GLU B 646 29.52 5.87 1.34
CA GLU B 646 28.33 5.29 1.94
C GLU B 646 27.15 5.16 0.97
N ASN B 647 26.30 4.16 1.19
CA ASN B 647 25.12 3.94 0.37
C ASN B 647 25.29 4.03 -1.13
N TYR B 648 26.26 3.31 -1.68
CA TYR B 648 26.51 3.35 -3.10
C TYR B 648 25.28 2.80 -3.85
N ARG B 649 24.78 3.60 -4.79
CA ARG B 649 23.61 3.24 -5.57
C ARG B 649 23.67 3.97 -6.91
N VAL B 650 22.73 3.68 -7.80
CA VAL B 650 22.73 4.30 -9.13
C VAL B 650 22.82 5.82 -9.16
N SER B 651 22.04 6.51 -8.33
CA SER B 651 22.08 7.96 -8.35
C SER B 651 23.40 8.53 -7.83
N LEU B 652 24.07 7.79 -6.94
CA LEU B 652 25.36 8.23 -6.39
C LEU B 652 26.47 7.89 -7.39
N ALA B 653 26.26 6.81 -8.14
CA ALA B 653 27.24 6.37 -9.13
C ALA B 653 27.35 7.43 -10.22
N GLU B 654 26.21 8.05 -10.53
CA GLU B 654 26.15 9.10 -11.55
C GLU B 654 26.93 10.32 -11.07
N LYS B 655 27.14 10.39 -9.76
CA LYS B 655 27.87 11.50 -9.16
C LYS B 655 29.36 11.22 -9.07
N VAL B 656 29.72 10.06 -8.52
CA VAL B 656 31.13 9.73 -8.34
C VAL B 656 31.90 9.31 -9.59
N ILE B 657 31.24 8.62 -10.52
CA ILE B 657 31.92 8.17 -11.74
C ILE B 657 32.50 9.30 -12.59
N PRO B 658 31.71 10.35 -12.88
CA PRO B 658 32.23 11.45 -13.70
C PRO B 658 33.41 12.21 -13.06
N ALA B 659 33.58 12.03 -11.75
CA ALA B 659 34.64 12.69 -11.00
C ALA B 659 35.85 11.79 -10.74
N THR B 660 35.94 10.66 -11.43
CA THR B 660 37.04 9.72 -11.21
C THR B 660 38.20 9.82 -12.18
N ASP B 661 39.42 9.67 -11.64
CA ASP B 661 40.64 9.71 -12.43
C ASP B 661 41.10 8.29 -12.71
N LEU B 662 41.05 7.46 -11.67
CA LEU B 662 41.46 6.07 -11.77
C LEU B 662 40.34 5.13 -11.32
N SER B 663 39.97 4.21 -12.21
CA SER B 663 38.92 3.23 -11.97
C SER B 663 39.53 1.89 -11.61
N GLU B 664 39.18 1.38 -10.42
CA GLU B 664 39.70 0.10 -9.95
C GLU B 664 38.84 -1.08 -10.37
N GLN B 665 39.39 -1.95 -11.20
CA GLN B 665 38.71 -3.14 -11.69
C GLN B 665 39.70 -4.28 -11.50
N ILE B 666 39.93 -4.62 -10.24
CA ILE B 666 40.92 -5.63 -9.84
C ILE B 666 40.40 -7.00 -9.37
N SER B 667 39.33 -7.48 -9.99
CA SER B 667 38.78 -8.78 -9.63
C SER B 667 39.76 -9.89 -10.04
N THR B 668 39.78 -10.98 -9.29
CA THR B 668 40.68 -12.07 -9.65
C THR B 668 40.33 -12.54 -11.07
N ALA B 669 41.35 -12.83 -11.86
CA ALA B 669 41.12 -13.29 -13.23
C ALA B 669 40.17 -14.48 -13.27
N GLY B 670 39.07 -14.32 -13.99
CA GLY B 670 38.09 -15.39 -14.12
C GLY B 670 36.89 -15.26 -13.20
N THR B 671 36.86 -14.22 -12.38
CA THR B 671 35.73 -14.04 -11.45
C THR B 671 34.67 -13.02 -11.84
N GLU B 672 35.02 -12.05 -12.66
CA GLU B 672 34.06 -11.03 -13.09
C GLU B 672 33.58 -11.36 -14.50
N ALA B 673 32.40 -11.95 -14.59
CA ALA B 673 31.83 -12.35 -15.88
C ALA B 673 32.05 -11.28 -16.92
N SER B 674 31.83 -10.03 -16.53
CA SER B 674 32.03 -8.94 -17.46
C SER B 674 32.31 -7.63 -16.76
N GLY B 675 31.34 -7.20 -15.94
CA GLY B 675 31.48 -5.94 -15.24
C GLY B 675 30.86 -4.88 -16.13
N THR B 676 30.37 -3.79 -15.53
CA THR B 676 29.78 -2.71 -16.32
C THR B 676 30.19 -1.34 -15.77
N GLY B 677 30.50 -1.29 -14.48
CA GLY B 677 30.96 -0.03 -13.90
C GLY B 677 32.24 0.33 -14.63
N ASN B 678 33.02 -0.69 -14.99
CA ASN B 678 34.26 -0.51 -15.70
C ASN B 678 34.01 0.31 -16.97
N MET B 679 32.96 -0.04 -17.69
CA MET B 679 32.60 0.66 -18.92
C MET B 679 32.18 2.10 -18.64
N LYS B 680 31.49 2.32 -17.52
CA LYS B 680 31.04 3.65 -17.17
C LYS B 680 32.22 4.60 -16.89
N PHE B 681 33.24 4.10 -16.21
CA PHE B 681 34.39 4.93 -15.91
C PHE B 681 35.09 5.29 -17.22
N MET B 682 35.33 4.28 -18.06
CA MET B 682 36.00 4.49 -19.34
C MET B 682 35.33 5.55 -20.20
N LEU B 683 34.01 5.58 -20.17
CA LEU B 683 33.25 6.55 -20.96
C LEU B 683 33.32 7.94 -20.38
N ASN B 684 33.51 8.02 -19.05
CA ASN B 684 33.55 9.30 -18.37
C ASN B 684 34.93 9.92 -18.13
N GLY B 685 35.95 9.41 -18.82
CA GLY B 685 37.27 9.97 -18.67
C GLY B 685 38.16 9.53 -17.53
N ALA B 686 38.11 8.26 -17.17
CA ALA B 686 38.94 7.75 -16.10
C ALA B 686 39.82 6.69 -16.74
N LEU B 687 41.03 6.50 -16.20
CA LEU B 687 41.92 5.47 -16.74
C LEU B 687 41.62 4.25 -15.91
N THR B 688 41.92 3.07 -16.44
CA THR B 688 41.61 1.85 -15.70
C THR B 688 42.82 1.05 -15.23
N ILE B 689 42.76 0.67 -13.95
CA ILE B 689 43.79 -0.17 -13.36
C ILE B 689 43.03 -1.45 -13.08
N GLY B 690 43.41 -2.53 -13.75
CA GLY B 690 42.71 -3.78 -13.53
C GLY B 690 43.35 -5.02 -14.12
N THR B 691 42.71 -6.15 -13.86
CA THR B 691 43.19 -7.43 -14.34
C THR B 691 42.56 -7.74 -15.69
N MET B 692 43.11 -8.76 -16.37
CA MET B 692 42.59 -9.19 -17.65
C MET B 692 41.38 -10.09 -17.35
N ASP B 693 40.32 -9.47 -16.86
CA ASP B 693 39.10 -10.20 -16.50
C ASP B 693 37.86 -9.54 -17.09
N GLY B 694 36.81 -10.33 -17.28
CA GLY B 694 35.57 -9.80 -17.81
C GLY B 694 35.75 -8.95 -19.05
N ALA B 695 35.00 -7.85 -19.14
CA ALA B 695 35.09 -6.96 -20.29
C ALA B 695 36.38 -6.14 -20.29
N ASN B 696 37.13 -6.20 -19.20
CA ASN B 696 38.40 -5.48 -19.09
C ASN B 696 39.23 -5.84 -20.31
N VAL B 697 39.22 -7.13 -20.64
CA VAL B 697 39.97 -7.64 -21.77
C VAL B 697 39.55 -6.97 -23.08
N GLU B 698 38.27 -6.70 -23.22
CA GLU B 698 37.80 -6.08 -24.44
C GLU B 698 38.04 -4.58 -24.47
N MET B 699 38.01 -3.93 -23.32
CA MET B 699 38.27 -2.50 -23.25
C MET B 699 39.70 -2.31 -23.72
N ALA B 700 40.56 -3.26 -23.36
CA ALA B 700 41.95 -3.24 -23.73
C ALA B 700 42.08 -3.42 -25.24
N GLU B 701 41.30 -4.33 -25.80
CA GLU B 701 41.34 -4.58 -27.24
C GLU B 701 40.98 -3.32 -28.01
N GLU B 702 39.96 -2.61 -27.53
CA GLU B 702 39.48 -1.40 -28.18
C GLU B 702 40.43 -0.22 -28.05
N ALA B 703 40.72 0.17 -26.81
CA ALA B 703 41.61 1.30 -26.55
C ALA B 703 43.09 1.01 -26.78
N GLY B 704 43.45 -0.26 -26.65
CA GLY B 704 44.85 -0.64 -26.80
C GLY B 704 45.37 -0.91 -25.40
N GLU B 705 45.92 -2.10 -25.17
CA GLU B 705 46.42 -2.46 -23.85
C GLU B 705 47.32 -1.42 -23.19
N GLU B 706 48.16 -0.77 -23.97
CA GLU B 706 49.08 0.23 -23.43
C GLU B 706 48.37 1.43 -22.82
N ASN B 707 47.10 1.63 -23.20
CA ASN B 707 46.32 2.75 -22.68
C ASN B 707 45.48 2.36 -21.49
N LEU B 708 45.76 1.19 -20.95
CA LEU B 708 45.06 0.68 -19.78
C LEU B 708 46.14 0.13 -18.86
N PHE B 709 45.91 0.24 -17.56
CA PHE B 709 46.89 -0.26 -16.61
C PHE B 709 46.59 -1.68 -16.20
N ILE B 710 46.86 -2.63 -17.11
CA ILE B 710 46.62 -4.05 -16.85
C ILE B 710 47.73 -4.62 -15.97
N PHE B 711 47.35 -5.50 -15.05
CA PHE B 711 48.31 -6.10 -14.13
C PHE B 711 47.83 -7.45 -13.63
N GLY B 712 48.62 -8.04 -12.74
CA GLY B 712 48.28 -9.32 -12.13
C GLY B 712 48.29 -10.50 -13.08
N MET B 713 47.96 -11.67 -12.55
CA MET B 713 47.95 -12.88 -13.35
C MET B 713 46.66 -12.99 -14.14
N ARG B 714 46.74 -13.70 -15.25
CA ARG B 714 45.60 -13.92 -16.11
C ARG B 714 44.98 -15.27 -15.80
N ILE B 715 43.83 -15.55 -16.39
CA ILE B 715 43.11 -16.80 -16.18
C ILE B 715 44.00 -18.04 -16.15
N ASP B 716 44.99 -18.09 -17.03
CA ASP B 716 45.91 -19.21 -17.11
C ASP B 716 46.82 -19.30 -15.88
N ASP B 717 47.41 -18.17 -15.52
CA ASP B 717 48.30 -18.12 -14.36
C ASP B 717 47.55 -18.56 -13.11
N VAL B 718 46.27 -18.21 -13.02
CA VAL B 718 45.47 -18.59 -11.85
C VAL B 718 45.23 -20.10 -11.81
N ALA B 719 45.23 -20.72 -12.99
CA ALA B 719 45.02 -22.15 -13.09
C ALA B 719 46.28 -22.89 -12.66
N ALA B 720 47.44 -22.40 -13.11
CA ALA B 720 48.71 -23.00 -12.77
C ALA B 720 48.99 -22.87 -11.28
N LEU B 721 48.63 -21.72 -10.71
CA LEU B 721 48.85 -21.48 -9.29
C LEU B 721 47.95 -22.39 -8.49
N ASP B 722 46.77 -22.68 -9.04
CA ASP B 722 45.82 -23.56 -8.39
C ASP B 722 46.41 -24.96 -8.38
N LYS B 723 46.85 -25.41 -9.54
CA LYS B 723 47.46 -26.74 -9.66
C LYS B 723 48.59 -26.82 -8.65
N LYS B 724 49.59 -25.96 -8.84
CA LYS B 724 50.75 -25.93 -7.96
C LYS B 724 50.31 -25.79 -6.50
N GLY B 725 49.16 -25.17 -6.28
CA GLY B 725 48.67 -24.98 -4.93
C GLY B 725 48.95 -23.57 -4.47
N TYR B 726 48.12 -23.03 -3.60
CA TYR B 726 48.31 -21.67 -3.13
C TYR B 726 48.78 -21.54 -1.69
N GLU B 727 50.01 -21.07 -1.52
CA GLU B 727 50.60 -20.88 -0.21
C GLU B 727 50.74 -19.37 0.04
N ALA B 728 49.73 -18.79 0.69
CA ALA B 728 49.71 -17.36 0.98
C ALA B 728 50.96 -16.82 1.67
N LYS B 729 51.31 -17.42 2.81
CA LYS B 729 52.49 -17.01 3.58
C LYS B 729 53.73 -16.73 2.75
N GLU B 730 53.89 -17.44 1.64
CA GLU B 730 55.04 -17.26 0.76
C GLU B 730 55.22 -15.79 0.40
N TYR B 731 54.16 -15.19 -0.15
CA TYR B 731 54.18 -13.79 -0.55
C TYR B 731 54.35 -12.91 0.67
N TYR B 732 53.73 -13.33 1.77
CA TYR B 732 53.80 -12.58 3.02
C TYR B 732 55.24 -12.47 3.49
N GLU B 733 55.95 -13.59 3.42
CA GLU B 733 57.33 -13.61 3.85
C GLU B 733 58.25 -13.09 2.74
N ALA B 734 57.83 -13.28 1.49
CA ALA B 734 58.63 -12.85 0.34
C ALA B 734 58.57 -11.35 0.05
N LEU B 735 57.56 -10.64 0.55
CA LEU B 735 57.45 -9.21 0.29
C LEU B 735 57.32 -8.32 1.53
N PRO B 736 58.41 -7.63 1.89
CA PRO B 736 58.48 -6.73 3.04
C PRO B 736 57.30 -5.75 3.17
N GLU B 737 56.98 -5.07 2.07
CA GLU B 737 55.88 -4.10 2.08
C GLU B 737 54.60 -4.77 2.57
N LEU B 738 54.32 -5.96 2.02
CA LEU B 738 53.13 -6.73 2.36
C LEU B 738 53.12 -7.15 3.83
N LYS B 739 54.18 -7.84 4.23
CA LYS B 739 54.33 -8.33 5.60
C LYS B 739 54.04 -7.25 6.64
N LEU B 740 54.55 -6.06 6.41
CA LEU B 740 54.33 -4.95 7.31
C LEU B 740 52.84 -4.63 7.37
N VAL B 741 52.22 -4.53 6.20
CA VAL B 741 50.80 -4.25 6.09
C VAL B 741 50.03 -5.28 6.91
N ILE B 742 50.26 -6.55 6.61
CA ILE B 742 49.61 -7.64 7.32
C ILE B 742 49.78 -7.56 8.83
N ASP B 743 51.02 -7.57 9.30
CA ASP B 743 51.29 -7.48 10.74
C ASP B 743 50.61 -6.26 11.35
N GLN B 744 50.55 -5.17 10.59
CA GLN B 744 49.91 -3.96 11.08
C GLN B 744 48.45 -4.28 11.34
N ILE B 745 47.82 -4.93 10.36
CA ILE B 745 46.42 -5.32 10.45
C ILE B 745 46.23 -6.29 11.61
N ASP B 746 47.04 -7.34 11.61
CA ASP B 746 46.98 -8.40 12.62
C ASP B 746 47.26 -7.99 14.07
N ASN B 747 48.17 -7.05 14.28
CA ASN B 747 48.55 -6.60 15.62
C ASN B 747 47.67 -5.55 16.29
N GLY B 748 46.67 -5.05 15.57
CA GLY B 748 45.78 -4.06 16.14
C GLY B 748 46.16 -2.61 15.87
N PHE B 749 47.06 -2.40 14.92
CA PHE B 749 47.50 -1.06 14.56
C PHE B 749 46.33 -0.21 14.11
N PHE B 750 45.36 -0.84 13.46
CA PHE B 750 44.17 -0.14 12.95
C PHE B 750 42.95 -0.34 13.84
N SER B 751 43.14 -1.00 14.97
CA SER B 751 42.05 -1.23 15.93
C SER B 751 42.67 -1.43 17.31
N PRO B 752 43.28 -0.37 17.87
CA PRO B 752 43.89 -0.45 19.20
C PRO B 752 43.01 -1.15 20.23
N LYS B 753 41.80 -0.65 20.43
CA LYS B 753 40.89 -1.24 21.41
C LYS B 753 40.42 -2.66 21.07
N GLN B 754 40.87 -3.19 19.94
CA GLN B 754 40.48 -4.55 19.52
C GLN B 754 41.52 -5.14 18.58
N PRO B 755 42.72 -5.43 19.09
CA PRO B 755 43.83 -6.00 18.33
C PRO B 755 43.55 -7.19 17.41
N ASP B 756 42.62 -8.06 17.81
CA ASP B 756 42.30 -9.23 16.99
C ASP B 756 41.05 -9.06 16.14
N LEU B 757 40.52 -7.86 16.11
CA LEU B 757 39.33 -7.54 15.34
C LEU B 757 39.33 -8.14 13.95
N PHE B 758 40.46 -8.04 13.26
CA PHE B 758 40.58 -8.54 11.90
C PHE B 758 41.22 -9.91 11.80
N LYS B 759 40.99 -10.72 12.83
CA LYS B 759 41.52 -12.07 12.87
C LYS B 759 40.97 -12.88 11.70
N ASP B 760 39.65 -12.87 11.56
CA ASP B 760 38.98 -13.59 10.49
C ASP B 760 39.54 -13.22 9.13
N ILE B 761 39.85 -11.95 8.93
CA ILE B 761 40.39 -11.50 7.65
C ILE B 761 41.78 -12.10 7.47
N ILE B 762 42.62 -11.91 8.46
CA ILE B 762 43.99 -12.44 8.43
C ILE B 762 43.97 -13.94 8.18
N ASN B 763 43.07 -14.63 8.87
CA ASN B 763 42.98 -16.07 8.71
C ASN B 763 42.59 -16.46 7.31
N MET B 764 41.64 -15.73 6.74
CA MET B 764 41.19 -16.02 5.39
C MET B 764 42.33 -15.74 4.42
N LEU B 765 42.96 -14.59 4.60
CA LEU B 765 44.06 -14.17 3.74
C LEU B 765 45.18 -15.21 3.66
N PHE B 766 45.39 -15.95 4.75
CA PHE B 766 46.45 -16.94 4.80
C PHE B 766 46.06 -18.37 4.48
N TYR B 767 44.90 -18.81 4.95
CA TYR B 767 44.48 -20.19 4.73
C TYR B 767 43.26 -20.49 3.87
N HIS B 768 42.46 -19.48 3.56
CA HIS B 768 41.26 -19.72 2.75
C HIS B 768 40.91 -18.61 1.76
N ASP B 769 41.91 -18.10 1.04
CA ASP B 769 41.68 -17.04 0.07
C ASP B 769 41.60 -17.61 -1.33
N ARG B 770 40.38 -17.88 -1.80
CA ARG B 770 40.21 -18.43 -3.15
C ARG B 770 40.50 -17.40 -4.23
N PHE B 771 40.59 -16.14 -3.83
CA PHE B 771 40.82 -15.07 -4.78
C PHE B 771 42.25 -14.52 -4.81
N LYS B 772 43.15 -15.31 -4.24
CA LYS B 772 44.59 -15.02 -4.20
C LYS B 772 44.99 -13.55 -4.15
N VAL B 773 44.67 -12.89 -3.05
CA VAL B 773 45.00 -11.47 -2.89
C VAL B 773 46.51 -11.18 -2.87
N PHE B 774 47.26 -12.01 -2.16
CA PHE B 774 48.70 -11.82 -2.05
C PHE B 774 49.41 -12.15 -3.35
N ALA B 775 48.87 -13.10 -4.10
CA ALA B 775 49.46 -13.51 -5.36
C ALA B 775 49.46 -12.40 -6.42
N ASP B 776 48.68 -11.35 -6.18
CA ASP B 776 48.59 -10.23 -7.13
C ASP B 776 49.04 -8.91 -6.50
N TYR B 777 49.41 -8.96 -5.23
CA TYR B 777 49.84 -7.77 -4.51
C TYR B 777 51.05 -7.05 -5.13
N GLU B 778 52.10 -7.80 -5.44
CA GLU B 778 53.28 -7.17 -6.01
C GLU B 778 52.98 -6.49 -7.33
N ALA B 779 52.47 -7.24 -8.30
CA ALA B 779 52.15 -6.69 -9.61
C ALA B 779 51.22 -5.48 -9.49
N TYR B 780 50.29 -5.58 -8.54
CA TYR B 780 49.33 -4.52 -8.30
C TYR B 780 50.01 -3.24 -7.86
N VAL B 781 50.74 -3.30 -6.75
CA VAL B 781 51.43 -2.12 -6.24
C VAL B 781 52.39 -1.53 -7.28
N LYS B 782 53.05 -2.39 -8.04
CA LYS B 782 53.97 -1.94 -9.06
C LYS B 782 53.16 -1.15 -10.09
N CYS B 783 52.02 -1.72 -10.48
CA CYS B 783 51.13 -1.10 -11.44
C CYS B 783 50.68 0.26 -10.93
N GLN B 784 50.27 0.31 -9.67
CA GLN B 784 49.82 1.54 -9.04
C GLN B 784 50.85 2.67 -9.15
N ASP B 785 52.12 2.32 -8.99
CA ASP B 785 53.21 3.30 -9.06
C ASP B 785 53.25 3.92 -10.47
N LYS B 786 53.12 3.06 -11.48
CA LYS B 786 53.12 3.51 -12.87
C LYS B 786 52.00 4.52 -13.11
N VAL B 787 50.86 4.31 -12.46
CA VAL B 787 49.73 5.20 -12.59
C VAL B 787 50.12 6.59 -12.12
N SER B 788 50.58 6.67 -10.87
CA SER B 788 50.99 7.95 -10.30
C SER B 788 51.99 8.65 -11.19
N GLN B 789 52.88 7.87 -11.82
CA GLN B 789 53.88 8.41 -12.71
C GLN B 789 53.22 9.15 -13.87
N LEU B 790 52.34 8.45 -14.59
CA LEU B 790 51.65 9.06 -15.72
C LEU B 790 50.84 10.26 -15.27
N TYR B 791 50.33 10.22 -14.04
CA TYR B 791 49.53 11.31 -13.51
C TYR B 791 50.36 12.56 -13.34
N MET B 792 51.69 12.38 -13.32
CA MET B 792 52.62 13.49 -13.17
C MET B 792 52.75 14.24 -14.49
N ASN B 793 52.33 13.59 -15.58
CA ASN B 793 52.39 14.22 -16.90
C ASN B 793 50.97 14.45 -17.40
N PRO B 794 50.35 15.56 -16.96
CA PRO B 794 48.98 15.90 -17.38
C PRO B 794 48.73 15.64 -18.86
N LYS B 795 49.56 16.22 -19.70
CA LYS B 795 49.41 16.06 -21.14
C LYS B 795 49.38 14.59 -21.57
N ALA B 796 50.21 13.76 -20.95
CA ALA B 796 50.25 12.35 -21.32
C ALA B 796 49.10 11.56 -20.72
N TRP B 797 48.59 12.04 -19.60
CA TRP B 797 47.48 11.37 -18.92
C TRP B 797 46.18 11.57 -19.68
N ASN B 798 45.89 12.80 -20.06
CA ASN B 798 44.68 13.13 -20.80
C ASN B 798 44.74 12.62 -22.22
N THR B 799 45.94 12.29 -22.66
CA THR B 799 46.10 11.76 -24.00
C THR B 799 45.57 10.33 -23.96
N MET B 800 45.92 9.61 -22.90
CA MET B 800 45.46 8.22 -22.75
C MET B 800 43.96 8.20 -22.48
N VAL B 801 43.51 9.14 -21.67
CA VAL B 801 42.09 9.26 -21.33
C VAL B 801 41.30 9.42 -22.63
N LEU B 802 41.77 10.33 -23.49
CA LEU B 802 41.12 10.58 -24.78
C LEU B 802 41.08 9.29 -25.61
N LYS B 803 42.19 8.56 -25.59
CA LYS B 803 42.30 7.31 -26.34
C LYS B 803 41.27 6.32 -25.80
N ASN B 804 40.92 6.47 -24.53
CA ASN B 804 39.94 5.60 -23.89
C ASN B 804 38.52 6.00 -24.27
N ILE B 805 38.17 7.27 -24.02
CA ILE B 805 36.83 7.75 -24.36
C ILE B 805 36.56 7.52 -25.84
N ALA B 806 37.56 7.77 -26.66
CA ALA B 806 37.45 7.61 -28.10
C ALA B 806 37.24 6.17 -28.55
N ALA B 807 37.55 5.21 -27.69
CA ALA B 807 37.41 3.80 -28.05
C ALA B 807 36.41 3.06 -27.15
N SER B 808 35.49 3.80 -26.55
CA SER B 808 34.52 3.17 -25.67
C SER B 808 33.18 2.89 -26.36
N GLY B 809 33.05 3.32 -27.62
CA GLY B 809 31.82 3.12 -28.36
C GLY B 809 31.23 1.72 -28.31
N LYS B 810 32.08 0.72 -28.46
CA LYS B 810 31.64 -0.66 -28.46
C LYS B 810 30.79 -1.03 -27.25
N PHE B 811 31.09 -0.40 -26.12
CA PHE B 811 30.39 -0.71 -24.89
C PHE B 811 29.04 -0.05 -24.63
N SER B 812 28.41 0.42 -25.69
CA SER B 812 27.10 1.02 -25.55
C SER B 812 26.10 -0.14 -25.54
N SER B 813 25.11 -0.09 -24.65
CA SER B 813 24.12 -1.15 -24.57
C SER B 813 23.27 -1.17 -25.83
N ASP B 814 23.49 -0.17 -26.69
CA ASP B 814 22.76 -0.07 -27.96
C ASP B 814 23.35 -1.12 -28.89
N ARG B 815 24.65 -1.36 -28.75
CA ARG B 815 25.33 -2.33 -29.60
C ARG B 815 24.96 -3.72 -29.11
N THR B 816 24.96 -3.89 -27.79
CA THR B 816 24.63 -5.16 -27.18
C THR B 816 23.22 -5.59 -27.57
N ILE B 817 22.25 -4.69 -27.41
CA ILE B 817 20.87 -5.01 -27.75
C ILE B 817 20.69 -5.32 -29.24
N LYS B 818 21.46 -4.66 -30.10
CA LYS B 818 21.37 -4.92 -31.54
C LYS B 818 21.75 -6.37 -31.86
N GLU B 819 22.79 -6.85 -31.18
CA GLU B 819 23.28 -8.21 -31.39
C GLU B 819 22.29 -9.25 -30.85
N TYR B 820 21.59 -8.90 -29.79
CA TYR B 820 20.61 -9.80 -29.20
C TYR B 820 19.46 -9.90 -30.19
N ALA B 821 18.96 -8.74 -30.60
CA ALA B 821 17.84 -8.67 -31.52
C ALA B 821 18.15 -9.43 -32.79
N GLN B 822 19.38 -9.26 -33.25
CA GLN B 822 19.83 -9.90 -34.49
C GLN B 822 20.10 -11.40 -34.42
N ASN B 823 20.80 -11.85 -33.38
CA ASN B 823 21.15 -13.25 -33.29
C ASN B 823 20.41 -14.11 -32.28
N ILE B 824 19.55 -13.51 -31.46
CA ILE B 824 18.83 -14.34 -30.49
C ILE B 824 17.32 -14.14 -30.60
N TRP B 825 16.87 -12.90 -30.52
CA TRP B 825 15.44 -12.60 -30.60
C TRP B 825 14.84 -12.58 -32.00
N ASN B 826 15.67 -12.30 -33.00
CA ASN B 826 15.19 -12.22 -34.38
C ASN B 826 14.14 -11.13 -34.56
N VAL B 827 14.43 -9.92 -34.08
CA VAL B 827 13.50 -8.81 -34.21
C VAL B 827 14.19 -7.66 -34.93
N GLU B 828 13.40 -6.82 -35.60
CA GLU B 828 13.93 -5.68 -36.33
C GLU B 828 13.64 -4.35 -35.65
N PRO B 829 14.64 -3.44 -35.64
CA PRO B 829 14.49 -2.11 -35.02
C PRO B 829 13.55 -1.20 -35.83
N SER B 830 12.81 -0.35 -35.12
CA SER B 830 11.87 0.56 -35.76
C SER B 830 12.28 2.01 -35.53
N ASP B 831 12.45 2.75 -36.62
CA ASP B 831 12.84 4.16 -36.55
C ASP B 831 11.91 5.04 -37.36
#